data_5YQ7
#
_entry.id   5YQ7
#
_cell.length_a   1
_cell.length_b   1
_cell.length_c   1
_cell.angle_alpha   90.00
_cell.angle_beta   90.00
_cell.angle_gamma   90.00
#
_symmetry.space_group_name_H-M   'P 1'
#
loop_
_entity.id
_entity.type
_entity.pdbx_description
1 polymer 'Beta subunit of light-harvesting 1'
2 polymer 'Precursor for L subunits of photosynthetic reaction center'
3 polymer 'Cytochrome subunit of photosynthetic reaction center'
4 polymer 'Alpha subunit of light-harvesting 1'
5 polymer 'Peptide from Precursor for L and M subunits of photosynthetic reaction center'
6 polymer 'Subunit X'
7 polymer 'Precursor for M subunits of photosynthetic reaction center'
8 non-polymer 'BACTERIOCHLOROPHYLL A'
9 non-polymer 'BACTERIOPHEOPHYTIN A'
10 non-polymer '2-methyl-3-[(2E,6E,10E,14E,18E,22E,26E,30E,34E,38E)-3,7,11,15,19,23,27,31,35,39,43-undecamethyltetratetraconta-2,6,10,1 4,18,22,26,30,34,38,42-undecaen-1-yl]naphthalene-1,4-dione'
11 non-polymer 'PROTOPORPHYRIN IX CONTAINING FE'
12 non-polymer beta,psi-caroten-4-one
13 non-polymer 'FE (III) ION'
#
loop_
_entity_poly.entity_id
_entity_poly.type
_entity_poly.pdbx_seq_one_letter_code
_entity_poly.pdbx_strand_id
1 'polypeptide(L)' MTDKPQNDLVPDQWKPLFNNAQWLVHDIVVKTIYGGLIIAVIAHVLCWAWTPWIR E,B,0,8,6,4,2,K,I,G,W,U,S,Q,O
2 'polypeptide(L)'
;MSAVPRALPLPSGETLPAEAISSTGSQAASAEVIPFSIIEEFYKRPGKTLAARFFGVDPFDFWIGRFYVGLFGAISIIGI
ILGVAFYLYEGVVNEGTLNILAMRIEPPPVSQGLNVDPAQPGFFWFLTMVAATIAFVGWLLRQIDISLKLDMGMEVPIAF
GAVVSSWITLQWLRPIAMGAWGHGFPLGITHHLDWVSNIGYQYYNFFYNPFHAIGITLLFASTLFLHMHGSAVLSEAKRN
ISDQNIHVFWRNILGYSIGEIGIHRVAFWTGAASVLFSNLCIFLSGTFVKDWNAFWGFWDKMPIWNGVGQ
;
L
3 'polypeptide(L)'
;MIQQPPTLFPEITNTVRGRFYIVAGIISVVMAVASIAIFWWIFYTITPAPAPPLQNPIYVNYTQEPTDYISAESLAAMNA
YIQANPQPQAVQVLKGMTTAQISAYMVAQVSGGLKVDCSYCHNIANFAQQDGYPNAAKKVTARKMMLMSADLNQNYTAKL
PASVGGYQITCATCHNGKAAGLEPYPIEIMNTLPNDWRLPLELDYPGGLVVTGRKDVSNHEVEQNQFAMYHMNVSMGQGC
TFCHNARYFPSYEIAQKNHSIIMLQMTKHIQETYVAPGGRIADGIMAGKSPSCWLCHQGANIPPGAAKPGQVPAVLSSTP
;
C
4 'polypeptide(L)' MKDRPFEFRTSVVVSTLLGLVMALLIHFVVLSSGAFNWLRAP T,V,R,P,N,J,H,F,D,A,9,7,5,3,1
5 'polypeptide(L)'
;(UNK)(UNK)(UNK)(UNK)(UNK)(UNK)(UNK)(UNK)(UNK)(UNK)(UNK)(UNK)(UNK)(UNK)(UNK)(UNK)
(UNK)(UNK)(UNK)(UNK)(UNK)(UNK)(UNK)(UNK)(UNK)
;
Y
6 'polypeptide(L)'
;(UNK)(UNK)(UNK)(UNK)(UNK)(UNK)(UNK)(UNK)(UNK)(UNK)(UNK)(UNK)(UNK)(UNK)(UNK)(UNK)
(UNK)(UNK)(UNK)(UNK)(UNK)(UNK)(UNK)
;
X
7 'polypeptide(L)'
;IDLHDEEYRDGLEGTIAKPPGHVGWMQRLLGEGQVGPIYVGLWGVISFITFFASAFIILVDYGRQVGWNPIIYLREFWNL
AVYPPPTEYGLSWNVPWDKGGAWLAATFFLHISVLTWWARLYTRAKATGVGTQLAWGFASALSLYFVIYLFHPLALGNWS
AAPGHGFRAILDWTNYVSIHWGNFYYNPFHMLSIFFLLGSTLLLAMHGATIVATSKWKSEMEFTEMMAEGPGTQRAQLFW
RWVMGWNANSYNIHIWAWWFAAFTAITGAIGLFLSGTLVPDWYAWGETAKIVAPWPNPDWAQYVFR
;
M
#
# COMPACT_ATOMS: atom_id res chain seq x y z
N PRO A 11 22.25 48.50 -14.83
CA PRO A 11 22.47 49.35 -13.67
C PRO A 11 23.74 48.99 -12.90
N ASP A 12 24.89 49.02 -13.58
CA ASP A 12 26.18 48.75 -12.97
C ASP A 12 27.00 50.01 -12.77
N GLN A 13 27.13 50.82 -13.81
CA GLN A 13 27.77 52.14 -13.70
C GLN A 13 26.79 53.11 -13.05
N TRP A 14 26.63 52.94 -11.73
CA TRP A 14 25.63 53.71 -11.00
C TRP A 14 25.91 55.19 -11.05
N LYS A 15 27.18 55.59 -11.17
CA LYS A 15 27.51 57.01 -11.31
C LYS A 15 26.77 57.57 -12.52
N PRO A 16 26.64 56.79 -13.59
CA PRO A 16 25.82 57.21 -14.73
C PRO A 16 24.39 56.70 -14.60
N LEU A 17 23.51 57.27 -15.42
CA LEU A 17 22.10 56.89 -15.40
C LEU A 17 21.48 56.76 -16.79
N PHE A 18 22.29 56.72 -17.84
CA PHE A 18 21.78 56.62 -19.21
C PHE A 18 22.15 55.27 -19.82
N ASN A 19 21.27 54.79 -20.70
CA ASN A 19 21.44 53.53 -21.43
C ASN A 19 21.58 52.35 -20.45
N ASN A 20 20.49 52.12 -19.71
CA ASN A 20 20.42 50.98 -18.81
C ASN A 20 19.14 50.17 -19.05
N ALA A 21 18.11 50.82 -19.58
CA ALA A 21 16.87 50.18 -20.00
C ALA A 21 16.18 49.43 -18.87
N GLN A 22 16.52 49.73 -17.62
CA GLN A 22 15.83 49.17 -16.47
C GLN A 22 15.53 50.20 -15.40
N TRP A 23 16.15 51.38 -15.46
CA TRP A 23 15.89 52.47 -14.54
C TRP A 23 14.40 52.71 -14.36
N LEU A 24 13.64 52.59 -15.46
CA LEU A 24 12.21 52.88 -15.44
C LEU A 24 11.48 52.03 -14.41
N VAL A 25 11.80 50.74 -14.36
CA VAL A 25 11.13 49.83 -13.43
C VAL A 25 11.37 50.29 -12.00
N HIS A 26 12.62 50.63 -11.69
CA HIS A 26 12.95 51.10 -10.35
C HIS A 26 12.14 52.33 -9.99
N ASP A 27 12.08 53.31 -10.91
CA ASP A 27 11.31 54.53 -10.64
C ASP A 27 9.84 54.20 -10.38
N ILE A 28 9.23 53.41 -11.26
CA ILE A 28 7.82 53.05 -11.11
C ILE A 28 7.58 52.44 -9.74
N VAL A 29 8.39 51.45 -9.37
CA VAL A 29 8.12 50.70 -8.15
C VAL A 29 8.29 51.59 -6.93
N VAL A 30 9.32 52.45 -6.94
CA VAL A 30 9.51 53.28 -5.75
C VAL A 30 8.36 54.27 -5.60
N LYS A 31 7.84 54.79 -6.70
CA LYS A 31 6.65 55.63 -6.61
C LYS A 31 5.49 54.86 -5.99
N THR A 32 5.24 53.65 -6.49
CA THR A 32 4.16 52.83 -5.95
C THR A 32 4.33 52.63 -4.45
N ILE A 33 5.55 52.36 -4.01
CA ILE A 33 5.77 52.05 -2.60
C ILE A 33 5.53 53.28 -1.75
N TYR A 34 5.96 54.45 -2.21
CA TYR A 34 5.64 55.68 -1.49
C TYR A 34 4.13 55.82 -1.29
N GLY A 35 3.37 55.66 -2.38
CA GLY A 35 1.93 55.79 -2.28
C GLY A 35 1.33 54.80 -1.28
N GLY A 36 1.70 53.53 -1.42
CA GLY A 36 1.18 52.53 -0.50
C GLY A 36 1.52 52.81 0.94
N LEU A 37 2.73 53.31 1.19
CA LEU A 37 3.11 53.68 2.55
C LEU A 37 2.17 54.72 3.12
N ILE A 38 1.93 55.81 2.38
CA ILE A 38 1.06 56.84 2.92
C ILE A 38 -0.34 56.28 3.20
N ILE A 39 -0.85 55.48 2.26
CA ILE A 39 -2.19 54.93 2.42
C ILE A 39 -2.27 54.07 3.69
N ALA A 40 -1.28 53.19 3.88
CA ALA A 40 -1.30 52.32 5.04
C ALA A 40 -1.13 53.09 6.34
N VAL A 41 -0.37 54.19 6.32
CA VAL A 41 -0.27 55.03 7.51
C VAL A 41 -1.64 55.56 7.90
N ILE A 42 -2.35 56.12 6.93
CA ILE A 42 -3.69 56.62 7.25
C ILE A 42 -4.60 55.48 7.69
N ALA A 43 -4.40 54.29 7.13
CA ALA A 43 -5.22 53.15 7.53
C ALA A 43 -5.03 52.82 9.00
N HIS A 44 -3.78 52.70 9.44
CA HIS A 44 -3.52 52.44 10.84
C HIS A 44 -4.04 53.57 11.72
N VAL A 45 -3.93 54.82 11.25
CA VAL A 45 -4.43 55.94 12.04
C VAL A 45 -5.92 55.77 12.31
N LEU A 46 -6.70 55.47 11.27
CA LEU A 46 -8.11 55.18 11.47
C LEU A 46 -8.31 54.03 12.44
N CYS A 47 -7.73 52.87 12.13
CA CYS A 47 -8.00 51.67 12.91
C CYS A 47 -7.59 51.82 14.37
N TRP A 48 -6.73 52.79 14.68
CA TRP A 48 -6.45 53.10 16.09
C TRP A 48 -7.69 53.59 16.81
N ALA A 49 -8.31 54.67 16.31
CA ALA A 49 -9.42 55.29 17.00
C ALA A 49 -10.68 54.43 16.98
N TRP A 50 -10.73 53.42 16.11
CA TRP A 50 -11.89 52.54 16.09
C TRP A 50 -11.95 51.70 17.36
N THR A 51 -10.80 51.28 17.87
CA THR A 51 -10.64 50.60 19.15
C THR A 51 -9.17 50.66 19.54
N PRO A 52 -8.86 51.09 20.76
CA PRO A 52 -7.44 51.30 21.11
C PRO A 52 -6.57 50.06 20.96
N TRP A 53 -7.16 48.87 21.02
CA TRP A 53 -6.48 47.58 20.90
C TRP A 53 -5.28 47.45 21.82
N ILE A 54 -5.15 48.35 22.79
CA ILE A 54 -4.07 48.32 23.78
C ILE A 54 -2.69 48.25 23.11
N PRO B 11 35.63 42.22 -2.53
CA PRO B 11 36.61 43.24 -2.15
C PRO B 11 37.93 42.64 -1.69
N ASP B 12 38.89 42.55 -2.61
CA ASP B 12 40.21 42.02 -2.31
C ASP B 12 41.25 43.11 -2.11
N GLN B 13 41.25 44.13 -2.95
CA GLN B 13 42.09 45.30 -2.74
C GLN B 13 41.45 46.14 -1.64
N TRP B 14 41.64 45.67 -0.39
CA TRP B 14 41.02 46.34 0.75
C TRP B 14 41.48 47.78 0.86
N LYS B 15 42.80 48.01 0.82
CA LYS B 15 43.38 49.32 1.05
C LYS B 15 42.79 50.37 0.13
N PRO B 16 42.36 50.00 -1.06
CA PRO B 16 41.79 50.97 -1.99
C PRO B 16 40.27 51.07 -1.87
N LEU B 17 39.72 52.06 -2.57
CA LEU B 17 38.27 52.24 -2.65
C LEU B 17 37.79 52.60 -4.04
N PHE B 18 38.62 52.41 -5.07
CA PHE B 18 38.27 52.73 -6.45
C PHE B 18 38.42 51.50 -7.32
N ASN B 19 37.49 51.35 -8.26
CA ASN B 19 37.44 50.21 -9.18
C ASN B 19 37.26 48.89 -8.42
N ASN B 20 36.14 48.81 -7.72
CA ASN B 20 35.72 47.57 -7.05
C ASN B 20 34.31 47.13 -7.41
N ALA B 21 33.46 48.03 -7.91
CA ALA B 21 32.15 47.73 -8.46
C ALA B 21 31.18 47.13 -7.44
N GLN B 22 31.50 47.21 -6.16
CA GLN B 22 30.58 46.74 -5.13
C GLN B 22 30.59 47.59 -3.88
N TRP B 23 31.27 48.74 -3.90
CA TRP B 23 31.47 49.49 -2.66
C TRP B 23 30.17 50.17 -2.24
N LEU B 24 29.23 50.33 -3.16
CA LEU B 24 27.95 50.92 -2.82
C LEU B 24 27.22 50.10 -1.76
N VAL B 25 26.99 48.82 -2.06
CA VAL B 25 26.01 48.04 -1.32
C VAL B 25 26.37 47.96 0.16
N HIS B 26 27.64 47.66 0.46
CA HIS B 26 28.04 47.52 1.85
C HIS B 26 27.71 48.77 2.66
N ASP B 27 27.94 49.95 2.08
CA ASP B 27 27.65 51.19 2.78
C ASP B 27 26.14 51.32 3.03
N ILE B 28 25.34 51.04 2.01
CA ILE B 28 23.89 51.07 2.17
C ILE B 28 23.47 50.18 3.34
N VAL B 29 24.01 48.97 3.38
CA VAL B 29 23.58 47.99 4.37
C VAL B 29 23.95 48.46 5.77
N VAL B 30 25.19 48.89 5.95
CA VAL B 30 25.63 49.27 7.29
C VAL B 30 24.90 50.51 7.79
N LYS B 31 24.61 51.47 6.89
CA LYS B 31 23.83 52.63 7.32
C LYS B 31 22.42 52.22 7.72
N THR B 32 21.77 51.39 6.89
CA THR B 32 20.45 50.89 7.22
C THR B 32 20.45 50.21 8.58
N ILE B 33 21.50 49.45 8.87
CA ILE B 33 21.51 48.72 10.13
C ILE B 33 21.76 49.64 11.30
N TYR B 34 22.54 50.72 11.12
CA TYR B 34 22.60 51.73 12.17
C TYR B 34 21.21 52.25 12.49
N GLY B 35 20.47 52.65 11.46
CA GLY B 35 19.12 53.15 11.68
C GLY B 35 18.25 52.13 12.40
N GLY B 36 18.30 50.88 11.96
CA GLY B 36 17.48 49.85 12.58
C GLY B 36 17.85 49.58 14.02
N LEU B 37 19.15 49.60 14.33
CA LEU B 37 19.57 49.42 15.72
C LEU B 37 19.01 50.52 16.61
N ILE B 38 19.10 51.77 16.15
CA ILE B 38 18.53 52.87 16.94
C ILE B 38 17.04 52.63 17.16
N ILE B 39 16.34 52.25 16.09
CA ILE B 39 14.90 52.01 16.20
C ILE B 39 14.62 50.93 17.24
N ALA B 40 15.39 49.83 17.19
CA ALA B 40 15.13 48.71 18.10
C ALA B 40 15.40 49.08 19.54
N VAL B 41 16.46 49.87 19.78
CA VAL B 41 16.74 50.29 21.14
C VAL B 41 15.62 51.16 21.67
N ILE B 42 15.16 52.11 20.86
CA ILE B 42 14.02 52.93 21.26
C ILE B 42 12.82 52.06 21.55
N ALA B 43 12.62 51.01 20.76
CA ALA B 43 11.47 50.14 20.93
C ALA B 43 11.51 49.43 22.28
N HIS B 44 12.64 48.78 22.58
CA HIS B 44 12.76 48.13 23.87
C HIS B 44 12.60 49.11 25.03
N VAL B 45 13.19 50.31 24.91
CA VAL B 45 13.08 51.29 25.99
C VAL B 45 11.63 51.67 26.22
N LEU B 46 10.90 51.98 25.15
CA LEU B 46 9.48 52.27 25.28
C LEU B 46 8.75 51.12 25.94
N CYS B 47 8.87 49.91 25.36
CA CYS B 47 8.12 48.77 25.84
C CYS B 47 8.44 48.44 27.30
N TRP B 48 9.58 48.90 27.81
CA TRP B 48 9.86 48.67 29.23
C TRP B 48 8.78 49.27 30.12
N ALA B 49 8.29 50.46 29.78
CA ALA B 49 7.28 51.09 30.63
C ALA B 49 5.96 50.35 30.58
N TRP B 50 5.66 49.67 29.47
CA TRP B 50 4.44 48.88 29.36
C TRP B 50 4.35 47.85 30.47
N THR B 51 5.48 47.20 30.77
CA THR B 51 5.65 46.25 31.87
C THR B 51 7.12 45.92 32.02
N PRO B 52 7.62 45.69 33.24
CA PRO B 52 9.05 45.34 33.39
C PRO B 52 9.39 44.00 32.77
N TRP B 53 8.39 43.16 32.53
CA TRP B 53 8.48 41.87 31.83
C TRP B 53 9.44 40.90 32.52
N ILE B 54 10.05 41.32 33.62
CA ILE B 54 11.06 40.50 34.28
C ILE B 54 10.48 39.86 35.53
N PRO C 11 46.83 31.14 4.17
CA PRO C 11 47.59 31.18 5.41
C PRO C 11 48.40 29.90 5.63
N ASP C 12 49.27 29.57 4.67
CA ASP C 12 50.16 28.43 4.79
C ASP C 12 51.59 28.86 5.09
N GLN C 13 52.10 29.81 4.33
CA GLN C 13 53.41 30.37 4.65
C GLN C 13 53.24 31.29 5.85
N TRP C 14 53.26 30.70 7.04
CA TRP C 14 52.84 31.40 8.24
C TRP C 14 53.80 32.50 8.66
N LYS C 15 55.09 32.37 8.34
CA LYS C 15 56.08 33.30 8.88
C LYS C 15 55.81 34.75 8.50
N PRO C 16 55.38 35.06 7.28
CA PRO C 16 55.22 36.46 6.89
C PRO C 16 53.83 36.99 7.27
N LEU C 17 53.59 38.24 6.92
CA LEU C 17 52.31 38.89 7.17
C LEU C 17 51.89 39.72 5.96
N PHE C 18 52.61 39.60 4.86
CA PHE C 18 52.25 40.27 3.63
C PHE C 18 51.87 39.26 2.55
N ASN C 19 51.09 39.72 1.57
CA ASN C 19 50.57 38.91 0.49
C ASN C 19 49.81 37.69 0.99
N ASN C 20 48.93 37.85 1.98
CA ASN C 20 48.16 36.72 2.47
C ASN C 20 46.74 36.73 1.92
N ALA C 21 46.16 37.93 1.78
CA ALA C 21 44.85 38.20 1.18
C ALA C 21 43.70 37.71 2.04
N GLN C 22 43.96 36.99 3.14
CA GLN C 22 42.88 36.57 4.03
C GLN C 22 43.20 36.81 5.50
N TRP C 23 44.46 37.08 5.86
CA TRP C 23 44.89 37.43 7.20
C TRP C 23 43.94 38.44 7.84
N LEU C 24 43.48 39.38 7.03
CA LEU C 24 42.61 40.46 7.51
C LEU C 24 41.33 39.91 8.13
N VAL C 25 40.86 38.75 7.66
CA VAL C 25 39.64 38.17 8.20
C VAL C 25 39.87 37.70 9.64
N HIS C 26 40.95 36.95 9.87
CA HIS C 26 41.30 36.56 11.22
C HIS C 26 41.47 37.79 12.10
N ASP C 27 42.09 38.84 11.55
CA ASP C 27 42.24 40.10 12.27
C ASP C 27 40.90 40.61 12.77
N ILE C 28 39.91 40.70 11.90
CA ILE C 28 38.58 41.16 12.31
C ILE C 28 38.00 40.23 13.38
N VAL C 29 37.98 38.94 13.09
CA VAL C 29 37.15 38.03 13.86
C VAL C 29 37.68 37.91 15.28
N VAL C 30 39.00 38.01 15.47
CA VAL C 30 39.54 37.84 16.81
C VAL C 30 39.05 38.95 17.73
N LYS C 31 39.06 40.20 17.25
CA LYS C 31 38.55 41.30 18.05
C LYS C 31 37.06 41.13 18.31
N THR C 32 36.31 40.71 17.30
CA THR C 32 34.88 40.47 17.50
C THR C 32 34.64 39.51 18.65
N ILE C 33 35.33 38.36 18.62
CA ILE C 33 35.08 37.35 19.64
C ILE C 33 35.59 37.78 21.00
N TYR C 34 36.65 38.59 21.05
CA TYR C 34 37.08 39.12 22.34
C TYR C 34 35.99 39.99 22.97
N GLY C 35 35.44 40.91 22.18
CA GLY C 35 34.33 41.72 22.69
C GLY C 35 33.16 40.87 23.14
N GLY C 36 32.83 39.84 22.36
CA GLY C 36 31.72 38.97 22.73
C GLY C 36 31.98 38.24 24.04
N LEU C 37 33.20 37.75 24.24
CA LEU C 37 33.56 37.11 25.50
C LEU C 37 33.34 38.05 26.67
N ILE C 38 33.83 39.29 26.53
CA ILE C 38 33.65 40.26 27.61
C ILE C 38 32.17 40.44 27.93
N ILE C 39 31.36 40.63 26.89
CA ILE C 39 29.93 40.83 27.10
C ILE C 39 29.31 39.63 27.80
N ALA C 40 29.72 38.42 27.40
CA ALA C 40 29.15 37.23 28.00
C ALA C 40 29.50 37.12 29.48
N VAL C 41 30.74 37.47 29.84
CA VAL C 41 31.13 37.44 31.24
C VAL C 41 30.26 38.40 32.04
N ILE C 42 30.13 39.64 31.55
CA ILE C 42 29.29 40.61 32.25
C ILE C 42 27.87 40.09 32.38
N ALA C 43 27.38 39.39 31.35
CA ALA C 43 26.02 38.88 31.38
C ALA C 43 25.85 37.83 32.46
N HIS C 44 26.73 36.84 32.49
CA HIS C 44 26.64 35.83 33.54
C HIS C 44 26.70 36.45 34.92
N VAL C 45 27.53 37.48 35.10
CA VAL C 45 27.63 38.12 36.42
C VAL C 45 26.31 38.78 36.79
N LEU C 46 25.81 39.63 35.89
CA LEU C 46 24.56 40.32 36.17
C LEU C 46 23.42 39.34 36.41
N CYS C 47 23.48 38.16 35.78
CA CYS C 47 22.41 37.20 35.97
C CYS C 47 22.52 36.54 37.35
N TRP C 48 23.71 36.09 37.72
CA TRP C 48 23.91 35.53 39.05
C TRP C 48 23.70 36.56 40.15
N ALA C 49 23.60 37.84 39.79
CA ALA C 49 23.38 38.89 40.79
C ALA C 49 22.23 38.56 41.74
N TRP C 50 21.00 38.45 41.23
CA TRP C 50 19.89 38.29 42.16
C TRP C 50 19.59 36.83 42.48
N THR C 51 19.70 35.93 41.51
CA THR C 51 19.45 34.54 41.87
C THR C 51 20.73 33.73 41.75
N PRO C 52 20.98 32.81 42.69
CA PRO C 52 22.24 32.05 42.64
C PRO C 52 22.22 30.91 41.65
N TRP C 53 21.04 30.42 41.28
CA TRP C 53 20.78 29.44 40.23
C TRP C 53 21.45 28.10 40.47
N ILE C 54 22.23 27.96 41.54
CA ILE C 54 22.94 26.72 41.79
C ILE C 54 22.65 26.20 43.19
N SER D 2 -36.94 4.65 -7.40
CA SER D 2 -35.80 4.54 -8.30
C SER D 2 -34.54 5.13 -7.65
N ALA D 3 -33.64 5.65 -8.48
CA ALA D 3 -32.32 6.06 -8.01
C ALA D 3 -32.42 7.34 -7.16
N VAL D 4 -31.25 7.78 -6.69
CA VAL D 4 -31.12 8.97 -5.86
C VAL D 4 -30.80 10.16 -6.77
N PRO D 5 -31.36 11.35 -6.52
CA PRO D 5 -31.23 12.44 -7.49
C PRO D 5 -29.81 12.96 -7.70
N ARG D 6 -28.83 12.47 -6.94
CA ARG D 6 -27.47 12.95 -7.11
C ARG D 6 -26.46 11.82 -7.24
N ALA D 7 -26.91 10.57 -7.27
CA ALA D 7 -26.00 9.48 -7.55
C ALA D 7 -25.62 9.45 -9.02
N LEU D 8 -26.63 9.33 -9.90
CA LEU D 8 -26.54 9.12 -11.35
C LEU D 8 -25.37 9.84 -12.02
N PRO D 9 -25.12 11.12 -11.74
CA PRO D 9 -23.91 11.75 -12.29
C PRO D 9 -22.63 10.99 -11.99
N LEU D 10 -22.57 10.25 -10.88
CA LEU D 10 -21.34 9.54 -10.55
C LEU D 10 -21.20 8.23 -11.31
N PRO D 11 -22.25 7.42 -11.48
CA PRO D 11 -22.19 6.39 -12.52
C PRO D 11 -21.83 6.93 -13.88
N SER D 12 -22.27 8.14 -14.25
CA SER D 12 -21.81 8.70 -15.52
C SER D 12 -20.32 8.99 -15.49
N GLY D 13 -19.85 9.60 -14.40
CA GLY D 13 -18.44 9.88 -14.24
C GLY D 13 -17.56 8.65 -14.22
N GLU D 14 -18.12 7.50 -13.86
CA GLU D 14 -17.33 6.27 -13.92
C GLU D 14 -17.48 5.53 -15.25
N THR D 15 -18.60 5.71 -15.95
CA THR D 15 -18.68 5.22 -17.32
C THR D 15 -17.80 6.03 -18.25
N LEU D 16 -17.42 7.24 -17.84
CA LEU D 16 -16.54 8.05 -18.67
C LEU D 16 -15.17 7.39 -18.89
N PRO D 17 -14.46 6.91 -17.85
CA PRO D 17 -13.14 6.32 -18.12
C PRO D 17 -13.19 5.01 -18.90
N ALA D 18 -14.25 4.22 -18.77
CA ALA D 18 -14.36 3.02 -19.60
C ALA D 18 -14.35 3.40 -21.07
N GLU D 19 -15.25 4.30 -21.46
CA GLU D 19 -15.23 4.84 -22.81
C GLU D 19 -13.88 5.44 -23.15
N ALA D 20 -13.25 6.09 -22.18
CA ALA D 20 -11.98 6.76 -22.45
C ALA D 20 -10.91 5.75 -22.86
N ILE D 21 -10.76 4.67 -22.09
CA ILE D 21 -9.80 3.64 -22.45
C ILE D 21 -10.17 3.00 -23.77
N SER D 22 -11.44 2.65 -23.94
CA SER D 22 -11.85 1.99 -25.17
C SER D 22 -11.54 2.84 -26.41
N SER D 23 -11.61 4.16 -26.28
CA SER D 23 -11.30 5.02 -27.41
C SER D 23 -9.80 5.24 -27.57
N THR D 24 -9.12 5.56 -26.47
CA THR D 24 -7.73 5.94 -26.54
C THR D 24 -6.83 4.75 -26.89
N GLY D 25 -7.27 3.53 -26.63
CA GLY D 25 -6.53 2.38 -27.12
C GLY D 25 -6.45 2.36 -28.63
N SER D 26 -7.61 2.43 -29.29
CA SER D 26 -7.64 2.51 -30.75
C SER D 26 -6.87 3.72 -31.25
N GLN D 27 -6.94 4.84 -30.52
CA GLN D 27 -6.15 6.01 -30.90
C GLN D 27 -4.65 5.71 -30.86
N ALA D 28 -4.19 5.09 -29.77
CA ALA D 28 -2.78 4.73 -29.64
C ALA D 28 -2.37 3.71 -30.68
N ALA D 29 -3.31 2.95 -31.22
CA ALA D 29 -2.99 2.02 -32.29
C ALA D 29 -2.51 2.72 -33.55
N SER D 30 -2.46 4.06 -33.57
CA SER D 30 -1.91 4.78 -34.71
C SER D 30 -0.43 4.46 -34.90
N ALA D 31 0.25 4.03 -33.85
CA ALA D 31 1.67 3.70 -33.96
C ALA D 31 1.93 2.48 -34.82
N GLU D 32 0.90 1.87 -35.40
CA GLU D 32 1.14 0.75 -36.31
C GLU D 32 1.87 1.21 -37.56
N VAL D 33 1.47 2.34 -38.13
CA VAL D 33 2.15 2.88 -39.29
C VAL D 33 3.56 3.33 -38.90
N ILE D 34 4.49 3.19 -39.82
CA ILE D 34 5.90 3.47 -39.53
C ILE D 34 6.49 4.34 -40.64
N PRO D 35 7.57 5.09 -40.36
CA PRO D 35 8.16 5.92 -41.41
C PRO D 35 8.93 5.15 -42.47
N PHE D 36 9.73 4.17 -42.03
CA PHE D 36 10.66 3.52 -42.94
C PHE D 36 9.98 2.45 -43.78
N SER D 37 9.42 1.43 -43.14
CA SER D 37 8.77 0.33 -43.85
C SER D 37 7.46 0.04 -43.16
N ILE D 38 6.75 -0.98 -43.66
CA ILE D 38 5.44 -1.31 -43.10
C ILE D 38 5.56 -2.58 -42.26
N ILE D 39 4.73 -2.66 -41.22
CA ILE D 39 4.90 -3.67 -40.18
C ILE D 39 4.79 -5.08 -40.75
N GLU D 40 4.24 -5.22 -41.96
CA GLU D 40 4.22 -6.53 -42.61
C GLU D 40 5.64 -7.07 -42.73
N GLU D 41 6.58 -6.15 -42.96
CA GLU D 41 8.00 -6.53 -42.98
C GLU D 41 8.42 -7.12 -41.64
N PHE D 42 7.94 -6.52 -40.54
CA PHE D 42 8.24 -7.07 -39.22
C PHE D 42 7.62 -8.45 -39.04
N TYR D 43 6.36 -8.61 -39.44
CA TYR D 43 5.71 -9.91 -39.30
C TYR D 43 6.32 -10.97 -40.20
N LYS D 44 7.07 -10.57 -41.22
CA LYS D 44 7.68 -11.54 -42.12
C LYS D 44 8.76 -12.38 -41.44
N ARG D 45 9.82 -11.72 -40.95
CA ARG D 45 11.00 -12.49 -40.55
C ARG D 45 10.81 -13.18 -39.20
N PRO D 46 10.51 -12.50 -38.07
CA PRO D 46 10.28 -13.30 -36.85
C PRO D 46 8.93 -14.01 -36.87
N GLY D 47 8.80 -15.01 -37.74
CA GLY D 47 7.57 -15.77 -37.84
C GLY D 47 7.81 -17.25 -37.97
N LYS D 48 8.87 -17.75 -37.32
CA LYS D 48 9.31 -19.12 -37.50
C LYS D 48 8.31 -20.10 -36.88
N THR D 49 8.64 -21.38 -36.95
CA THR D 49 7.79 -22.46 -36.44
C THR D 49 8.64 -23.33 -35.52
N LEU D 50 8.72 -22.94 -34.25
CA LEU D 50 9.54 -23.60 -33.26
C LEU D 50 8.63 -24.20 -32.18
N ALA D 51 9.22 -25.00 -31.30
CA ALA D 51 8.46 -25.70 -30.27
C ALA D 51 8.84 -25.16 -28.89
N ALA D 52 7.85 -25.17 -28.00
CA ALA D 52 8.10 -24.96 -26.58
C ALA D 52 7.37 -25.93 -25.67
N ARG D 53 6.39 -26.69 -26.17
CA ARG D 53 5.83 -27.78 -25.39
C ARG D 53 6.87 -28.86 -25.13
N PHE D 54 7.78 -29.08 -26.09
CA PHE D 54 8.95 -29.93 -25.91
C PHE D 54 8.57 -31.37 -25.57
N PHE D 55 7.44 -31.86 -26.06
CA PHE D 55 7.20 -33.29 -26.07
C PHE D 55 6.49 -33.71 -27.36
N GLY D 56 6.62 -32.96 -28.42
CA GLY D 56 5.97 -33.27 -29.67
C GLY D 56 5.51 -31.99 -30.36
N VAL D 57 4.67 -32.17 -31.36
CA VAL D 57 4.14 -31.05 -32.14
C VAL D 57 2.64 -30.91 -31.95
N ASP D 58 2.14 -31.25 -30.77
CA ASP D 58 0.70 -31.18 -30.50
C ASP D 58 0.08 -29.79 -30.55
N PRO D 59 0.77 -28.69 -30.22
CA PRO D 59 0.10 -27.39 -30.23
C PRO D 59 -0.57 -27.07 -31.55
N PHE D 60 -1.87 -26.72 -31.47
CA PHE D 60 -2.62 -26.36 -32.65
C PHE D 60 -1.94 -25.25 -33.43
N ASP D 61 -1.54 -24.19 -32.73
CA ASP D 61 -0.83 -23.06 -33.33
C ASP D 61 -1.65 -22.47 -34.48
N PHE D 62 -2.92 -22.24 -34.20
CA PHE D 62 -3.86 -21.83 -35.23
C PHE D 62 -3.59 -20.41 -35.72
N TRP D 63 -2.96 -19.58 -34.89
CA TRP D 63 -2.72 -18.17 -35.22
C TRP D 63 -4.00 -17.41 -35.50
N ILE D 64 -4.96 -17.49 -34.58
CA ILE D 64 -6.26 -16.87 -34.83
C ILE D 64 -6.14 -15.36 -34.70
N GLY D 65 -6.69 -14.66 -35.68
CA GLY D 65 -6.73 -13.21 -35.62
C GLY D 65 -5.36 -12.58 -35.61
N ARG D 66 -5.01 -12.05 -34.44
CA ARG D 66 -3.75 -11.32 -34.30
C ARG D 66 -2.86 -11.94 -33.23
N PHE D 67 -3.35 -12.97 -32.55
CA PHE D 67 -2.56 -13.60 -31.51
C PHE D 67 -2.60 -15.13 -31.61
N TYR D 68 -1.62 -15.77 -30.98
CA TYR D 68 -1.42 -17.21 -31.06
C TYR D 68 -1.93 -17.90 -29.81
N VAL D 69 -2.38 -19.14 -29.98
CA VAL D 69 -2.89 -19.95 -28.87
C VAL D 69 -2.42 -21.39 -29.03
N GLY D 70 -1.36 -21.76 -28.32
CA GLY D 70 -0.85 -23.11 -28.45
C GLY D 70 -1.01 -24.00 -27.23
N LEU D 71 -1.96 -24.93 -27.30
CA LEU D 71 -2.09 -26.04 -26.37
C LEU D 71 -2.46 -25.58 -24.96
N PHE D 72 -2.47 -24.27 -24.74
CA PHE D 72 -2.81 -23.70 -23.45
C PHE D 72 -3.99 -22.74 -23.53
N GLY D 73 -3.98 -21.85 -24.52
CA GLY D 73 -5.09 -20.94 -24.71
C GLY D 73 -6.43 -21.63 -24.80
N ALA D 74 -6.47 -22.89 -25.23
CA ALA D 74 -7.71 -23.64 -25.20
C ALA D 74 -8.22 -23.78 -23.77
N ILE D 75 -7.34 -24.22 -22.86
CA ILE D 75 -7.71 -24.29 -21.45
C ILE D 75 -8.15 -22.92 -20.94
N SER D 76 -7.41 -21.87 -21.34
CA SER D 76 -7.75 -20.52 -20.90
C SER D 76 -9.17 -20.15 -21.32
N ILE D 77 -9.52 -20.39 -22.57
CA ILE D 77 -10.82 -19.98 -23.08
C ILE D 77 -11.92 -20.83 -22.46
N ILE D 78 -11.68 -22.13 -22.28
CA ILE D 78 -12.62 -22.97 -21.55
C ILE D 78 -12.93 -22.37 -20.19
N GLY D 79 -11.88 -22.16 -19.40
CA GLY D 79 -12.05 -21.61 -18.08
C GLY D 79 -12.79 -20.29 -18.09
N ILE D 80 -12.42 -19.40 -19.03
CA ILE D 80 -13.00 -18.07 -19.06
C ILE D 80 -14.49 -18.14 -19.33
N ILE D 81 -14.88 -18.83 -20.40
CA ILE D 81 -16.30 -18.90 -20.75
C ILE D 81 -17.09 -19.55 -19.63
N LEU D 82 -16.59 -20.69 -19.13
CA LEU D 82 -17.29 -21.39 -18.06
C LEU D 82 -17.47 -20.48 -16.84
N GLY D 83 -16.39 -19.83 -16.41
CA GLY D 83 -16.47 -18.99 -15.23
C GLY D 83 -17.42 -17.83 -15.39
N VAL D 84 -17.37 -17.15 -16.53
CA VAL D 84 -18.25 -16.01 -16.73
C VAL D 84 -19.71 -16.47 -16.70
N ALA D 85 -20.03 -17.49 -17.50
CA ALA D 85 -21.41 -17.96 -17.56
C ALA D 85 -21.91 -18.41 -16.19
N PHE D 86 -21.05 -19.09 -15.43
CA PHE D 86 -21.48 -19.67 -14.18
C PHE D 86 -21.62 -18.61 -13.09
N TYR D 87 -20.71 -17.64 -13.10
CA TYR D 87 -20.84 -16.46 -12.24
C TYR D 87 -22.16 -15.75 -12.50
N LEU D 88 -22.50 -15.54 -13.77
CA LEU D 88 -23.76 -14.87 -14.05
C LEU D 88 -24.94 -15.73 -13.62
N TYR D 89 -24.82 -17.04 -13.75
CA TYR D 89 -25.87 -17.93 -13.24
C TYR D 89 -26.11 -17.70 -11.77
N GLU D 90 -25.03 -17.55 -10.99
CA GLU D 90 -25.21 -17.12 -9.61
C GLU D 90 -25.86 -15.74 -9.54
N GLY D 91 -25.44 -14.83 -10.43
CA GLY D 91 -25.89 -13.46 -10.38
C GLY D 91 -27.37 -13.28 -10.61
N VAL D 92 -28.04 -14.29 -11.18
CA VAL D 92 -29.48 -14.23 -11.36
C VAL D 92 -30.19 -15.30 -10.53
N VAL D 93 -29.65 -16.51 -10.47
CA VAL D 93 -30.30 -17.58 -9.73
C VAL D 93 -29.88 -17.52 -8.28
N ASN D 94 -30.83 -17.79 -7.38
CA ASN D 94 -30.60 -17.93 -5.94
C ASN D 94 -30.33 -16.58 -5.28
N GLU D 95 -30.23 -15.52 -6.07
CA GLU D 95 -30.10 -14.17 -5.55
C GLU D 95 -30.99 -13.14 -6.25
N GLY D 96 -31.27 -13.32 -7.54
CA GLY D 96 -32.10 -12.36 -8.25
C GLY D 96 -31.49 -10.97 -8.26
N THR D 97 -32.35 -9.98 -8.04
CA THR D 97 -31.97 -8.58 -7.82
C THR D 97 -31.45 -7.91 -9.08
N LEU D 98 -31.13 -8.70 -10.09
CA LEU D 98 -30.81 -8.23 -11.45
C LEU D 98 -29.97 -6.95 -11.43
N ASN D 99 -28.98 -6.93 -10.54
CA ASN D 99 -28.06 -5.82 -10.44
C ASN D 99 -26.63 -6.30 -10.63
N ILE D 100 -25.91 -5.63 -11.52
CA ILE D 100 -24.49 -5.94 -11.71
C ILE D 100 -23.69 -5.38 -10.56
N LEU D 101 -24.35 -4.75 -9.59
CA LEU D 101 -23.66 -4.07 -8.50
C LEU D 101 -24.19 -4.46 -7.13
N ALA D 102 -24.99 -5.51 -7.02
CA ALA D 102 -25.58 -5.86 -5.73
C ALA D 102 -25.61 -7.36 -5.45
N MET D 103 -24.64 -8.14 -5.93
CA MET D 103 -24.67 -9.59 -5.80
C MET D 103 -23.61 -10.05 -4.82
N ARG D 104 -23.96 -10.08 -3.53
CA ARG D 104 -23.14 -10.71 -2.50
C ARG D 104 -23.39 -12.20 -2.58
N ILE D 105 -22.55 -12.92 -3.32
CA ILE D 105 -23.01 -14.18 -3.89
C ILE D 105 -22.99 -15.35 -2.92
N GLU D 106 -21.82 -15.88 -2.56
CA GLU D 106 -21.79 -17.12 -1.78
C GLU D 106 -20.45 -17.39 -1.14
N PRO D 107 -20.35 -17.35 0.18
CA PRO D 107 -19.44 -18.26 0.88
C PRO D 107 -20.20 -19.49 1.31
N PRO D 108 -19.60 -20.68 1.19
CA PRO D 108 -20.21 -21.86 1.81
C PRO D 108 -20.21 -21.71 3.32
N PRO D 109 -21.26 -22.15 4.00
CA PRO D 109 -21.40 -21.84 5.43
C PRO D 109 -20.23 -22.38 6.24
N VAL D 110 -19.77 -21.56 7.18
CA VAL D 110 -18.53 -21.86 7.90
C VAL D 110 -18.72 -23.04 8.83
N SER D 111 -19.97 -23.32 9.21
CA SER D 111 -20.23 -24.42 10.14
C SER D 111 -19.71 -25.74 9.58
N GLN D 112 -20.14 -26.11 8.39
CA GLN D 112 -19.70 -27.33 7.74
C GLN D 112 -18.30 -27.11 7.20
N GLY D 113 -17.37 -27.97 7.61
CA GLY D 113 -15.96 -27.79 7.32
C GLY D 113 -15.56 -27.99 5.87
N LEU D 114 -14.31 -28.40 5.65
CA LEU D 114 -13.80 -28.49 4.29
C LEU D 114 -14.43 -29.67 3.58
N ASN D 115 -15.70 -29.52 3.20
CA ASN D 115 -16.48 -30.59 2.60
C ASN D 115 -17.54 -29.96 1.72
N VAL D 116 -17.50 -30.26 0.43
CA VAL D 116 -18.44 -29.70 -0.52
C VAL D 116 -19.68 -30.57 -0.57
N ASP D 117 -20.80 -29.99 -1.00
CA ASP D 117 -22.08 -30.69 -1.12
C ASP D 117 -22.88 -30.01 -2.24
N PRO D 118 -23.50 -30.79 -3.13
CA PRO D 118 -24.41 -30.19 -4.13
C PRO D 118 -25.76 -29.81 -3.57
N ALA D 119 -26.04 -30.11 -2.31
CA ALA D 119 -27.31 -29.79 -1.68
C ALA D 119 -27.19 -28.70 -0.63
N GLN D 120 -25.97 -28.31 -0.27
CA GLN D 120 -25.73 -27.26 0.69
C GLN D 120 -26.37 -25.96 0.22
N PRO D 121 -26.51 -24.96 1.09
CA PRO D 121 -27.06 -23.67 0.66
C PRO D 121 -26.21 -22.92 -0.36
N GLY D 122 -25.11 -23.50 -0.82
CA GLY D 122 -24.42 -22.95 -1.96
C GLY D 122 -23.01 -23.49 -2.11
N PHE D 123 -22.63 -23.82 -3.34
CA PHE D 123 -21.26 -24.23 -3.63
C PHE D 123 -20.75 -23.72 -4.95
N PHE D 124 -21.59 -23.11 -5.80
CA PHE D 124 -21.15 -22.66 -7.11
C PHE D 124 -19.91 -21.79 -7.00
N TRP D 125 -19.80 -21.04 -5.91
CA TRP D 125 -18.58 -20.31 -5.58
C TRP D 125 -17.33 -21.15 -5.80
N PHE D 126 -17.33 -22.37 -5.24
CA PHE D 126 -16.19 -23.27 -5.36
C PHE D 126 -15.85 -23.58 -6.81
N LEU D 127 -16.88 -23.91 -7.60
CA LEU D 127 -16.64 -24.22 -9.01
C LEU D 127 -16.04 -23.01 -9.72
N THR D 128 -16.55 -21.81 -9.41
CA THR D 128 -16.00 -20.61 -10.03
C THR D 128 -14.55 -20.40 -9.61
N MET D 129 -14.22 -20.71 -8.36
CA MET D 129 -12.84 -20.62 -7.91
C MET D 129 -11.95 -21.53 -8.75
N VAL D 130 -12.37 -22.77 -8.94
CA VAL D 130 -11.58 -23.72 -9.72
C VAL D 130 -11.35 -23.19 -11.13
N ALA D 131 -12.42 -22.74 -11.77
CA ALA D 131 -12.30 -22.24 -13.13
C ALA D 131 -11.35 -21.05 -13.21
N ALA D 132 -11.49 -20.12 -12.26
CA ALA D 132 -10.62 -18.94 -12.27
C ALA D 132 -9.15 -19.34 -12.12
N THR D 133 -8.85 -20.18 -11.13
CA THR D 133 -7.45 -20.57 -10.91
C THR D 133 -6.87 -21.24 -12.14
N ILE D 134 -7.63 -22.14 -12.76
CA ILE D 134 -7.06 -22.82 -13.92
C ILE D 134 -6.85 -21.83 -15.06
N ALA D 135 -7.73 -20.84 -15.18
CA ALA D 135 -7.53 -19.81 -16.20
C ALA D 135 -6.22 -19.06 -15.96
N PHE D 136 -6.01 -18.63 -14.72
CA PHE D 136 -4.78 -17.91 -14.38
C PHE D 136 -3.55 -18.73 -14.76
N VAL D 137 -3.50 -19.98 -14.29
CA VAL D 137 -2.31 -20.80 -14.50
C VAL D 137 -2.06 -21.02 -15.99
N GLY D 138 -3.11 -21.38 -16.72
CA GLY D 138 -2.96 -21.60 -18.15
C GLY D 138 -2.45 -20.36 -18.87
N TRP D 139 -2.95 -19.19 -18.48
CA TRP D 139 -2.54 -17.97 -19.17
C TRP D 139 -1.08 -17.65 -18.89
N LEU D 140 -0.63 -17.90 -17.66
CA LEU D 140 0.79 -17.71 -17.35
C LEU D 140 1.65 -18.64 -18.20
N LEU D 141 1.25 -19.92 -18.29
CA LEU D 141 2.00 -20.83 -19.15
C LEU D 141 2.03 -20.34 -20.59
N ARG D 142 0.91 -19.78 -21.06
CA ARG D 142 0.89 -19.21 -22.40
C ARG D 142 1.93 -18.11 -22.57
N GLN D 143 2.05 -17.24 -21.57
CA GLN D 143 3.07 -16.19 -21.68
C GLN D 143 4.47 -16.80 -21.75
N ILE D 144 4.75 -17.80 -20.93
CA ILE D 144 6.07 -18.43 -20.98
C ILE D 144 6.33 -19.00 -22.36
N ASP D 145 5.34 -19.68 -22.93
CA ASP D 145 5.48 -20.25 -24.27
C ASP D 145 5.80 -19.17 -25.29
N ILE D 146 4.97 -18.13 -25.36
CA ILE D 146 5.16 -17.09 -26.36
C ILE D 146 6.52 -16.45 -26.19
N SER D 147 6.94 -16.25 -24.94
CA SER D 147 8.26 -15.68 -24.69
C SER D 147 9.35 -16.53 -25.32
N LEU D 148 9.49 -17.78 -24.86
CA LEU D 148 10.62 -18.55 -25.37
C LEU D 148 10.41 -19.06 -26.78
N LYS D 149 9.30 -18.75 -27.43
CA LYS D 149 9.23 -18.91 -28.88
C LYS D 149 10.12 -17.90 -29.58
N LEU D 150 10.46 -16.81 -28.91
CA LEU D 150 11.43 -15.84 -29.38
C LEU D 150 12.60 -15.82 -28.42
N ASP D 151 13.70 -15.22 -28.87
CA ASP D 151 14.88 -15.06 -28.01
C ASP D 151 14.78 -13.71 -27.28
N MET D 152 13.90 -13.69 -26.28
CA MET D 152 13.58 -12.46 -25.56
C MET D 152 13.90 -12.52 -24.08
N GLY D 153 13.73 -13.67 -23.45
CA GLY D 153 13.97 -13.81 -22.03
C GLY D 153 12.68 -14.19 -21.31
N MET D 154 12.76 -14.27 -19.99
CA MET D 154 11.66 -14.78 -19.18
C MET D 154 11.46 -13.92 -17.92
N GLU D 155 11.48 -12.61 -18.08
CA GLU D 155 11.27 -11.72 -16.93
C GLU D 155 9.79 -11.46 -16.65
N VAL D 156 9.02 -11.18 -17.70
CA VAL D 156 7.60 -10.91 -17.53
C VAL D 156 6.87 -12.01 -16.75
N PRO D 157 7.02 -13.30 -17.09
CA PRO D 157 6.34 -14.32 -16.28
C PRO D 157 6.82 -14.34 -14.84
N ILE D 158 8.08 -14.04 -14.59
CA ILE D 158 8.55 -13.92 -13.20
C ILE D 158 7.76 -12.82 -12.48
N ALA D 159 7.63 -11.65 -13.11
CA ALA D 159 6.87 -10.58 -12.50
C ALA D 159 5.44 -11.01 -12.20
N PHE D 160 4.80 -11.68 -13.15
CA PHE D 160 3.39 -12.05 -12.98
C PHE D 160 3.23 -13.14 -11.93
N GLY D 161 4.26 -13.97 -11.75
CA GLY D 161 4.17 -15.04 -10.78
C GLY D 161 3.94 -14.55 -9.37
N ALA D 162 4.40 -13.35 -9.05
CA ALA D 162 4.19 -12.80 -7.71
C ALA D 162 2.71 -12.69 -7.40
N VAL D 163 1.96 -12.02 -8.26
CA VAL D 163 0.54 -11.82 -7.97
C VAL D 163 -0.23 -13.12 -8.15
N VAL D 164 0.27 -14.03 -9.01
CA VAL D 164 -0.37 -15.35 -9.05
C VAL D 164 -0.21 -16.06 -7.72
N SER D 165 0.99 -16.00 -7.14
CA SER D 165 1.20 -16.58 -5.82
C SER D 165 0.31 -15.92 -4.79
N SER D 166 0.08 -14.62 -4.92
CA SER D 166 -0.85 -13.95 -4.03
C SER D 166 -2.23 -14.56 -4.11
N TRP D 167 -2.77 -14.67 -5.32
CA TRP D 167 -4.09 -15.28 -5.50
C TRP D 167 -4.15 -16.67 -4.88
N ILE D 168 -3.13 -17.50 -5.14
CA ILE D 168 -3.15 -18.84 -4.59
C ILE D 168 -3.09 -18.81 -3.08
N THR D 169 -2.35 -17.85 -2.51
CA THR D 169 -2.29 -17.71 -1.06
C THR D 169 -3.66 -17.41 -0.49
N LEU D 170 -4.35 -16.43 -1.05
CA LEU D 170 -5.54 -15.91 -0.41
C LEU D 170 -6.77 -16.78 -0.62
N GLN D 171 -6.73 -17.76 -1.52
CA GLN D 171 -7.88 -18.61 -1.78
C GLN D 171 -7.70 -20.04 -1.31
N TRP D 172 -6.55 -20.65 -1.56
CA TRP D 172 -6.33 -22.05 -1.22
C TRP D 172 -5.45 -22.21 0.01
N LEU D 173 -4.33 -21.49 0.06
CA LEU D 173 -3.31 -21.79 1.06
C LEU D 173 -3.78 -21.42 2.46
N ARG D 174 -4.47 -20.28 2.59
CA ARG D 174 -4.94 -19.88 3.92
C ARG D 174 -6.11 -20.72 4.41
N PRO D 175 -7.18 -20.92 3.63
CA PRO D 175 -8.34 -21.64 4.18
C PRO D 175 -8.09 -23.11 4.50
N ILE D 176 -6.87 -23.57 4.31
CA ILE D 176 -6.51 -24.90 4.79
C ILE D 176 -5.78 -24.83 6.12
N ALA D 177 -4.95 -23.80 6.30
CA ALA D 177 -4.40 -23.53 7.62
C ALA D 177 -5.53 -23.45 8.65
N MET D 178 -6.45 -22.52 8.44
CA MET D 178 -7.73 -22.59 9.13
C MET D 178 -8.46 -23.83 8.64
N GLY D 179 -9.18 -24.48 9.55
CA GLY D 179 -9.86 -25.72 9.17
C GLY D 179 -11.17 -25.48 8.46
N ALA D 180 -11.60 -24.21 8.40
CA ALA D 180 -12.97 -23.92 7.98
C ALA D 180 -13.22 -24.34 6.54
N TRP D 181 -12.51 -23.72 5.59
CA TRP D 181 -12.82 -23.68 4.16
C TRP D 181 -13.97 -22.70 3.94
N GLY D 182 -14.50 -22.09 5.00
CA GLY D 182 -15.60 -21.17 4.85
C GLY D 182 -15.15 -19.73 4.97
N HIS D 183 -13.97 -19.50 5.55
CA HIS D 183 -13.44 -18.13 5.59
C HIS D 183 -13.36 -17.55 4.20
N GLY D 184 -12.57 -18.17 3.33
CA GLY D 184 -12.58 -17.89 1.91
C GLY D 184 -12.60 -16.43 1.52
N PHE D 185 -13.45 -16.10 0.56
CA PHE D 185 -13.39 -14.81 -0.10
C PHE D 185 -14.72 -14.49 -0.78
N PRO D 186 -15.68 -13.91 -0.07
CA PRO D 186 -17.00 -13.69 -0.68
C PRO D 186 -16.89 -12.74 -1.85
N LEU D 187 -17.06 -13.30 -3.04
CA LEU D 187 -16.75 -12.62 -4.27
C LEU D 187 -17.97 -11.84 -4.74
N GLY D 188 -17.75 -10.94 -5.68
CA GLY D 188 -18.83 -10.12 -6.20
C GLY D 188 -18.64 -8.67 -5.82
N ILE D 189 -18.87 -7.80 -6.81
CA ILE D 189 -18.54 -6.39 -6.64
C ILE D 189 -19.41 -5.77 -5.56
N THR D 190 -18.84 -4.84 -4.81
CA THR D 190 -19.43 -4.00 -3.78
C THR D 190 -19.73 -4.80 -2.51
N HIS D 191 -19.71 -6.13 -2.56
CA HIS D 191 -19.51 -6.93 -1.37
C HIS D 191 -18.08 -7.42 -1.30
N HIS D 192 -17.33 -7.26 -2.38
CA HIS D 192 -15.88 -7.31 -2.48
C HIS D 192 -15.23 -6.66 -1.27
N LEU D 193 -15.82 -5.56 -0.79
CA LEU D 193 -15.14 -4.72 0.19
C LEU D 193 -15.44 -5.13 1.63
N ASP D 194 -16.71 -5.36 1.95
CA ASP D 194 -17.06 -5.56 3.35
C ASP D 194 -16.31 -6.72 3.99
N TRP D 195 -15.92 -7.72 3.20
CA TRP D 195 -15.08 -8.78 3.75
C TRP D 195 -13.75 -8.22 4.22
N VAL D 196 -13.12 -7.39 3.38
CA VAL D 196 -11.86 -6.76 3.76
C VAL D 196 -12.07 -5.91 4.99
N SER D 197 -13.17 -5.15 5.02
CA SER D 197 -13.42 -4.27 6.15
C SER D 197 -13.64 -5.05 7.44
N ASN D 198 -14.18 -6.26 7.33
CA ASN D 198 -14.35 -7.10 8.51
C ASN D 198 -13.00 -7.65 8.97
N ILE D 199 -12.24 -8.24 8.05
CA ILE D 199 -10.92 -8.74 8.41
C ILE D 199 -10.07 -7.63 9.01
N GLY D 200 -10.32 -6.40 8.59
CA GLY D 200 -9.54 -5.29 9.06
C GLY D 200 -9.63 -5.11 10.56
N TYR D 201 -10.81 -4.75 11.05
CA TYR D 201 -10.93 -4.51 12.48
C TYR D 201 -11.04 -5.80 13.27
N GLN D 202 -10.94 -6.96 12.62
CA GLN D 202 -10.91 -8.21 13.39
C GLN D 202 -9.65 -8.30 14.23
N TYR D 203 -8.54 -7.77 13.72
CA TYR D 203 -7.25 -7.84 14.37
C TYR D 203 -6.78 -6.42 14.57
N TYR D 204 -7.10 -5.84 15.73
CA TYR D 204 -7.34 -4.41 15.82
C TYR D 204 -6.27 -3.56 15.15
N ASN D 205 -6.75 -2.70 14.25
CA ASN D 205 -6.16 -1.52 13.63
C ASN D 205 -5.08 -1.84 12.61
N PHE D 206 -4.56 -3.06 12.61
CA PHE D 206 -3.90 -3.74 11.52
C PHE D 206 -2.76 -2.91 10.90
N PHE D 207 -2.53 -1.66 11.35
CA PHE D 207 -1.38 -0.91 10.87
C PHE D 207 -0.11 -1.36 11.56
N TYR D 208 -0.15 -1.51 12.88
CA TYR D 208 1.06 -1.77 13.64
C TYR D 208 1.69 -3.10 13.24
N ASN D 209 0.95 -3.93 12.51
CA ASN D 209 1.50 -5.17 11.99
C ASN D 209 2.55 -4.86 10.94
N PRO D 210 3.80 -5.29 11.14
CA PRO D 210 4.78 -5.19 10.07
C PRO D 210 4.34 -6.01 8.87
N PHE D 211 5.09 -5.87 7.79
CA PHE D 211 4.83 -6.54 6.52
C PHE D 211 3.61 -5.92 5.84
N HIS D 212 2.91 -5.03 6.53
CA HIS D 212 1.93 -4.15 5.93
C HIS D 212 2.33 -2.70 6.05
N ALA D 213 3.46 -2.43 6.70
CA ALA D 213 4.06 -1.11 6.70
C ALA D 213 5.23 -1.00 5.74
N ILE D 214 5.68 -2.13 5.21
CA ILE D 214 6.72 -2.11 4.18
C ILE D 214 6.09 -2.09 2.80
N GLY D 215 5.09 -2.94 2.58
CA GLY D 215 4.38 -2.99 1.31
C GLY D 215 3.76 -1.67 0.90
N ILE D 216 3.55 -0.76 1.83
CA ILE D 216 3.05 0.56 1.50
C ILE D 216 4.16 1.47 1.01
N THR D 217 5.29 1.45 1.72
CA THR D 217 6.46 2.18 1.26
C THR D 217 6.82 1.78 -0.15
N LEU D 218 6.86 0.47 -0.41
CA LEU D 218 7.19 -0.01 -1.75
C LEU D 218 6.21 0.52 -2.78
N LEU D 219 4.92 0.49 -2.47
CA LEU D 219 3.90 0.93 -3.41
C LEU D 219 4.07 2.40 -3.76
N PHE D 220 4.15 3.26 -2.75
CA PHE D 220 4.29 4.68 -3.02
C PHE D 220 5.61 4.98 -3.73
N ALA D 221 6.70 4.35 -3.31
CA ALA D 221 7.96 4.54 -4.02
C ALA D 221 7.83 4.13 -5.48
N SER D 222 7.07 3.07 -5.74
CA SER D 222 6.86 2.64 -7.11
C SER D 222 6.23 3.74 -7.94
N THR D 223 5.11 4.27 -7.46
CA THR D 223 4.46 5.32 -8.25
C THR D 223 5.36 6.54 -8.37
N LEU D 224 6.18 6.81 -7.36
CA LEU D 224 7.14 7.90 -7.44
C LEU D 224 8.11 7.69 -8.61
N PHE D 225 8.82 6.57 -8.60
CA PHE D 225 9.77 6.29 -9.66
C PHE D 225 9.10 6.34 -11.02
N LEU D 226 7.85 5.88 -11.10
CA LEU D 226 7.14 5.90 -12.37
C LEU D 226 6.99 7.33 -12.88
N HIS D 227 6.44 8.21 -12.03
CA HIS D 227 6.25 9.58 -12.46
C HIS D 227 7.59 10.22 -12.82
N MET D 228 8.64 9.89 -12.07
CA MET D 228 9.95 10.46 -12.34
C MET D 228 10.44 10.08 -13.73
N HIS D 229 10.51 8.78 -14.01
CA HIS D 229 10.95 8.30 -15.31
C HIS D 229 10.13 8.92 -16.43
N GLY D 230 8.82 8.97 -16.27
CA GLY D 230 7.97 9.51 -17.33
C GLY D 230 8.24 10.97 -17.58
N SER D 231 8.22 11.78 -16.53
CA SER D 231 8.48 13.20 -16.67
C SER D 231 9.85 13.44 -17.30
N ALA D 232 10.85 12.66 -16.91
CA ALA D 232 12.18 12.83 -17.47
C ALA D 232 12.16 12.58 -18.98
N VAL D 233 11.72 11.39 -19.39
CA VAL D 233 11.85 11.01 -20.79
C VAL D 233 10.99 11.89 -21.69
N LEU D 234 9.80 12.27 -21.22
CA LEU D 234 8.95 13.11 -22.06
C LEU D 234 9.58 14.45 -22.42
N SER D 235 10.73 14.78 -21.84
CA SER D 235 11.38 16.06 -22.06
C SER D 235 12.37 16.03 -23.23
N GLU D 236 12.14 15.19 -24.23
CA GLU D 236 13.07 15.04 -25.33
C GLU D 236 12.34 14.96 -26.66
N ALA D 237 11.37 15.85 -26.87
CA ALA D 237 10.53 15.78 -28.07
C ALA D 237 11.33 16.03 -29.34
N LYS D 238 11.83 17.24 -29.53
CA LYS D 238 12.56 17.62 -30.73
C LYS D 238 13.77 18.48 -30.36
N ARG D 239 14.49 18.09 -29.32
CA ARG D 239 15.63 18.88 -28.85
C ARG D 239 16.78 18.79 -29.85
N ASN D 240 17.80 19.60 -29.60
CA ASN D 240 19.00 19.64 -30.42
C ASN D 240 20.03 18.67 -29.86
N ILE D 241 21.28 18.82 -30.28
CA ILE D 241 22.34 17.81 -30.10
C ILE D 241 22.57 17.46 -28.64
N SER D 242 21.92 18.16 -27.72
CA SER D 242 21.95 17.73 -26.33
C SER D 242 21.40 16.33 -26.22
N ASP D 243 22.27 15.36 -25.94
CA ASP D 243 21.83 13.98 -25.81
C ASP D 243 22.31 13.39 -24.48
N GLN D 244 23.53 13.73 -24.09
CA GLN D 244 24.05 13.45 -22.76
C GLN D 244 23.89 14.68 -21.89
N ASN D 245 22.66 15.19 -21.81
CA ASN D 245 22.36 16.41 -21.07
C ASN D 245 21.45 16.14 -19.87
N ILE D 246 20.60 15.12 -19.97
CA ILE D 246 19.73 14.75 -18.85
C ILE D 246 20.56 14.36 -17.64
N HIS D 247 21.67 13.65 -17.88
CA HIS D 247 22.62 13.38 -16.80
C HIS D 247 23.00 14.66 -16.07
N VAL D 248 23.52 15.64 -16.82
CA VAL D 248 23.97 16.89 -16.21
C VAL D 248 22.82 17.55 -15.46
N PHE D 249 21.61 17.48 -16.02
CA PHE D 249 20.45 18.00 -15.30
C PHE D 249 20.32 17.34 -13.93
N TRP D 250 20.22 16.01 -13.91
CA TRP D 250 20.04 15.31 -12.65
C TRP D 250 21.16 15.60 -11.67
N ARG D 251 22.35 15.88 -12.18
CA ARG D 251 23.46 16.19 -11.27
C ARG D 251 23.10 17.32 -10.33
N ASN D 252 22.56 18.42 -10.87
CA ASN D 252 22.35 19.63 -10.07
C ASN D 252 20.94 19.67 -9.47
N ILE D 253 20.57 18.55 -8.85
CA ILE D 253 19.55 18.54 -7.81
C ILE D 253 20.09 17.61 -6.74
N LEU D 254 19.30 17.40 -5.68
CA LEU D 254 19.66 16.46 -4.63
C LEU D 254 20.13 15.15 -5.22
N GLY D 255 19.51 14.72 -6.31
CA GLY D 255 19.88 13.49 -6.98
C GLY D 255 21.21 13.58 -7.70
N TYR D 256 21.50 12.51 -8.44
CA TYR D 256 22.70 12.32 -9.24
C TYR D 256 22.47 11.09 -10.10
N SER D 257 22.89 11.16 -11.36
CA SER D 257 22.45 10.17 -12.34
C SER D 257 23.07 8.81 -12.06
N ILE D 258 22.71 8.19 -10.94
CA ILE D 258 23.34 6.94 -10.56
C ILE D 258 22.85 5.79 -11.43
N GLY D 259 21.55 5.69 -11.65
CA GLY D 259 21.02 4.61 -12.45
C GLY D 259 21.15 4.92 -13.92
N GLU D 260 22.36 4.77 -14.46
CA GLU D 260 22.73 5.29 -15.78
C GLU D 260 21.61 5.07 -16.81
N ILE D 261 21.33 3.80 -17.09
CA ILE D 261 20.25 3.42 -17.99
C ILE D 261 19.35 2.43 -17.28
N GLY D 262 19.91 1.71 -16.31
CA GLY D 262 19.26 0.55 -15.75
C GLY D 262 18.22 0.77 -14.67
N ILE D 263 17.66 1.98 -14.55
CA ILE D 263 16.61 2.20 -13.55
C ILE D 263 15.41 1.32 -13.81
N HIS D 264 15.25 0.85 -15.06
CA HIS D 264 14.20 -0.11 -15.34
C HIS D 264 14.31 -1.33 -14.45
N ARG D 265 15.53 -1.69 -14.05
CA ARG D 265 15.71 -2.80 -13.13
C ARG D 265 15.05 -2.51 -11.79
N VAL D 266 15.40 -1.39 -11.17
CA VAL D 266 14.79 -1.00 -9.89
C VAL D 266 13.28 -0.98 -10.00
N ALA D 267 12.77 -0.48 -11.13
CA ALA D 267 11.33 -0.54 -11.38
C ALA D 267 10.83 -1.97 -11.27
N PHE D 268 11.49 -2.90 -11.97
CA PHE D 268 11.10 -4.30 -11.91
C PHE D 268 11.11 -4.84 -10.48
N TRP D 269 12.12 -4.46 -9.70
CA TRP D 269 12.22 -4.96 -8.32
C TRP D 269 11.02 -4.51 -7.49
N THR D 270 10.81 -3.19 -7.44
CA THR D 270 9.74 -2.64 -6.63
C THR D 270 8.37 -3.03 -7.16
N GLY D 271 8.27 -3.46 -8.41
CA GLY D 271 7.00 -3.94 -8.90
C GLY D 271 6.58 -5.28 -8.36
N ALA D 272 7.42 -5.93 -7.59
CA ALA D 272 7.08 -7.22 -7.04
C ALA D 272 7.24 -7.28 -5.53
N ALA D 273 8.29 -6.65 -4.99
CA ALA D 273 8.61 -6.82 -3.58
C ALA D 273 7.42 -6.51 -2.67
N SER D 274 6.63 -5.50 -3.05
CA SER D 274 5.50 -5.09 -2.22
C SER D 274 4.53 -6.24 -2.00
N VAL D 275 3.98 -6.78 -3.08
CA VAL D 275 2.99 -7.83 -2.93
C VAL D 275 3.63 -9.08 -2.35
N LEU D 276 4.92 -9.31 -2.63
CA LEU D 276 5.63 -10.40 -1.98
C LEU D 276 5.50 -10.32 -0.48
N PHE D 277 5.92 -9.20 0.11
CA PHE D 277 5.81 -9.08 1.56
C PHE D 277 4.37 -9.12 2.04
N SER D 278 3.45 -8.52 1.28
CA SER D 278 2.07 -8.43 1.75
C SER D 278 1.43 -9.81 1.88
N ASN D 279 1.82 -10.75 1.02
CA ASN D 279 1.32 -12.13 1.16
C ASN D 279 1.57 -12.67 2.55
N LEU D 280 2.84 -12.75 2.94
CA LEU D 280 3.20 -13.20 4.28
C LEU D 280 2.50 -12.38 5.35
N CYS D 281 2.38 -11.08 5.13
CA CYS D 281 1.68 -10.21 6.07
C CYS D 281 0.32 -10.75 6.41
N ILE D 282 -0.54 -10.89 5.40
CA ILE D 282 -1.90 -11.30 5.71
C ILE D 282 -1.98 -12.77 6.09
N PHE D 283 -1.01 -13.59 5.68
CA PHE D 283 -1.09 -14.99 6.04
C PHE D 283 -0.76 -15.22 7.50
N LEU D 284 0.11 -14.40 8.08
CA LEU D 284 0.30 -14.59 9.50
C LEU D 284 -0.87 -14.11 10.34
N SER D 285 -2.01 -13.74 9.78
CA SER D 285 -3.11 -13.24 10.60
C SER D 285 -4.10 -14.31 10.99
N GLY D 286 -4.16 -15.41 10.23
CA GLY D 286 -5.04 -16.49 10.59
C GLY D 286 -4.49 -17.41 11.66
N THR D 287 -3.18 -17.41 11.85
CA THR D 287 -2.56 -18.23 12.87
C THR D 287 -1.27 -17.56 13.28
N PHE D 288 -0.82 -17.86 14.50
CA PHE D 288 0.40 -17.39 15.14
C PHE D 288 0.27 -15.96 15.67
N VAL D 289 -0.82 -15.25 15.37
CA VAL D 289 -0.94 -13.84 15.74
C VAL D 289 -2.38 -13.55 16.12
N LYS D 290 -2.56 -12.65 17.08
CA LYS D 290 -3.89 -12.15 17.40
C LYS D 290 -3.76 -10.74 17.96
N ASP D 291 -4.58 -9.83 17.42
CA ASP D 291 -4.87 -8.47 17.88
C ASP D 291 -3.73 -7.49 17.62
N TRP D 292 -2.59 -8.00 17.16
CA TRP D 292 -1.45 -7.18 16.77
C TRP D 292 -1.13 -6.02 17.71
N ASN D 293 -1.36 -6.19 19.02
CA ASN D 293 -0.91 -5.16 19.94
C ASN D 293 -0.09 -5.77 21.05
N ALA D 294 -0.40 -7.01 21.42
CA ALA D 294 0.51 -7.77 22.26
C ALA D 294 1.86 -7.96 21.60
N PHE D 295 1.91 -7.90 20.26
CA PHE D 295 3.15 -8.17 19.54
C PHE D 295 4.23 -7.16 19.88
N TRP D 296 3.86 -5.95 20.27
CA TRP D 296 4.83 -4.92 20.59
C TRP D 296 4.99 -4.73 22.09
N GLY D 297 4.23 -5.45 22.89
CA GLY D 297 4.20 -5.21 24.32
C GLY D 297 5.52 -5.44 25.02
N PHE D 298 6.58 -5.68 24.26
CA PHE D 298 7.88 -5.90 24.85
C PHE D 298 8.84 -4.73 24.67
N TRP D 299 8.39 -3.61 24.05
CA TRP D 299 9.24 -2.42 24.06
C TRP D 299 9.78 -2.14 25.46
N ASP D 300 8.94 -2.29 26.48
CA ASP D 300 9.31 -1.95 27.84
C ASP D 300 9.78 -3.17 28.64
N LYS D 301 10.19 -4.25 27.98
CA LYS D 301 10.71 -5.37 28.72
C LYS D 301 12.23 -5.52 28.60
N MET D 302 12.83 -4.95 27.56
CA MET D 302 14.27 -5.10 27.37
C MET D 302 15.03 -4.57 28.59
N PRO D 303 16.17 -5.19 28.92
CA PRO D 303 16.89 -4.78 30.13
C PRO D 303 17.46 -3.39 30.05
N ILE D 304 17.71 -2.87 28.84
CA ILE D 304 18.14 -1.49 28.71
C ILE D 304 17.05 -0.56 29.19
N TRP D 305 15.80 -1.00 29.10
CA TRP D 305 14.66 -0.15 29.41
C TRP D 305 13.96 -0.54 30.71
N ASN D 306 14.59 -1.39 31.53
CA ASN D 306 14.00 -1.68 32.82
C ASN D 306 13.87 -0.39 33.63
N GLY D 307 13.15 -0.48 34.75
CA GLY D 307 12.69 0.70 35.45
C GLY D 307 13.70 1.81 35.59
N VAL D 308 13.39 2.96 34.99
CA VAL D 308 14.32 4.08 34.92
C VAL D 308 13.76 5.38 35.45
N GLY D 309 12.44 5.57 35.46
CA GLY D 309 11.87 6.83 35.92
C GLY D 309 10.36 6.72 36.02
N GLN D 310 9.75 7.85 36.36
CA GLN D 310 8.30 7.90 36.55
C GLN D 310 7.58 8.28 35.25
N PRO E 11 50.90 12.38 7.62
CA PRO E 11 52.36 12.43 7.63
C PRO E 11 52.98 11.04 7.51
N ASP E 12 53.94 10.88 6.61
CA ASP E 12 54.62 9.60 6.41
C ASP E 12 56.05 9.58 6.91
N GLN E 13 56.76 10.70 6.82
CA GLN E 13 58.12 10.78 7.32
C GLN E 13 58.12 11.43 8.71
N TRP E 14 57.56 10.71 9.67
CA TRP E 14 57.49 11.24 11.03
C TRP E 14 58.87 11.55 11.59
N LYS E 15 59.88 10.76 11.23
CA LYS E 15 61.23 11.01 11.71
C LYS E 15 61.65 12.47 11.54
N PRO E 16 61.42 13.10 10.40
CA PRO E 16 61.63 14.55 10.30
C PRO E 16 60.34 15.31 10.56
N LEU E 17 60.49 16.63 10.65
CA LEU E 17 59.36 17.55 10.79
C LEU E 17 59.34 18.65 9.73
N PHE E 18 60.34 18.69 8.86
CA PHE E 18 60.44 19.72 7.85
C PHE E 18 59.69 19.32 6.58
N ASN E 19 59.18 20.33 5.88
CA ASN E 19 58.45 20.15 4.62
C ASN E 19 57.22 19.26 4.81
N ASN E 20 56.39 19.63 5.78
CA ASN E 20 55.05 19.06 5.92
C ASN E 20 53.96 20.10 6.13
N ALA E 21 54.27 21.25 6.75
CA ALA E 21 53.43 22.43 6.85
C ALA E 21 52.16 22.22 7.66
N GLN E 22 51.87 21.00 8.12
CA GLN E 22 50.70 20.75 8.93
C GLN E 22 51.02 20.48 10.38
N TRP E 23 52.27 20.12 10.69
CA TRP E 23 52.72 19.87 12.06
C TRP E 23 52.28 20.97 13.01
N LEU E 24 52.22 22.21 12.51
CA LEU E 24 51.77 23.34 13.31
C LEU E 24 50.37 23.09 13.87
N VAL E 25 49.50 22.45 13.09
CA VAL E 25 48.12 22.22 13.53
C VAL E 25 48.08 21.20 14.67
N HIS E 26 48.81 20.08 14.50
CA HIS E 26 48.90 19.08 15.56
C HIS E 26 49.44 19.72 16.83
N ASP E 27 50.42 20.61 16.69
CA ASP E 27 50.95 21.33 17.84
C ASP E 27 49.86 22.15 18.53
N ILE E 28 49.13 22.95 17.75
CA ILE E 28 48.04 23.75 18.32
C ILE E 28 47.09 22.87 19.12
N VAL E 29 46.57 21.84 18.48
CA VAL E 29 45.50 21.08 19.11
C VAL E 29 46.00 20.33 20.33
N VAL E 30 47.24 19.85 20.31
CA VAL E 30 47.73 19.14 21.49
C VAL E 30 47.92 20.12 22.64
N LYS E 31 48.36 21.35 22.34
CA LYS E 31 48.37 22.40 23.36
C LYS E 31 46.98 22.60 23.95
N THR E 32 45.97 22.64 23.08
CA THR E 32 44.61 22.89 23.54
C THR E 32 44.12 21.80 24.48
N ILE E 33 44.37 20.53 24.12
CA ILE E 33 43.93 19.44 24.98
C ILE E 33 44.70 19.44 26.29
N TYR E 34 46.02 19.69 26.24
CA TYR E 34 46.78 19.94 27.44
C TYR E 34 46.04 20.89 28.37
N GLY E 35 45.69 22.06 27.84
CA GLY E 35 44.99 23.05 28.66
C GLY E 35 43.68 22.53 29.21
N GLY E 36 42.87 21.90 28.36
CA GLY E 36 41.54 21.49 28.78
C GLY E 36 41.54 20.46 29.89
N LEU E 37 42.52 19.56 29.90
CA LEU E 37 42.49 18.47 30.87
C LEU E 37 42.54 18.99 32.30
N ILE E 38 43.35 20.01 32.58
CA ILE E 38 43.54 20.43 33.96
C ILE E 38 42.29 21.14 34.49
N ILE E 39 41.64 21.95 33.65
CA ILE E 39 40.40 22.57 34.11
C ILE E 39 39.32 21.52 34.28
N ALA E 40 39.30 20.49 33.43
CA ALA E 40 38.35 19.41 33.65
C ALA E 40 38.59 18.73 34.99
N VAL E 41 39.87 18.52 35.33
CA VAL E 41 40.19 17.87 36.60
C VAL E 41 39.72 18.71 37.77
N ILE E 42 40.08 20.00 37.78
CA ILE E 42 39.68 20.84 38.91
C ILE E 42 38.17 20.95 38.98
N ALA E 43 37.49 20.90 37.84
CA ALA E 43 36.03 20.92 37.83
C ALA E 43 35.48 19.70 38.54
N HIS E 44 35.86 18.50 38.08
CA HIS E 44 35.41 17.29 38.74
C HIS E 44 35.75 17.30 40.23
N VAL E 45 36.89 17.88 40.60
CA VAL E 45 37.27 17.90 42.01
C VAL E 45 36.30 18.78 42.80
N LEU E 46 36.11 20.02 42.38
CA LEU E 46 35.22 20.88 43.14
C LEU E 46 33.77 20.46 43.02
N CYS E 47 33.44 19.53 42.12
CA CYS E 47 32.12 18.92 42.17
C CYS E 47 31.91 18.15 43.46
N TRP E 48 32.96 17.51 43.97
CA TRP E 48 32.92 16.76 45.21
C TRP E 48 32.52 17.61 46.41
N ALA E 49 32.49 18.94 46.26
CA ALA E 49 32.32 19.85 47.39
C ALA E 49 31.03 19.60 48.16
N TRP E 50 29.89 19.83 47.53
CA TRP E 50 28.61 19.62 48.20
C TRP E 50 27.91 18.35 47.78
N THR E 51 28.67 17.31 47.41
CA THR E 51 28.13 15.98 47.13
C THR E 51 29.24 14.97 47.01
N PRO E 52 29.05 13.76 47.52
CA PRO E 52 29.95 12.65 47.19
C PRO E 52 29.53 11.91 45.93
N TRP E 53 28.25 12.01 45.57
CA TRP E 53 27.65 11.51 44.33
C TRP E 53 27.72 9.99 44.21
N ILE E 54 28.37 9.32 45.15
CA ILE E 54 28.58 7.88 45.03
C ILE E 54 28.19 7.14 46.29
N PRO F 11 51.25 -4.78 4.65
CA PRO F 11 52.58 -5.20 5.09
C PRO F 11 52.92 -6.61 4.63
N ASP F 12 53.22 -6.76 3.35
CA ASP F 12 53.56 -8.08 2.80
C ASP F 12 54.82 -8.63 3.46
N GLN F 13 55.93 -7.90 3.34
CA GLN F 13 57.15 -8.30 4.02
C GLN F 13 56.91 -8.39 5.52
N TRP F 14 57.31 -9.51 6.11
CA TRP F 14 57.04 -9.78 7.52
C TRP F 14 58.21 -9.45 8.43
N LYS F 15 59.37 -10.05 8.17
CA LYS F 15 60.49 -9.95 9.10
C LYS F 15 60.93 -8.51 9.35
N PRO F 16 61.20 -7.69 8.35
CA PRO F 16 61.68 -6.33 8.63
C PRO F 16 60.56 -5.33 8.82
N LEU F 17 60.94 -4.07 9.06
CA LEU F 17 59.97 -2.98 9.13
C LEU F 17 60.43 -1.71 8.42
N PHE F 18 61.54 -1.73 7.70
CA PHE F 18 61.97 -0.57 6.94
C PHE F 18 61.14 -0.43 5.67
N ASN F 19 60.84 0.81 5.31
CA ASN F 19 59.90 1.13 4.22
C ASN F 19 58.54 0.50 4.49
N ASN F 20 57.93 0.93 5.60
CA ASN F 20 56.67 0.36 6.07
C ASN F 20 55.48 1.24 5.76
N ALA F 21 55.54 2.51 6.15
CA ALA F 21 54.50 3.53 5.96
C ALA F 21 53.25 3.25 6.79
N GLN F 22 53.19 2.14 7.51
CA GLN F 22 52.06 1.86 8.40
C GLN F 22 52.48 1.31 9.75
N TRP F 23 53.72 0.88 9.93
CA TRP F 23 54.12 0.18 11.15
C TRP F 23 53.97 1.07 12.38
N LEU F 24 54.32 2.34 12.26
CA LEU F 24 54.28 3.24 13.42
C LEU F 24 52.88 3.33 14.00
N VAL F 25 51.85 3.22 13.17
CA VAL F 25 50.49 3.28 13.68
C VAL F 25 50.21 2.08 14.57
N HIS F 26 50.55 0.89 14.09
CA HIS F 26 50.39 -0.32 14.90
C HIS F 26 51.17 -0.18 16.20
N ASP F 27 52.38 0.38 16.12
CA ASP F 27 53.19 0.58 17.32
C ASP F 27 52.47 1.44 18.34
N ILE F 28 52.02 2.62 17.93
CA ILE F 28 51.41 3.53 18.89
C ILE F 28 50.12 2.96 19.45
N VAL F 29 49.31 2.31 18.60
CA VAL F 29 48.03 1.81 19.10
C VAL F 29 48.25 0.66 20.08
N VAL F 30 49.26 -0.17 19.82
CA VAL F 30 49.47 -1.29 20.74
C VAL F 30 50.06 -0.80 22.05
N LYS F 31 50.91 0.24 21.99
CA LYS F 31 51.34 0.86 23.23
C LYS F 31 50.15 1.40 24.02
N THR F 32 49.19 2.00 23.31
CA THR F 32 47.98 2.51 23.96
C THR F 32 47.24 1.40 24.68
N ILE F 33 47.04 0.27 23.99
CA ILE F 33 46.37 -0.86 24.63
C ILE F 33 47.15 -1.35 25.83
N TYR F 34 48.47 -1.49 25.72
CA TYR F 34 49.27 -1.92 26.86
C TYR F 34 49.05 -0.97 28.04
N GLY F 35 48.95 0.32 27.77
CA GLY F 35 48.77 1.27 28.85
C GLY F 35 47.41 1.18 29.51
N GLY F 36 46.35 1.10 28.69
CA GLY F 36 45.02 1.35 29.22
C GLY F 36 44.51 0.26 30.15
N LEU F 37 44.67 -1.01 29.73
CA LEU F 37 43.98 -2.12 30.40
C LEU F 37 44.26 -2.17 31.90
N ILE F 38 45.43 -1.72 32.33
CA ILE F 38 45.77 -1.77 33.76
C ILE F 38 44.81 -0.89 34.55
N ILE F 39 44.42 0.25 33.98
CA ILE F 39 43.48 1.13 34.65
C ILE F 39 42.15 0.41 34.86
N ALA F 40 41.68 -0.27 33.82
CA ALA F 40 40.42 -1.02 33.93
C ALA F 40 40.53 -2.11 35.00
N VAL F 41 41.68 -2.75 35.08
CA VAL F 41 41.88 -3.77 36.11
C VAL F 41 41.77 -3.14 37.50
N ILE F 42 42.45 -2.02 37.71
CA ILE F 42 42.35 -1.30 38.98
C ILE F 42 40.90 -0.98 39.28
N ALA F 43 40.15 -0.52 38.28
CA ALA F 43 38.77 -0.13 38.48
C ALA F 43 37.93 -1.32 38.93
N HIS F 44 38.04 -2.43 38.21
CA HIS F 44 37.33 -3.64 38.63
C HIS F 44 37.69 -4.02 40.06
N VAL F 45 38.98 -3.92 40.41
CA VAL F 45 39.39 -4.34 41.75
C VAL F 45 38.73 -3.48 42.81
N LEU F 46 38.76 -2.16 42.62
CA LEU F 46 38.19 -1.30 43.64
C LEU F 46 36.66 -1.41 43.68
N CYS F 47 36.02 -1.64 42.53
CA CYS F 47 34.59 -1.90 42.53
C CYS F 47 34.26 -3.13 43.37
N TRP F 48 34.96 -4.24 43.12
CA TRP F 48 34.76 -5.44 43.93
C TRP F 48 35.01 -5.14 45.41
N ALA F 49 36.00 -4.29 45.69
CA ALA F 49 36.20 -3.85 47.07
C ALA F 49 35.01 -3.05 47.57
N TRP F 50 34.21 -2.49 46.67
CA TRP F 50 33.07 -1.67 47.05
C TRP F 50 31.75 -2.44 47.08
N THR F 51 31.65 -3.56 46.38
CA THR F 51 30.40 -4.31 46.34
C THR F 51 30.68 -5.69 45.77
N PRO F 52 29.69 -6.58 45.79
CA PRO F 52 29.93 -8.00 45.51
C PRO F 52 29.63 -8.47 44.08
N TRP F 53 29.40 -7.59 43.11
CA TRP F 53 28.97 -8.00 41.77
C TRP F 53 27.62 -8.69 41.81
N ILE F 54 27.02 -8.79 43.00
CA ILE F 54 25.87 -9.66 43.22
C ILE F 54 26.18 -11.06 42.70
N PRO G 11 46.40 -20.01 0.76
CA PRO G 11 46.74 -21.40 1.04
C PRO G 11 46.06 -22.37 0.08
N ASP G 12 46.34 -22.24 -1.22
CA ASP G 12 45.77 -23.15 -2.19
C ASP G 12 46.67 -24.36 -2.41
N GLN G 13 47.91 -24.12 -2.84
CA GLN G 13 48.90 -25.19 -2.97
C GLN G 13 49.43 -25.48 -1.58
N TRP G 14 48.70 -26.32 -0.84
CA TRP G 14 49.03 -26.60 0.54
C TRP G 14 50.19 -27.58 0.68
N LYS G 15 50.63 -28.21 -0.41
CA LYS G 15 51.84 -29.04 -0.36
C LYS G 15 53.04 -28.23 0.11
N PRO G 16 53.48 -27.22 -0.60
CA PRO G 16 54.47 -26.28 -0.04
C PRO G 16 53.78 -25.30 0.91
N LEU G 17 54.57 -24.37 1.43
CA LEU G 17 54.05 -23.40 2.40
C LEU G 17 54.15 -21.97 1.91
N PHE G 18 55.29 -21.56 1.36
CA PHE G 18 55.54 -20.17 1.00
C PHE G 18 54.71 -19.79 -0.24
N ASN G 19 54.92 -18.57 -0.72
CA ASN G 19 54.32 -17.95 -1.91
C ASN G 19 52.88 -17.51 -1.66
N ASN G 20 52.33 -17.76 -0.47
CA ASN G 20 50.93 -17.42 -0.22
C ASN G 20 50.75 -16.04 0.39
N ALA G 21 51.65 -15.66 1.32
CA ALA G 21 51.62 -14.36 1.99
C ALA G 21 50.33 -14.13 2.78
N GLN G 22 49.58 -15.20 3.09
CA GLN G 22 48.43 -15.12 3.96
C GLN G 22 48.49 -16.14 5.08
N TRP G 23 49.48 -17.03 5.06
CA TRP G 23 49.63 -18.07 6.07
C TRP G 23 49.65 -17.49 7.48
N LEU G 24 50.33 -16.35 7.65
CA LEU G 24 50.52 -15.80 8.98
C LEU G 24 49.18 -15.47 9.65
N VAL G 25 48.19 -15.04 8.86
CA VAL G 25 46.88 -14.74 9.42
C VAL G 25 46.29 -15.99 10.08
N HIS G 26 46.19 -17.08 9.32
CA HIS G 26 45.67 -18.32 9.86
C HIS G 26 46.45 -18.75 11.10
N ASP G 27 47.78 -18.66 11.03
CA ASP G 27 48.61 -19.04 12.17
C ASP G 27 48.25 -18.24 13.41
N ILE G 28 48.21 -16.91 13.28
CA ILE G 28 47.93 -16.06 14.43
C ILE G 28 46.55 -16.37 15.01
N VAL G 29 45.55 -16.50 14.15
CA VAL G 29 44.20 -16.58 14.69
C VAL G 29 43.99 -17.94 15.34
N VAL G 30 44.62 -18.99 14.83
CA VAL G 30 44.46 -20.29 15.48
C VAL G 30 45.25 -20.32 16.79
N LYS G 31 46.42 -19.67 16.83
CA LYS G 31 47.11 -19.54 18.10
C LYS G 31 46.22 -18.86 19.14
N THR G 32 45.51 -17.81 18.71
CA THR G 32 44.65 -17.10 19.64
C THR G 32 43.47 -17.96 20.10
N ILE G 33 42.83 -18.69 19.18
CA ILE G 33 41.70 -19.51 19.60
C ILE G 33 42.14 -20.58 20.58
N TYR G 34 43.35 -21.15 20.36
CA TYR G 34 43.91 -22.05 21.35
C TYR G 34 44.08 -21.36 22.69
N GLY G 35 44.74 -20.21 22.70
CA GLY G 35 44.93 -19.48 23.94
C GLY G 35 43.63 -19.14 24.65
N GLY G 36 42.52 -19.11 23.90
CA GLY G 36 41.25 -18.74 24.50
C GLY G 36 40.40 -19.89 25.01
N LEU G 37 40.48 -21.04 24.33
CA LEU G 37 39.66 -22.17 24.74
C LEU G 37 40.01 -22.64 26.15
N ILE G 38 41.27 -22.52 26.54
CA ILE G 38 41.67 -22.87 27.89
C ILE G 38 40.90 -22.03 28.91
N ILE G 39 40.85 -20.71 28.68
CA ILE G 39 40.11 -19.84 29.58
C ILE G 39 38.63 -20.16 29.54
N ALA G 40 38.11 -20.54 28.38
CA ALA G 40 36.71 -20.97 28.30
C ALA G 40 36.46 -22.17 29.22
N VAL G 41 37.37 -23.14 29.20
CA VAL G 41 37.27 -24.28 30.10
C VAL G 41 37.31 -23.82 31.54
N ILE G 42 38.26 -22.93 31.85
CA ILE G 42 38.36 -22.38 33.19
C ILE G 42 37.03 -21.83 33.65
N ALA G 43 36.35 -21.10 32.77
CA ALA G 43 35.09 -20.47 33.15
C ALA G 43 34.00 -21.52 33.37
N HIS G 44 33.77 -22.37 32.37
CA HIS G 44 32.74 -23.39 32.52
C HIS G 44 33.03 -24.35 33.67
N VAL G 45 34.24 -24.37 34.21
CA VAL G 45 34.50 -25.19 35.39
C VAL G 45 34.29 -24.41 36.67
N LEU G 46 34.91 -23.23 36.78
CA LEU G 46 34.76 -22.42 37.97
C LEU G 46 33.30 -22.04 38.21
N CYS G 47 32.46 -22.09 37.19
CA CYS G 47 31.05 -21.79 37.44
C CYS G 47 30.33 -22.88 38.21
N TRP G 48 30.97 -24.01 38.46
CA TRP G 48 30.33 -25.11 39.17
C TRP G 48 30.16 -24.84 40.68
N ALA G 49 30.44 -23.63 41.16
CA ALA G 49 30.40 -23.40 42.60
C ALA G 49 28.97 -23.44 43.13
N TRP G 50 28.00 -22.96 42.38
CA TRP G 50 26.62 -22.96 42.85
C TRP G 50 25.63 -23.36 41.76
N THR G 51 25.95 -24.40 40.99
CA THR G 51 25.04 -24.85 39.94
C THR G 51 24.76 -26.34 40.01
N PRO G 52 23.57 -26.72 40.45
CA PRO G 52 23.04 -28.09 40.23
C PRO G 52 22.21 -28.14 38.93
N TRP G 53 22.88 -28.39 37.81
CA TRP G 53 22.23 -28.40 36.51
C TRP G 53 20.88 -29.10 36.53
N ILE G 54 20.88 -30.36 36.93
CA ILE G 54 19.64 -31.11 37.06
C ILE G 54 19.37 -31.40 38.53
N PRO H 11 35.29 -31.94 -8.62
CA PRO H 11 36.04 -33.13 -9.02
C PRO H 11 35.41 -33.84 -10.20
N ASP H 12 35.76 -33.44 -11.42
CA ASP H 12 35.18 -34.06 -12.61
C ASP H 12 35.89 -35.37 -12.95
N GLN H 13 37.19 -35.30 -13.23
CA GLN H 13 37.97 -36.49 -13.56
C GLN H 13 38.25 -37.25 -12.28
N TRP H 14 37.25 -38.02 -11.84
CA TRP H 14 37.37 -38.75 -10.59
C TRP H 14 38.31 -39.94 -10.68
N LYS H 15 38.57 -40.44 -11.89
CA LYS H 15 39.45 -41.60 -12.04
C LYS H 15 40.78 -41.43 -11.32
N PRO H 16 41.46 -40.29 -11.40
CA PRO H 16 42.66 -40.08 -10.59
C PRO H 16 42.32 -39.38 -9.28
N LEU H 17 43.35 -39.26 -8.44
CA LEU H 17 43.23 -38.52 -7.19
C LEU H 17 43.96 -37.19 -7.23
N PHE H 18 44.43 -36.76 -8.40
CA PHE H 18 45.04 -35.46 -8.59
C PHE H 18 44.18 -34.64 -9.54
N ASN H 19 44.51 -33.34 -9.62
CA ASN H 19 43.82 -32.41 -10.52
C ASN H 19 42.33 -32.30 -10.18
N ASN H 20 42.05 -31.98 -8.92
CA ASN H 20 40.69 -31.75 -8.47
C ASN H 20 40.52 -30.42 -7.74
N ALA H 21 41.49 -30.01 -6.94
CA ALA H 21 41.59 -28.74 -6.23
C ALA H 21 40.62 -28.61 -5.05
N GLN H 22 39.73 -29.58 -4.83
CA GLN H 22 38.84 -29.57 -3.68
C GLN H 22 39.06 -30.79 -2.80
N TRP H 23 40.10 -31.58 -3.08
CA TRP H 23 40.31 -32.84 -2.40
C TRP H 23 40.53 -32.62 -0.91
N LEU H 24 41.43 -31.68 -0.56
CA LEU H 24 41.64 -31.35 0.84
C LEU H 24 40.35 -30.94 1.52
N VAL H 25 39.53 -30.12 0.84
CA VAL H 25 38.28 -29.67 1.42
C VAL H 25 37.40 -30.86 1.78
N HIS H 26 37.09 -31.70 0.77
CA HIS H 26 36.19 -32.82 1.01
C HIS H 26 36.74 -33.74 2.10
N ASP H 27 38.05 -34.01 2.08
CA ASP H 27 38.59 -34.98 3.02
C ASP H 27 38.62 -34.42 4.45
N ILE H 28 38.98 -33.14 4.60
CA ILE H 28 38.97 -32.54 5.93
C ILE H 28 37.56 -32.51 6.49
N VAL H 29 36.58 -32.15 5.66
CA VAL H 29 35.23 -32.04 6.19
C VAL H 29 34.66 -33.42 6.52
N VAL H 30 35.05 -34.45 5.77
CA VAL H 30 34.55 -35.78 6.12
C VAL H 30 35.23 -36.29 7.38
N LYS H 31 36.50 -35.94 7.59
CA LYS H 31 37.14 -36.28 8.86
C LYS H 31 36.49 -35.54 10.02
N THR H 32 35.87 -34.38 9.74
CA THR H 32 35.19 -33.63 10.79
C THR H 32 33.83 -34.24 11.15
N ILE H 33 33.03 -34.58 10.13
CA ILE H 33 31.67 -35.04 10.38
C ILE H 33 31.65 -36.29 11.25
N TYR H 34 32.66 -37.15 11.12
CA TYR H 34 32.75 -38.34 11.96
C TYR H 34 32.76 -37.97 13.44
N GLY H 35 33.72 -37.14 13.84
CA GLY H 35 33.80 -36.73 15.23
C GLY H 35 32.55 -36.02 15.69
N GLY H 36 31.97 -35.19 14.83
CA GLY H 36 30.72 -34.53 15.20
C GLY H 36 29.63 -35.52 15.54
N LEU H 37 29.42 -36.50 14.66
CA LEU H 37 28.38 -37.50 14.90
C LEU H 37 28.67 -38.32 16.14
N ILE H 38 29.94 -38.66 16.38
CA ILE H 38 30.27 -39.45 17.56
C ILE H 38 29.94 -38.68 18.83
N ILE H 39 30.30 -37.40 18.86
CA ILE H 39 29.95 -36.57 20.01
C ILE H 39 28.45 -36.52 20.20
N ALA H 40 27.69 -36.39 19.11
CA ALA H 40 26.24 -36.35 19.22
C ALA H 40 25.69 -37.66 19.79
N VAL H 41 26.29 -38.79 19.38
CA VAL H 41 25.85 -40.09 19.87
C VAL H 41 26.04 -40.16 21.38
N ILE H 42 27.26 -39.89 21.85
CA ILE H 42 27.51 -39.96 23.28
C ILE H 42 26.65 -38.95 24.02
N ALA H 43 26.33 -37.82 23.38
CA ALA H 43 25.46 -36.83 24.00
C ALA H 43 24.09 -37.43 24.29
N HIS H 44 23.41 -37.92 23.24
CA HIS H 44 22.13 -38.58 23.46
C HIS H 44 22.23 -39.71 24.48
N VAL H 45 23.34 -40.45 24.47
CA VAL H 45 23.49 -41.57 25.40
C VAL H 45 23.43 -41.08 26.84
N LEU H 46 24.22 -40.05 27.16
CA LEU H 46 24.16 -39.50 28.51
C LEU H 46 22.82 -38.84 28.78
N CYS H 47 22.14 -38.35 27.74
CA CYS H 47 20.80 -37.80 27.93
C CYS H 47 19.85 -38.88 28.42
N TRP H 48 20.04 -40.12 27.98
CA TRP H 48 19.21 -41.22 28.45
C TRP H 48 19.34 -41.47 29.96
N ALA H 49 20.35 -40.90 30.61
CA ALA H 49 20.70 -41.32 31.96
C ALA H 49 19.59 -41.11 32.98
N TRP H 50 19.27 -39.85 33.31
CA TRP H 50 18.40 -39.59 34.45
C TRP H 50 16.92 -39.57 34.08
N THR H 51 16.56 -40.09 32.90
CA THR H 51 15.17 -40.31 32.51
C THR H 51 15.14 -41.09 31.19
N PRO H 52 14.13 -41.94 30.97
CA PRO H 52 13.98 -42.57 29.66
C PRO H 52 13.45 -41.63 28.60
N TRP H 53 12.90 -40.49 29.02
CA TRP H 53 12.39 -39.41 28.18
C TRP H 53 11.36 -39.90 27.18
N ILE H 54 10.96 -41.17 27.26
CA ILE H 54 10.04 -41.74 26.29
C ILE H 54 8.61 -41.42 26.66
N PRO I 11 -13.94 25.61 -45.01
CA PRO I 11 -14.44 26.89 -45.52
C PRO I 11 -13.64 28.09 -45.02
N ASP I 12 -12.56 28.42 -45.74
CA ASP I 12 -11.73 29.58 -45.39
C ASP I 12 -12.10 30.78 -46.25
N GLN I 13 -12.09 30.61 -47.56
CA GLN I 13 -12.61 31.65 -48.44
C GLN I 13 -14.14 31.62 -48.38
N TRP I 14 -14.71 32.14 -47.30
CA TRP I 14 -16.15 32.02 -47.08
C TRP I 14 -16.97 32.93 -47.98
N LYS I 15 -16.48 34.13 -48.28
CA LYS I 15 -17.21 35.04 -49.15
C LYS I 15 -17.67 34.38 -50.44
N PRO I 16 -16.93 33.42 -51.00
CA PRO I 16 -17.52 32.59 -52.07
C PRO I 16 -18.16 31.34 -51.49
N LEU I 17 -19.27 30.88 -52.07
CA LEU I 17 -20.00 29.77 -51.50
C LEU I 17 -19.38 28.42 -51.88
N PHE I 18 -19.30 28.14 -53.17
CA PHE I 18 -18.87 26.83 -53.64
C PHE I 18 -17.34 26.70 -53.56
N ASN I 19 -16.83 25.62 -54.14
CA ASN I 19 -15.40 25.34 -54.22
C ASN I 19 -14.79 25.16 -52.83
N ASN I 20 -15.47 24.35 -52.00
CA ASN I 20 -14.93 23.96 -50.70
C ASN I 20 -15.07 22.47 -50.38
N ALA I 21 -16.00 21.75 -51.01
CA ALA I 21 -16.19 20.31 -50.87
C ALA I 21 -16.49 19.86 -49.45
N GLN I 22 -16.83 20.78 -48.55
CA GLN I 22 -17.26 20.42 -47.20
C GLN I 22 -18.57 21.08 -46.79
N TRP I 23 -18.90 22.23 -47.38
CA TRP I 23 -20.12 23.01 -47.15
C TRP I 23 -21.36 22.16 -46.98
N LEU I 24 -21.49 21.14 -47.82
CA LEU I 24 -22.70 20.31 -47.86
C LEU I 24 -23.04 19.77 -46.47
N VAL I 25 -22.05 19.31 -45.73
CA VAL I 25 -22.31 18.73 -44.42
C VAL I 25 -22.82 19.80 -43.45
N HIS I 26 -22.23 21.00 -43.50
CA HIS I 26 -22.72 22.09 -42.68
C HIS I 26 -24.18 22.38 -43.00
N ASP I 27 -24.55 22.33 -44.29
CA ASP I 27 -25.94 22.51 -44.66
C ASP I 27 -26.84 21.47 -44.01
N ILE I 28 -26.45 20.19 -44.13
CA ILE I 28 -27.25 19.12 -43.53
C ILE I 28 -27.47 19.39 -42.06
N VAL I 29 -26.40 19.71 -41.35
CA VAL I 29 -26.49 19.90 -39.91
C VAL I 29 -27.38 21.10 -39.58
N VAL I 30 -27.28 22.17 -40.39
CA VAL I 30 -28.12 23.36 -40.18
C VAL I 30 -29.59 22.98 -40.25
N LYS I 31 -29.99 22.29 -41.32
CA LYS I 31 -31.38 21.87 -41.43
C LYS I 31 -31.78 21.00 -40.24
N THR I 32 -30.89 20.10 -39.83
CA THR I 32 -31.15 19.26 -38.67
C THR I 32 -31.49 20.09 -37.44
N ILE I 33 -30.67 21.12 -37.17
CA ILE I 33 -30.89 21.91 -35.96
C ILE I 33 -32.19 22.71 -36.08
N TYR I 34 -32.51 23.21 -37.26
CA TYR I 34 -33.80 23.89 -37.38
C TYR I 34 -34.95 22.96 -36.97
N GLY I 35 -34.98 21.77 -37.56
CA GLY I 35 -36.01 20.80 -37.18
C GLY I 35 -36.00 20.52 -35.70
N GLY I 36 -34.80 20.32 -35.12
CA GLY I 36 -34.72 19.96 -33.72
C GLY I 36 -35.21 21.04 -32.79
N LEU I 37 -34.83 22.29 -33.07
CA LEU I 37 -35.30 23.40 -32.25
C LEU I 37 -36.82 23.53 -32.33
N ILE I 38 -37.39 23.37 -33.52
CA ILE I 38 -38.85 23.43 -33.63
C ILE I 38 -39.50 22.38 -32.74
N ILE I 39 -39.02 21.13 -32.85
CA ILE I 39 -39.61 20.04 -32.07
C ILE I 39 -39.46 20.31 -30.58
N ALA I 40 -38.28 20.76 -30.16
CA ALA I 40 -38.04 20.97 -28.73
C ALA I 40 -38.90 22.09 -28.17
N VAL I 41 -39.06 23.17 -28.94
CA VAL I 41 -39.92 24.26 -28.50
C VAL I 41 -41.35 23.76 -28.31
N ILE I 42 -41.87 23.04 -29.30
CA ILE I 42 -43.22 22.50 -29.18
C ILE I 42 -43.33 21.62 -27.94
N ALA I 43 -42.32 20.78 -27.72
CA ALA I 43 -42.31 19.89 -26.56
C ALA I 43 -42.44 20.68 -25.26
N HIS I 44 -41.53 21.62 -25.03
CA HIS I 44 -41.65 22.46 -23.84
C HIS I 44 -43.02 23.12 -23.75
N VAL I 45 -43.58 23.54 -24.89
CA VAL I 45 -44.88 24.21 -24.88
C VAL I 45 -45.94 23.31 -24.27
N LEU I 46 -46.15 22.14 -24.87
CA LEU I 46 -47.26 21.34 -24.38
C LEU I 46 -46.94 20.61 -23.08
N CYS I 47 -45.75 20.83 -22.51
CA CYS I 47 -45.43 20.28 -21.21
C CYS I 47 -46.16 20.99 -20.08
N TRP I 48 -46.65 22.20 -20.35
CA TRP I 48 -47.34 23.02 -19.36
C TRP I 48 -48.71 22.42 -19.02
N ALA I 49 -49.06 21.32 -19.69
CA ALA I 49 -50.43 20.83 -19.70
C ALA I 49 -50.97 20.60 -18.31
N TRP I 50 -50.39 19.65 -17.57
CA TRP I 50 -50.99 19.32 -16.29
C TRP I 50 -50.48 20.20 -15.15
N THR I 51 -49.19 20.52 -15.16
CA THR I 51 -48.60 21.36 -14.13
C THR I 51 -47.99 22.62 -14.71
N PRO I 52 -47.94 23.70 -13.94
CA PRO I 52 -47.03 24.80 -14.25
C PRO I 52 -45.60 24.54 -13.85
N TRP I 53 -45.39 23.49 -13.05
CA TRP I 53 -44.10 23.03 -12.55
C TRP I 53 -43.30 24.14 -11.87
N ILE I 54 -43.94 25.27 -11.61
CA ILE I 54 -43.29 26.41 -10.96
C ILE I 54 -41.98 26.80 -11.64
N ARG J 17 23.91 -42.64 -19.92
CA ARG J 17 25.11 -42.35 -20.68
C ARG J 17 26.34 -42.93 -19.98
N GLY J 18 26.36 -42.81 -18.65
CA GLY J 18 27.43 -43.34 -17.85
C GLY J 18 28.60 -42.41 -17.64
N ARG J 19 28.47 -41.13 -17.99
CA ARG J 19 29.57 -40.18 -17.82
C ARG J 19 29.48 -39.43 -16.49
N PHE J 20 28.37 -38.73 -16.26
CA PHE J 20 28.17 -37.93 -15.06
C PHE J 20 26.89 -38.43 -14.37
N TYR J 21 27.07 -39.17 -13.28
CA TYR J 21 25.93 -39.68 -12.50
C TYR J 21 25.36 -38.55 -11.64
N ILE J 22 24.80 -37.56 -12.32
CA ILE J 22 24.18 -36.44 -11.64
C ILE J 22 22.91 -36.85 -10.92
N VAL J 23 22.29 -37.96 -11.34
CA VAL J 23 21.09 -38.45 -10.68
C VAL J 23 21.41 -38.95 -9.27
N ALA J 24 22.63 -39.41 -9.05
CA ALA J 24 23.00 -40.12 -7.83
C ALA J 24 22.93 -39.27 -6.57
N GLY J 25 22.59 -37.98 -6.70
CA GLY J 25 22.57 -37.11 -5.54
C GLY J 25 21.21 -36.57 -5.15
N ILE J 26 20.33 -36.39 -6.12
CA ILE J 26 19.01 -35.85 -5.81
C ILE J 26 18.19 -36.88 -5.03
N ILE J 27 18.52 -38.16 -5.17
CA ILE J 27 17.88 -39.17 -4.33
C ILE J 27 18.23 -38.94 -2.86
N SER J 28 19.52 -38.67 -2.59
CA SER J 28 19.92 -38.31 -1.24
C SER J 28 19.25 -37.02 -0.79
N VAL J 29 19.08 -36.08 -1.72
CA VAL J 29 18.34 -34.85 -1.41
C VAL J 29 16.94 -35.17 -0.92
N VAL J 30 16.24 -36.04 -1.65
CA VAL J 30 14.86 -36.36 -1.30
C VAL J 30 14.80 -37.12 0.02
N MET J 31 15.81 -37.96 0.28
CA MET J 31 15.84 -38.65 1.57
C MET J 31 16.05 -37.67 2.72
N ALA J 32 16.98 -36.73 2.56
CA ALA J 32 17.16 -35.68 3.56
C ALA J 32 15.88 -34.88 3.75
N VAL J 33 15.11 -34.69 2.67
CA VAL J 33 13.83 -34.01 2.80
C VAL J 33 12.85 -34.85 3.61
N ALA J 34 12.79 -36.15 3.33
CA ALA J 34 11.89 -37.03 4.05
C ALA J 34 12.31 -37.20 5.51
N SER J 35 13.53 -36.80 5.86
CA SER J 35 14.00 -36.85 7.23
C SER J 35 13.69 -35.58 8.02
N ILE J 36 12.61 -34.88 7.70
CA ILE J 36 12.29 -33.62 8.36
C ILE J 36 10.96 -33.75 9.09
N ALA J 37 10.71 -34.93 9.66
CA ALA J 37 9.57 -35.12 10.54
C ALA J 37 9.97 -35.32 12.00
N ILE J 38 11.26 -35.61 12.24
CA ILE J 38 11.79 -35.75 13.58
C ILE J 38 11.44 -34.55 14.43
N PHE J 39 11.35 -33.37 13.81
CA PHE J 39 10.99 -32.16 14.55
C PHE J 39 9.67 -32.33 15.28
N TRP J 40 8.60 -32.58 14.52
CA TRP J 40 7.29 -32.73 15.15
C TRP J 40 7.19 -34.02 15.94
N TRP J 41 7.98 -35.05 15.63
CA TRP J 41 7.97 -36.23 16.48
C TRP J 41 8.44 -35.86 17.88
N ILE J 42 9.60 -35.21 17.98
CA ILE J 42 10.10 -34.72 19.26
C ILE J 42 9.07 -33.80 19.91
N PHE J 43 8.45 -32.94 19.10
CA PHE J 43 7.44 -32.03 19.61
C PHE J 43 6.34 -32.79 20.35
N TYR J 44 5.63 -33.65 19.63
CA TYR J 44 4.51 -34.37 20.24
C TYR J 44 4.97 -35.27 21.39
N THR J 45 6.22 -35.73 21.36
CA THR J 45 6.66 -36.59 22.46
C THR J 45 6.91 -35.80 23.74
N ILE J 46 7.59 -34.66 23.64
CA ILE J 46 8.02 -33.94 24.83
C ILE J 46 7.28 -32.64 25.07
N THR J 47 6.98 -31.86 24.03
CA THR J 47 6.32 -30.57 24.26
C THR J 47 5.04 -30.66 25.08
N PRO J 48 4.11 -31.58 24.82
CA PRO J 48 2.82 -31.47 25.55
C PRO J 48 2.91 -31.91 27.00
N ALA J 49 3.95 -31.46 27.70
CA ALA J 49 3.91 -31.53 29.16
C ALA J 49 2.70 -30.79 29.70
N PRO J 50 2.32 -29.62 29.19
CA PRO J 50 0.95 -29.15 29.40
C PRO J 50 0.00 -29.71 28.35
N ALA J 51 -0.89 -30.60 28.75
CA ALA J 51 -2.04 -30.92 27.94
C ALA J 51 -2.93 -29.69 27.90
N PRO J 52 -3.82 -29.56 26.92
CA PRO J 52 -4.75 -28.42 26.94
C PRO J 52 -5.48 -28.36 28.27
N PRO J 53 -5.51 -27.17 28.90
CA PRO J 53 -5.92 -27.09 30.31
C PRO J 53 -7.29 -27.68 30.57
N LEU J 54 -7.33 -28.73 31.40
CA LEU J 54 -8.57 -29.43 31.68
C LEU J 54 -9.55 -28.49 32.36
N GLN J 55 -10.80 -28.56 31.93
CA GLN J 55 -11.81 -27.59 32.35
C GLN J 55 -11.99 -27.62 33.86
N ASN J 56 -12.11 -26.42 34.45
CA ASN J 56 -12.42 -26.22 35.86
C ASN J 56 -13.73 -26.90 36.23
N PRO J 57 -14.60 -27.21 35.25
CA PRO J 57 -15.96 -27.70 35.54
C PRO J 57 -16.03 -28.86 36.53
N ILE J 58 -14.89 -29.42 36.92
CA ILE J 58 -14.86 -30.36 38.03
C ILE J 58 -15.56 -29.78 39.25
N TYR J 59 -15.45 -28.47 39.44
CA TYR J 59 -16.18 -27.81 40.52
C TYR J 59 -17.68 -27.95 40.31
N VAL J 60 -18.37 -28.49 41.31
CA VAL J 60 -19.78 -28.86 41.14
C VAL J 60 -20.64 -27.63 40.94
N ASN J 61 -20.26 -26.51 41.55
CA ASN J 61 -21.01 -25.27 41.46
C ASN J 61 -20.06 -24.13 41.75
N TYR J 62 -20.37 -22.96 41.18
CA TYR J 62 -19.44 -21.84 41.22
C TYR J 62 -18.10 -22.27 40.64
N THR J 63 -18.10 -22.58 39.33
CA THR J 63 -17.19 -23.57 38.78
C THR J 63 -16.10 -23.01 37.87
N GLN J 64 -16.36 -21.91 37.15
CA GLN J 64 -15.48 -21.52 36.04
C GLN J 64 -14.17 -20.95 36.60
N GLU J 65 -13.40 -21.84 37.21
CA GLU J 65 -12.05 -21.62 37.69
C GLU J 65 -11.95 -20.57 38.80
N PRO J 66 -12.72 -20.67 39.88
CA PRO J 66 -12.27 -20.04 41.13
C PRO J 66 -11.34 -20.95 41.92
N THR J 67 -11.59 -22.25 41.91
CA THR J 67 -10.68 -23.28 42.40
C THR J 67 -10.30 -23.05 43.86
N ASP J 68 -11.30 -23.21 44.73
CA ASP J 68 -11.08 -23.18 46.18
C ASP J 68 -10.52 -24.50 46.71
N TYR J 69 -10.02 -25.35 45.82
CA TYR J 69 -9.65 -26.72 46.18
C TYR J 69 -8.57 -26.81 47.25
N ILE J 70 -7.70 -25.80 47.36
CA ILE J 70 -6.62 -25.86 48.34
C ILE J 70 -7.21 -25.67 49.72
N SER J 71 -7.44 -26.78 50.43
CA SER J 71 -8.06 -26.74 51.75
C SER J 71 -7.08 -26.44 52.87
N ALA J 72 -5.77 -26.40 52.58
CA ALA J 72 -4.79 -26.12 53.62
C ALA J 72 -5.01 -24.76 54.25
N GLU J 73 -5.55 -23.80 53.49
CA GLU J 73 -5.80 -22.47 54.00
C GLU J 73 -6.82 -22.50 55.14
N SER J 74 -6.76 -21.45 55.96
CA SER J 74 -7.71 -21.17 57.04
C SER J 74 -7.54 -22.11 58.23
N LEU J 75 -6.73 -23.15 58.08
CA LEU J 75 -6.41 -24.09 59.15
C LEU J 75 -7.63 -24.69 59.82
N ALA J 76 -8.82 -24.58 59.20
CA ALA J 76 -10.09 -24.99 59.80
C ALA J 76 -10.30 -24.33 61.16
N ALA J 77 -9.66 -23.18 61.36
CA ALA J 77 -9.66 -22.42 62.60
C ALA J 77 -9.08 -23.20 63.77
N MET J 78 -8.56 -24.41 63.51
CA MET J 78 -8.12 -25.35 64.53
C MET J 78 -9.30 -25.75 65.41
N ASN J 79 -10.50 -25.27 65.08
CA ASN J 79 -11.70 -25.59 65.85
C ASN J 79 -12.90 -25.33 64.95
N ALA J 80 -13.55 -26.41 64.51
CA ALA J 80 -14.83 -26.30 63.84
C ALA J 80 -15.98 -26.86 64.67
N TYR J 81 -15.67 -27.46 65.82
CA TYR J 81 -16.71 -28.03 66.67
C TYR J 81 -17.61 -26.94 67.23
N ILE J 82 -17.02 -25.81 67.62
CA ILE J 82 -17.84 -24.67 68.02
C ILE J 82 -18.70 -24.20 66.85
N GLN J 83 -18.15 -24.26 65.63
CA GLN J 83 -18.93 -23.98 64.44
C GLN J 83 -19.89 -25.14 64.13
N ALA J 84 -19.59 -26.32 64.67
CA ALA J 84 -20.42 -27.49 64.34
C ALA J 84 -21.82 -27.37 64.92
N ASN J 85 -21.92 -27.22 66.24
CA ASN J 85 -23.25 -27.19 66.83
C ASN J 85 -23.45 -25.96 67.70
N PRO J 86 -23.37 -24.74 67.15
CA PRO J 86 -23.72 -23.57 67.98
C PRO J 86 -25.18 -23.55 68.39
N GLN J 87 -26.10 -23.56 67.42
CA GLN J 87 -27.53 -23.68 67.68
C GLN J 87 -28.21 -24.09 66.39
N PRO J 88 -28.99 -25.17 66.37
CA PRO J 88 -29.49 -25.70 65.09
C PRO J 88 -30.43 -24.76 64.36
N GLN J 89 -31.19 -23.93 65.09
CA GLN J 89 -32.34 -23.29 64.45
C GLN J 89 -31.97 -21.93 63.85
N ALA J 90 -31.55 -20.98 64.69
CA ALA J 90 -31.41 -19.62 64.18
C ALA J 90 -30.56 -18.70 65.06
N VAL J 91 -30.23 -17.53 64.51
CA VAL J 91 -29.52 -16.46 65.21
C VAL J 91 -30.22 -15.17 64.86
N GLN J 92 -29.66 -14.04 65.29
CA GLN J 92 -30.38 -12.77 65.23
C GLN J 92 -29.72 -11.76 64.29
N VAL J 93 -29.39 -12.17 63.06
CA VAL J 93 -28.76 -11.26 62.12
C VAL J 93 -29.57 -11.08 60.84
N LEU J 94 -29.80 -12.16 60.08
CA LEU J 94 -30.53 -12.05 58.83
C LEU J 94 -31.68 -13.04 58.77
N LYS J 95 -32.35 -13.13 57.63
CA LYS J 95 -33.61 -13.84 57.53
C LYS J 95 -33.53 -15.00 56.55
N GLY J 96 -34.50 -15.90 56.66
CA GLY J 96 -34.73 -16.97 55.71
C GLY J 96 -33.59 -17.96 55.55
N MET J 97 -33.31 -18.74 56.60
CA MET J 97 -32.22 -19.70 56.55
C MET J 97 -32.22 -20.52 57.83
N THR J 98 -31.43 -21.59 57.84
CA THR J 98 -31.15 -22.40 59.02
C THR J 98 -29.65 -22.38 59.30
N THR J 99 -29.31 -22.29 60.58
CA THR J 99 -27.94 -21.96 60.99
C THR J 99 -26.92 -22.92 60.37
N ALA J 100 -27.25 -24.21 60.28
CA ALA J 100 -26.31 -25.19 59.76
C ALA J 100 -25.91 -24.84 58.33
N GLN J 101 -26.88 -24.77 57.42
CA GLN J 101 -26.54 -24.44 56.05
C GLN J 101 -26.11 -22.98 55.89
N ILE J 102 -26.46 -22.11 56.85
CA ILE J 102 -25.84 -20.79 56.89
C ILE J 102 -24.32 -20.93 56.99
N SER J 103 -23.86 -21.63 58.02
CA SER J 103 -22.43 -21.86 58.18
C SER J 103 -21.84 -22.54 56.95
N ALA J 104 -22.58 -23.49 56.37
CA ALA J 104 -22.11 -24.15 55.17
C ALA J 104 -21.85 -23.14 54.06
N TYR J 105 -22.85 -22.31 53.75
CA TYR J 105 -22.69 -21.26 52.76
C TYR J 105 -21.52 -20.35 53.08
N MET J 106 -21.34 -20.01 54.36
CA MET J 106 -20.28 -19.08 54.72
C MET J 106 -18.92 -19.70 54.45
N VAL J 107 -18.73 -20.97 54.82
CA VAL J 107 -17.46 -21.63 54.54
C VAL J 107 -17.29 -21.85 53.05
N ALA J 108 -18.39 -21.96 52.30
CA ALA J 108 -18.29 -22.21 50.87
C ALA J 108 -17.87 -20.97 50.10
N GLN J 109 -18.48 -19.83 50.41
CA GLN J 109 -18.30 -18.61 49.63
C GLN J 109 -17.49 -17.55 50.35
N VAL J 110 -17.82 -17.26 51.61
CA VAL J 110 -17.16 -16.19 52.34
C VAL J 110 -15.67 -16.51 52.50
N SER J 111 -15.29 -17.77 52.30
CA SER J 111 -13.88 -18.11 52.18
C SER J 111 -13.40 -17.73 50.79
N GLY J 112 -13.65 -16.48 50.39
CA GLY J 112 -13.31 -16.02 49.07
C GLY J 112 -12.30 -14.91 49.14
N GLY J 113 -11.62 -14.70 48.01
CA GLY J 113 -10.61 -13.67 47.91
C GLY J 113 -9.29 -14.05 48.54
N LEU J 114 -9.28 -14.95 49.51
CA LEU J 114 -8.05 -15.41 50.15
C LEU J 114 -8.39 -16.51 51.14
N LYS J 115 -7.39 -16.95 51.90
CA LYS J 115 -7.68 -17.75 53.08
C LYS J 115 -8.70 -17.02 53.93
N VAL J 116 -9.82 -17.69 54.17
CA VAL J 116 -10.89 -17.13 54.98
C VAL J 116 -10.31 -16.68 56.31
N ASP J 117 -9.46 -17.54 56.89
CA ASP J 117 -8.84 -17.24 58.17
C ASP J 117 -9.91 -16.99 59.22
N CYS J 118 -10.59 -18.07 59.63
CA CYS J 118 -11.77 -17.93 60.45
C CYS J 118 -11.39 -17.33 61.80
N SER J 119 -10.95 -16.07 61.70
CA SER J 119 -10.36 -15.20 62.69
C SER J 119 -10.42 -13.88 61.96
N TYR J 120 -9.70 -12.84 62.40
CA TYR J 120 -9.56 -11.63 61.60
C TYR J 120 -10.89 -10.89 61.49
N CYS J 121 -11.95 -11.50 61.99
CA CYS J 121 -13.32 -11.01 61.97
C CYS J 121 -14.16 -12.10 62.62
N HIS J 122 -15.45 -11.84 62.81
CA HIS J 122 -16.47 -12.81 63.17
C HIS J 122 -16.31 -13.32 64.60
N ASN J 123 -15.24 -12.96 65.32
CA ASN J 123 -15.19 -13.10 66.77
C ASN J 123 -15.41 -14.56 67.21
N ILE J 124 -14.38 -15.37 67.01
CA ILE J 124 -14.46 -16.83 66.98
C ILE J 124 -15.38 -17.41 68.06
N ALA J 125 -15.56 -16.71 69.18
CA ALA J 125 -16.62 -17.09 70.10
C ALA J 125 -17.98 -16.99 69.40
N ASN J 126 -18.61 -18.15 69.20
CA ASN J 126 -19.72 -18.28 68.25
C ASN J 126 -20.76 -17.19 68.42
N PHE J 127 -20.89 -16.64 69.63
CA PHE J 127 -21.83 -15.56 69.86
C PHE J 127 -21.50 -14.36 68.99
N ALA J 128 -22.54 -13.76 68.40
CA ALA J 128 -22.33 -12.61 67.53
C ALA J 128 -21.90 -11.40 68.33
N GLN J 129 -20.60 -11.10 68.29
CA GLN J 129 -20.01 -9.99 69.02
C GLN J 129 -19.96 -8.76 68.11
N GLN J 130 -20.78 -7.77 68.43
CA GLN J 130 -20.80 -6.53 67.66
C GLN J 130 -19.95 -5.43 68.27
N ASP J 131 -19.44 -5.63 69.48
CA ASP J 131 -18.59 -4.65 70.13
C ASP J 131 -17.47 -5.39 70.87
N GLY J 132 -16.23 -5.14 70.45
CA GLY J 132 -15.10 -5.79 71.09
C GLY J 132 -13.86 -5.65 70.26
N TYR J 133 -12.78 -6.25 70.77
CA TYR J 133 -11.46 -6.27 70.17
C TYR J 133 -11.42 -6.78 68.72
N PRO J 134 -12.12 -7.88 68.36
CA PRO J 134 -11.89 -8.46 67.03
C PRO J 134 -12.43 -7.61 65.88
N ASN J 135 -12.02 -6.34 65.86
CA ASN J 135 -12.10 -5.51 64.66
C ASN J 135 -13.52 -5.43 64.11
N ALA J 136 -14.48 -5.15 64.99
CA ALA J 136 -15.90 -5.18 64.63
C ALA J 136 -16.22 -4.29 63.44
N ALA J 137 -15.46 -3.20 63.27
CA ALA J 137 -15.71 -2.28 62.17
C ALA J 137 -15.59 -2.99 60.83
N LYS J 138 -14.60 -3.87 60.68
CA LYS J 138 -14.52 -4.71 59.50
C LYS J 138 -15.83 -5.47 59.30
N LYS J 139 -16.28 -6.15 60.36
CA LYS J 139 -17.57 -6.83 60.32
C LYS J 139 -18.68 -5.91 59.85
N VAL J 140 -18.58 -4.62 60.18
CA VAL J 140 -19.54 -3.65 59.64
C VAL J 140 -19.46 -3.62 58.12
N THR J 141 -18.29 -3.26 57.60
CA THR J 141 -18.14 -3.10 56.15
C THR J 141 -18.65 -4.32 55.40
N ALA J 142 -18.21 -5.50 55.82
CA ALA J 142 -18.68 -6.74 55.22
C ALA J 142 -20.19 -6.75 55.11
N ARG J 143 -20.89 -6.60 56.25
CA ARG J 143 -22.35 -6.56 56.23
C ARG J 143 -22.85 -5.55 55.21
N LYS J 144 -22.28 -4.34 55.24
CA LYS J 144 -22.60 -3.34 54.24
C LYS J 144 -22.51 -3.95 52.85
N MET J 145 -21.32 -4.42 52.49
CA MET J 145 -21.10 -5.02 51.19
C MET J 145 -22.02 -6.22 50.98
N MET J 146 -22.35 -6.94 52.06
CA MET J 146 -23.27 -8.08 51.94
C MET J 146 -24.56 -7.67 51.25
N LEU J 147 -25.07 -6.47 51.57
CA LEU J 147 -26.34 -6.05 51.00
C LEU J 147 -26.21 -5.66 49.53
N MET J 148 -24.99 -5.30 49.09
CA MET J 148 -24.82 -4.77 47.75
C MET J 148 -25.21 -5.79 46.70
N SER J 149 -24.47 -6.90 46.61
CA SER J 149 -24.65 -7.84 45.51
C SER J 149 -26.08 -8.35 45.44
N ALA J 150 -26.59 -8.91 46.53
CA ALA J 150 -27.93 -9.49 46.53
C ALA J 150 -29.02 -8.46 46.25
N ASP J 151 -28.68 -7.18 46.21
CA ASP J 151 -29.62 -6.16 45.79
C ASP J 151 -29.13 -5.34 44.61
N LEU J 152 -27.90 -5.59 44.14
CA LEU J 152 -27.42 -4.95 42.92
C LEU J 152 -27.86 -5.74 41.69
N ASN J 153 -27.49 -7.02 41.64
CA ASN J 153 -27.75 -7.82 40.44
C ASN J 153 -29.24 -7.92 40.18
N GLN J 154 -30.06 -7.89 41.23
CA GLN J 154 -31.51 -7.88 41.04
C GLN J 154 -31.94 -6.75 40.11
N ASN J 155 -31.35 -5.58 40.29
CA ASN J 155 -31.74 -4.44 39.46
C ASN J 155 -31.06 -4.48 38.11
N TYR J 156 -30.06 -5.35 37.95
CA TYR J 156 -29.30 -5.35 36.70
C TYR J 156 -29.01 -6.75 36.18
N THR J 157 -29.98 -7.65 36.22
CA THR J 157 -29.93 -8.84 35.39
C THR J 157 -31.16 -8.93 34.50
N ALA J 158 -31.92 -7.82 34.41
CA ALA J 158 -32.99 -7.74 33.42
C ALA J 158 -32.38 -7.32 32.10
N LYS J 159 -31.33 -8.03 31.69
CA LYS J 159 -30.69 -7.79 30.42
C LYS J 159 -30.28 -9.07 29.72
N LEU J 160 -30.56 -10.24 30.30
CA LEU J 160 -30.21 -11.54 29.72
C LEU J 160 -31.48 -12.36 29.52
N PRO J 161 -32.34 -11.98 28.60
CA PRO J 161 -33.54 -12.77 28.34
C PRO J 161 -33.24 -13.94 27.42
N ALA J 162 -32.14 -13.83 26.68
CA ALA J 162 -31.76 -14.75 25.62
C ALA J 162 -31.12 -16.01 26.14
N SER J 163 -31.29 -16.34 27.41
CA SER J 163 -30.68 -17.52 28.01
C SER J 163 -29.16 -17.46 27.90
N VAL J 164 -28.62 -16.27 28.17
CA VAL J 164 -27.16 -16.15 28.30
C VAL J 164 -26.68 -17.04 29.43
N GLY J 165 -27.55 -17.35 30.38
CA GLY J 165 -27.23 -18.21 31.50
C GLY J 165 -27.21 -17.42 32.79
N GLY J 166 -28.29 -17.52 33.56
CA GLY J 166 -28.42 -16.70 34.75
C GLY J 166 -27.29 -16.94 35.74
N TYR J 167 -26.38 -15.99 35.79
CA TYR J 167 -25.24 -16.05 36.70
C TYR J 167 -25.30 -14.83 37.61
N GLN J 168 -24.82 -15.01 38.83
CA GLN J 168 -24.88 -13.96 39.84
C GLN J 168 -23.48 -13.67 40.37
N ILE J 169 -23.20 -12.40 40.58
CA ILE J 169 -21.95 -11.95 41.19
C ILE J 169 -22.01 -12.35 42.66
N THR J 170 -20.92 -12.92 43.15
CA THR J 170 -20.88 -13.26 44.56
C THR J 170 -19.73 -12.50 45.24
N CYS J 171 -19.75 -12.52 46.57
CA CYS J 171 -18.69 -11.86 47.33
C CYS J 171 -17.33 -12.42 46.95
N ALA J 172 -17.29 -13.66 46.44
CA ALA J 172 -16.03 -14.21 45.97
C ALA J 172 -15.70 -13.71 44.57
N THR J 173 -16.72 -13.37 43.78
CA THR J 173 -16.48 -12.73 42.50
C THR J 173 -15.84 -11.38 42.73
N CYS J 174 -14.85 -11.05 41.89
CA CYS J 174 -14.17 -9.77 41.89
C CYS J 174 -13.26 -9.61 43.11
N HIS J 175 -13.34 -10.57 44.04
CA HIS J 175 -12.33 -10.73 45.08
C HIS J 175 -11.58 -11.99 44.70
N ASN J 176 -10.62 -11.86 43.82
CA ASN J 176 -9.78 -12.99 43.43
C ASN J 176 -8.81 -13.28 44.57
N GLY J 177 -7.91 -14.23 44.37
CA GLY J 177 -7.14 -14.72 45.50
C GLY J 177 -6.14 -13.75 46.08
N LYS J 178 -6.59 -12.54 46.41
CA LYS J 178 -5.81 -11.62 47.23
C LYS J 178 -6.57 -11.08 48.43
N ALA J 179 -7.84 -10.72 48.28
CA ALA J 179 -8.67 -10.17 49.35
C ALA J 179 -8.04 -8.97 50.04
N ALA J 180 -7.03 -8.38 49.43
CA ALA J 180 -6.31 -7.26 50.02
C ALA J 180 -5.56 -6.49 48.95
N GLY J 181 -5.76 -5.19 48.94
CA GLY J 181 -5.11 -4.34 47.94
C GLY J 181 -5.48 -4.69 46.52
N LEU J 182 -6.73 -5.14 46.31
CA LEU J 182 -7.19 -5.43 44.97
C LEU J 182 -7.11 -4.17 44.11
N GLU J 183 -7.02 -4.37 42.81
CA GLU J 183 -6.66 -3.24 41.96
C GLU J 183 -7.03 -3.46 40.50
N PRO J 184 -7.71 -2.51 39.89
CA PRO J 184 -7.80 -2.49 38.43
C PRO J 184 -6.57 -1.83 37.86
N TYR J 185 -6.57 -1.66 36.55
CA TYR J 185 -5.50 -0.98 35.83
C TYR J 185 -4.09 -1.47 36.19
N PRO J 186 -3.85 -2.77 36.16
CA PRO J 186 -2.48 -3.25 36.41
C PRO J 186 -1.60 -2.99 35.21
N ILE J 187 -0.29 -2.97 35.45
CA ILE J 187 0.65 -2.58 34.41
C ILE J 187 0.68 -3.56 33.25
N GLU J 188 -0.01 -4.69 33.35
CA GLU J 188 -0.13 -5.58 32.18
C GLU J 188 -1.31 -5.16 31.31
N ILE J 189 -1.42 -3.85 31.12
CA ILE J 189 -2.43 -3.18 30.29
C ILE J 189 -1.69 -1.95 29.76
N MET J 190 -2.34 -1.18 28.88
CA MET J 190 -1.84 0.12 28.47
C MET J 190 -0.57 -0.02 27.63
N ASN J 191 -0.62 -0.91 26.63
CA ASN J 191 0.48 -0.99 25.68
C ASN J 191 0.47 0.18 24.71
N THR J 192 -0.70 0.76 24.48
CA THR J 192 -0.85 1.93 23.63
C THR J 192 -1.72 2.96 24.34
N LEU J 193 -1.39 3.23 25.59
CA LEU J 193 -2.19 4.08 26.44
C LEU J 193 -1.28 4.92 27.31
N PRO J 194 -1.68 6.15 27.64
CA PRO J 194 -0.91 6.94 28.60
C PRO J 194 -0.88 6.27 29.96
N ASN J 195 0.27 6.37 30.63
CA ASN J 195 0.47 5.67 31.91
C ASN J 195 -0.63 6.00 32.91
N ASP J 196 -1.08 7.25 32.93
CA ASP J 196 -2.25 7.63 33.71
C ASP J 196 -3.50 7.47 32.86
N TRP J 197 -4.60 7.06 33.51
CA TRP J 197 -5.83 6.81 32.79
C TRP J 197 -6.95 6.50 33.79
N ARG J 198 -8.18 6.64 33.31
CA ARG J 198 -9.36 6.24 34.05
C ARG J 198 -10.48 5.99 33.04
N LEU J 199 -11.70 5.89 33.54
CA LEU J 199 -12.72 5.64 32.53
C LEU J 199 -13.58 6.88 32.34
N PRO J 200 -13.98 7.23 31.12
CA PRO J 200 -14.90 8.37 30.93
C PRO J 200 -16.30 8.00 31.43
N LEU J 201 -16.47 8.12 32.74
CA LEU J 201 -17.55 7.48 33.47
C LEU J 201 -18.57 8.46 34.02
N GLU J 202 -18.53 9.73 33.62
CA GLU J 202 -19.38 10.73 34.27
C GLU J 202 -20.67 10.96 33.50
N LEU J 203 -20.57 11.18 32.18
CA LEU J 203 -21.65 11.83 31.46
C LEU J 203 -22.83 10.89 31.21
N ASP J 204 -23.90 11.47 30.63
CA ASP J 204 -25.09 10.71 30.29
C ASP J 204 -24.74 9.63 29.28
N TYR J 205 -24.75 8.39 29.73
CA TYR J 205 -24.01 7.37 29.01
C TYR J 205 -24.71 6.86 27.75
N PRO J 206 -26.00 6.48 27.79
CA PRO J 206 -26.63 6.00 26.56
C PRO J 206 -26.74 7.13 25.55
N GLY J 207 -25.88 7.08 24.53
CA GLY J 207 -25.74 8.21 23.64
C GLY J 207 -24.73 9.24 24.07
N GLY J 208 -23.61 8.81 24.66
CA GLY J 208 -22.61 9.77 25.10
C GLY J 208 -21.36 9.75 24.25
N LEU J 209 -20.96 8.56 23.78
CA LEU J 209 -19.86 8.42 22.85
C LEU J 209 -20.43 8.40 21.44
N VAL J 210 -20.53 9.57 20.83
CA VAL J 210 -21.40 9.79 19.68
C VAL J 210 -20.66 10.37 18.49
N VAL J 211 -19.38 10.02 18.35
CA VAL J 211 -18.51 10.59 17.32
C VAL J 211 -19.12 10.61 15.93
N THR J 212 -19.70 9.49 15.50
CA THR J 212 -19.99 9.29 14.07
C THR J 212 -20.88 10.38 13.50
N GLY J 213 -20.34 11.16 12.57
CA GLY J 213 -21.12 12.07 11.77
C GLY J 213 -21.70 13.25 12.52
N ARG J 214 -20.84 14.15 13.01
CA ARG J 214 -21.32 15.36 13.69
C ARG J 214 -20.33 16.47 13.43
N LYS J 215 -20.74 17.48 12.66
CA LYS J 215 -19.86 18.58 12.30
C LYS J 215 -19.32 19.35 13.49
N ASP J 216 -19.89 19.19 14.68
CA ASP J 216 -19.61 20.08 15.78
C ASP J 216 -18.62 19.51 16.80
N VAL J 217 -18.23 18.23 16.69
CA VAL J 217 -17.61 17.62 17.85
C VAL J 217 -16.11 17.87 17.88
N SER J 218 -15.34 17.23 16.99
CA SER J 218 -13.89 17.22 17.14
C SER J 218 -13.16 16.39 16.10
N ASN J 219 -11.83 16.46 16.14
CA ASN J 219 -10.99 15.34 15.73
C ASN J 219 -10.40 14.66 16.96
N HIS J 220 -10.47 15.33 18.11
CA HIS J 220 -9.80 14.86 19.31
C HIS J 220 -10.71 13.93 20.12
N GLU J 221 -11.99 14.27 20.22
CA GLU J 221 -12.95 13.40 20.90
C GLU J 221 -12.96 12.02 20.28
N VAL J 222 -12.65 11.93 18.98
CA VAL J 222 -12.56 10.64 18.33
C VAL J 222 -11.55 9.74 19.03
N GLU J 223 -10.32 10.25 19.20
CA GLU J 223 -9.29 9.50 19.91
C GLU J 223 -9.69 9.22 21.34
N GLN J 224 -10.31 10.21 21.99
CA GLN J 224 -10.77 10.01 23.36
C GLN J 224 -11.72 8.83 23.45
N ASN J 225 -12.54 8.63 22.43
CA ASN J 225 -13.44 7.48 22.37
C ASN J 225 -12.68 6.20 22.05
N GLN J 226 -11.73 6.29 21.13
CA GLN J 226 -10.99 5.11 20.70
C GLN J 226 -10.27 4.44 21.86
N PHE J 227 -9.69 5.23 22.76
CA PHE J 227 -9.00 4.60 23.89
C PHE J 227 -9.98 3.75 24.71
N ALA J 228 -11.15 4.29 25.02
CA ALA J 228 -12.12 3.54 25.79
C ALA J 228 -12.56 2.29 25.05
N MET J 229 -12.79 2.40 23.75
CA MET J 229 -13.13 1.23 22.96
C MET J 229 -12.05 0.15 23.07
N TYR J 230 -10.78 0.54 22.94
CA TYR J 230 -9.75 -0.47 22.96
C TYR J 230 -9.65 -1.14 24.32
N HIS J 231 -9.79 -0.36 25.39
CA HIS J 231 -9.86 -0.97 26.72
C HIS J 231 -10.99 -1.98 26.77
N MET J 232 -12.16 -1.59 26.26
CA MET J 232 -13.30 -2.49 26.25
C MET J 232 -12.96 -3.80 25.56
N ASN J 233 -12.29 -3.72 24.41
CA ASN J 233 -11.89 -4.93 23.70
C ASN J 233 -10.96 -5.77 24.55
N VAL J 234 -9.79 -5.22 24.89
CA VAL J 234 -8.75 -6.02 25.55
C VAL J 234 -9.28 -6.59 26.87
N SER J 235 -10.33 -6.00 27.44
CA SER J 235 -10.98 -6.60 28.58
C SER J 235 -11.51 -7.98 28.21
N MET J 236 -12.46 -8.02 27.29
CA MET J 236 -13.03 -9.28 26.87
C MET J 236 -12.02 -10.07 26.03
N GLY J 237 -12.36 -11.33 25.80
CA GLY J 237 -11.50 -12.19 25.02
C GLY J 237 -11.47 -11.83 23.55
N GLN J 238 -12.59 -12.02 22.85
CA GLN J 238 -12.59 -11.89 21.40
C GLN J 238 -12.24 -10.49 20.97
N GLY J 239 -11.70 -10.37 19.76
CA GLY J 239 -11.11 -9.13 19.31
C GLY J 239 -11.99 -8.16 18.55
N CYS J 240 -12.99 -7.59 19.23
CA CYS J 240 -13.60 -6.35 18.79
C CYS J 240 -14.37 -6.47 17.48
N THR J 241 -15.05 -7.61 17.29
CA THR J 241 -15.97 -7.73 16.16
C THR J 241 -17.33 -8.29 16.53
N PHE J 242 -17.48 -8.96 17.67
CA PHE J 242 -18.82 -9.38 18.08
C PHE J 242 -19.57 -8.19 18.67
N CYS J 243 -19.48 -7.09 17.93
CA CYS J 243 -20.20 -5.85 18.13
C CYS J 243 -19.80 -4.96 16.97
N HIS J 244 -20.60 -3.91 16.73
CA HIS J 244 -20.29 -2.82 15.81
C HIS J 244 -20.36 -3.23 14.34
N ASN J 245 -20.43 -4.53 14.05
CA ASN J 245 -20.65 -5.06 12.71
C ASN J 245 -19.66 -4.56 11.66
N ALA J 246 -18.65 -3.79 12.07
CA ALA J 246 -17.49 -3.48 11.25
C ALA J 246 -17.79 -2.77 9.94
N ARG J 247 -19.05 -2.43 9.68
CA ARG J 247 -19.39 -1.75 8.43
C ARG J 247 -19.95 -0.36 8.65
N TYR J 248 -20.99 -0.24 9.47
CA TYR J 248 -21.55 1.07 9.85
C TYR J 248 -21.82 1.01 11.35
N PHE J 249 -20.82 1.46 12.12
CA PHE J 249 -20.81 1.26 13.57
C PHE J 249 -22.12 1.58 14.27
N PRO J 250 -22.86 2.66 13.96
CA PRO J 250 -24.10 2.92 14.69
C PRO J 250 -25.15 1.83 14.57
N SER J 251 -24.93 0.80 13.74
CA SER J 251 -25.90 -0.28 13.64
C SER J 251 -25.95 -1.06 14.95
N TYR J 252 -26.97 -1.90 15.08
CA TYR J 252 -27.08 -2.75 16.26
C TYR J 252 -27.55 -4.16 15.94
N GLU J 253 -27.58 -4.56 14.66
CA GLU J 253 -28.13 -5.87 14.29
C GLU J 253 -27.14 -6.97 14.61
N ILE J 254 -26.78 -7.05 15.90
CA ILE J 254 -25.95 -8.13 16.42
C ILE J 254 -26.54 -8.77 17.67
N ALA J 255 -27.48 -8.12 18.35
CA ALA J 255 -28.05 -8.59 19.62
C ALA J 255 -26.97 -8.75 20.68
N GLN J 256 -25.93 -7.92 20.59
CA GLN J 256 -24.85 -7.99 21.55
C GLN J 256 -24.52 -6.59 22.08
N LYS J 257 -24.70 -5.57 21.23
CA LYS J 257 -24.41 -4.21 21.64
C LYS J 257 -25.43 -3.70 22.65
N ASN J 258 -26.70 -3.66 22.24
CA ASN J 258 -27.77 -3.27 23.15
C ASN J 258 -27.85 -4.16 24.38
N HIS J 259 -27.09 -5.25 24.37
CA HIS J 259 -26.98 -6.20 25.46
C HIS J 259 -25.91 -5.79 26.48
N SER J 260 -25.27 -4.64 26.29
CA SER J 260 -24.11 -4.27 27.10
C SER J 260 -24.27 -2.91 27.77
N ILE J 261 -24.95 -1.97 27.11
CA ILE J 261 -25.14 -0.65 27.70
C ILE J 261 -25.84 -0.74 29.05
N ILE J 262 -26.62 -1.80 29.26
CA ILE J 262 -27.26 -1.98 30.56
C ILE J 262 -26.21 -2.21 31.63
N MET J 263 -25.22 -3.05 31.32
CA MET J 263 -24.11 -3.24 32.25
C MET J 263 -23.29 -1.96 32.42
N LEU J 264 -23.18 -1.17 31.36
CA LEU J 264 -22.50 0.12 31.50
C LEU J 264 -23.24 1.02 32.48
N GLN J 265 -24.57 1.06 32.40
CA GLN J 265 -25.36 1.76 33.39
C GLN J 265 -25.10 1.18 34.78
N MET J 266 -24.99 -0.15 34.86
CA MET J 266 -24.66 -0.81 36.12
C MET J 266 -23.40 -0.23 36.74
N THR J 267 -22.32 -0.19 35.97
CA THR J 267 -21.05 0.25 36.54
C THR J 267 -21.07 1.75 36.85
N LYS J 268 -21.76 2.55 36.03
CA LYS J 268 -21.91 3.95 36.38
C LYS J 268 -22.65 4.10 37.69
N HIS J 269 -23.68 3.29 37.90
CA HIS J 269 -24.42 3.34 39.16
C HIS J 269 -23.54 2.95 40.34
N ILE J 270 -22.70 1.92 40.15
CA ILE J 270 -21.76 1.53 41.20
C ILE J 270 -20.87 2.70 41.58
N GLN J 271 -20.23 3.30 40.59
CA GLN J 271 -19.30 4.39 40.90
C GLN J 271 -20.03 5.59 41.49
N GLU J 272 -21.29 5.80 41.13
CA GLU J 272 -22.00 6.96 41.64
C GLU J 272 -22.55 6.74 43.04
N THR J 273 -22.82 5.49 43.43
CA THR J 273 -23.52 5.23 44.67
C THR J 273 -22.73 4.41 45.68
N TYR J 274 -21.48 4.07 45.41
CA TYR J 274 -20.72 3.30 46.38
C TYR J 274 -19.28 3.76 46.59
N VAL J 275 -18.80 4.77 45.88
CA VAL J 275 -17.44 5.24 46.11
C VAL J 275 -17.34 6.75 46.28
N ALA J 276 -18.33 7.54 45.87
CA ALA J 276 -18.20 8.98 46.07
C ALA J 276 -19.55 9.66 46.19
N PRO J 277 -20.30 9.44 47.29
CA PRO J 277 -21.45 10.31 47.55
C PRO J 277 -21.05 11.73 47.88
N GLY J 278 -19.79 11.97 48.22
CA GLY J 278 -19.30 13.28 48.56
C GLY J 278 -18.15 13.22 49.56
N GLY J 279 -17.08 13.97 49.29
CA GLY J 279 -15.93 13.97 50.16
C GLY J 279 -14.98 12.80 49.99
N ARG J 280 -15.32 11.83 49.16
CA ARG J 280 -14.44 10.74 48.76
C ARG J 280 -14.21 9.75 49.90
N ILE J 281 -14.68 10.09 51.11
CA ILE J 281 -14.80 9.13 52.19
C ILE J 281 -16.15 9.34 52.85
N ALA J 282 -17.16 8.62 52.39
CA ALA J 282 -18.51 8.74 52.96
C ALA J 282 -19.26 7.46 52.60
N ASP J 283 -19.33 6.53 53.54
CA ASP J 283 -19.82 5.18 53.29
C ASP J 283 -19.03 4.49 52.17
N GLY J 284 -17.85 5.02 51.86
CA GLY J 284 -17.06 4.49 50.77
C GLY J 284 -16.54 3.10 51.05
N ILE J 285 -15.81 2.58 50.07
CA ILE J 285 -15.17 1.26 50.18
C ILE J 285 -13.74 1.44 49.68
N MET J 286 -12.82 1.73 50.61
CA MET J 286 -11.39 1.79 50.38
C MET J 286 -10.99 2.84 49.33
N ALA J 287 -11.96 3.59 48.83
CA ALA J 287 -11.72 4.63 47.84
C ALA J 287 -10.92 4.11 46.64
N GLY J 288 -11.13 2.85 46.28
CA GLY J 288 -10.51 2.33 45.08
C GLY J 288 -10.83 3.15 43.85
N LYS J 289 -12.02 3.74 43.81
CA LYS J 289 -12.40 4.80 42.88
C LYS J 289 -12.38 4.36 41.42
N SER J 290 -12.30 3.06 41.15
CA SER J 290 -12.23 2.58 39.76
C SER J 290 -12.85 1.20 39.67
N PRO J 291 -14.15 1.12 39.49
CA PRO J 291 -14.74 -0.14 38.98
C PRO J 291 -14.50 -0.21 37.48
N SER J 292 -13.31 -0.67 37.12
CA SER J 292 -12.88 -0.67 35.72
C SER J 292 -13.74 -1.61 34.89
N CYS J 293 -13.54 -1.52 33.57
CA CYS J 293 -14.38 -2.30 32.66
C CYS J 293 -14.12 -3.79 32.81
N TRP J 294 -12.90 -4.19 33.17
CA TRP J 294 -12.62 -5.57 33.48
C TRP J 294 -12.10 -5.65 34.91
N LEU J 295 -12.91 -6.22 35.79
CA LEU J 295 -12.42 -6.63 37.08
C LEU J 295 -13.01 -8.02 37.32
N CYS J 296 -13.94 -8.39 36.44
CA CYS J 296 -14.54 -9.72 36.50
C CYS J 296 -14.48 -10.41 35.14
N HIS J 297 -14.45 -9.63 34.06
CA HIS J 297 -14.34 -10.19 32.72
C HIS J 297 -12.88 -10.36 32.32
N GLN J 298 -12.07 -11.01 33.16
CA GLN J 298 -10.64 -11.07 32.90
C GLN J 298 -10.33 -11.78 31.59
N GLY J 299 -11.00 -12.89 31.34
CA GLY J 299 -10.92 -13.55 30.06
C GLY J 299 -12.14 -13.22 29.24
N ALA J 300 -13.10 -14.14 29.21
CA ALA J 300 -14.41 -13.88 28.62
C ALA J 300 -15.47 -14.56 29.46
N ASN J 301 -16.51 -13.79 29.81
CA ASN J 301 -17.75 -14.27 30.43
C ASN J 301 -17.63 -14.69 31.88
N ILE J 302 -16.96 -13.91 32.73
CA ILE J 302 -17.12 -14.01 34.18
C ILE J 302 -16.73 -15.36 34.74
N PRO J 303 -15.45 -15.67 34.87
CA PRO J 303 -15.03 -16.92 35.50
C PRO J 303 -15.70 -17.19 36.84
N PRO J 304 -15.90 -16.20 37.74
CA PRO J 304 -16.50 -16.56 39.03
C PRO J 304 -17.97 -16.99 38.98
N GLY J 305 -18.84 -16.21 38.35
CA GLY J 305 -20.27 -16.35 38.58
C GLY J 305 -20.76 -17.78 38.42
N ALA J 306 -21.78 -18.12 39.20
CA ALA J 306 -22.29 -19.48 39.31
C ALA J 306 -23.67 -19.60 38.68
N ALA J 307 -24.20 -20.82 38.65
CA ALA J 307 -25.47 -21.12 38.00
C ALA J 307 -26.44 -21.74 38.99
N LYS J 308 -27.18 -20.90 39.70
CA LYS J 308 -28.24 -21.29 40.64
C LYS J 308 -27.75 -22.17 41.79
N PRO J 309 -26.74 -21.74 42.58
CA PRO J 309 -26.57 -22.49 43.83
C PRO J 309 -27.19 -21.77 45.02
N PRO K 11 -6.47 39.86 -36.18
CA PRO K 11 -5.11 39.37 -36.42
C PRO K 11 -4.06 40.18 -35.66
N ASP K 12 -2.98 40.54 -36.35
CA ASP K 12 -1.90 41.33 -35.74
C ASP K 12 -1.74 42.70 -36.39
N GLN K 13 -1.72 42.76 -37.72
CA GLN K 13 -1.61 44.02 -38.44
C GLN K 13 -2.96 44.73 -38.34
N TRP K 14 -3.20 45.31 -37.17
CA TRP K 14 -4.50 45.88 -36.84
C TRP K 14 -4.88 47.07 -37.72
N LYS K 15 -4.01 47.51 -38.62
CA LYS K 15 -4.35 48.61 -39.51
C LYS K 15 -5.58 48.27 -40.33
N PRO K 16 -5.48 47.30 -41.25
CA PRO K 16 -6.64 46.96 -42.09
C PRO K 16 -7.55 45.91 -41.48
N LEU K 17 -8.59 45.53 -42.21
CA LEU K 17 -9.52 44.49 -41.77
C LEU K 17 -9.84 43.56 -42.93
N PHE K 18 -8.82 43.17 -43.69
CA PHE K 18 -9.00 42.31 -44.84
C PHE K 18 -7.78 41.39 -45.00
N ASN K 19 -8.04 40.21 -45.56
CA ASN K 19 -7.00 39.19 -45.77
C ASN K 19 -6.36 38.75 -44.45
N ASN K 20 -7.21 38.25 -43.55
CA ASN K 20 -6.71 37.75 -42.27
C ASN K 20 -7.21 36.34 -42.01
N ALA K 21 -8.40 36.03 -42.54
CA ALA K 21 -9.03 34.72 -42.42
C ALA K 21 -9.35 34.35 -40.97
N GLN K 22 -9.12 35.28 -40.04
CA GLN K 22 -9.46 35.07 -38.65
C GLN K 22 -10.45 36.09 -38.12
N TRP K 23 -10.71 37.16 -38.88
CA TRP K 23 -11.61 38.21 -38.44
C TRP K 23 -13.03 37.70 -38.26
N LEU K 24 -13.45 36.78 -39.14
CA LEU K 24 -14.85 36.34 -39.15
C LEU K 24 -15.23 35.65 -37.85
N VAL K 25 -14.32 34.84 -37.30
CA VAL K 25 -14.60 34.16 -36.05
C VAL K 25 -14.85 35.19 -34.95
N HIS K 26 -14.06 36.26 -34.94
CA HIS K 26 -14.24 37.30 -33.94
C HIS K 26 -15.58 37.99 -34.11
N ASP K 27 -15.97 38.28 -35.36
CA ASP K 27 -17.30 38.82 -35.61
C ASP K 27 -18.39 37.92 -35.03
N ILE K 28 -18.30 36.62 -35.34
CA ILE K 28 -19.29 35.66 -34.89
C ILE K 28 -19.39 35.70 -33.37
N VAL K 29 -18.26 35.57 -32.69
CA VAL K 29 -18.33 35.44 -31.23
C VAL K 29 -18.76 36.75 -30.58
N VAL K 30 -18.42 37.90 -31.17
CA VAL K 30 -18.84 39.15 -30.53
C VAL K 30 -20.34 39.33 -30.65
N LYS K 31 -20.91 39.04 -31.82
CA LYS K 31 -22.37 39.12 -31.89
C LYS K 31 -23.03 38.06 -31.04
N THR K 32 -22.38 36.90 -30.87
CA THR K 32 -22.90 35.87 -29.99
C THR K 32 -23.01 36.37 -28.56
N ILE K 33 -21.91 36.88 -28.01
CA ILE K 33 -21.93 37.37 -26.63
C ILE K 33 -22.87 38.54 -26.49
N TYR K 34 -22.93 39.41 -27.50
CA TYR K 34 -23.92 40.48 -27.53
C TYR K 34 -25.32 39.92 -27.25
N GLY K 35 -25.78 39.00 -28.09
CA GLY K 35 -27.10 38.44 -27.92
C GLY K 35 -27.28 37.71 -26.59
N GLY K 36 -26.26 36.97 -26.18
CA GLY K 36 -26.37 36.21 -24.93
C GLY K 36 -26.51 37.11 -23.72
N LEU K 37 -25.68 38.15 -23.65
CA LEU K 37 -25.81 39.12 -22.57
C LEU K 37 -27.19 39.76 -22.56
N ILE K 38 -27.73 40.07 -23.74
CA ILE K 38 -29.08 40.64 -23.78
C ILE K 38 -30.09 39.66 -23.18
N ILE K 39 -30.00 38.39 -23.60
CA ILE K 39 -30.91 37.38 -23.06
C ILE K 39 -30.78 37.30 -21.54
N ALA K 40 -29.56 37.37 -21.03
CA ALA K 40 -29.36 37.28 -19.58
C ALA K 40 -29.94 38.49 -18.88
N VAL K 41 -29.81 39.68 -19.48
CA VAL K 41 -30.44 40.87 -18.94
C VAL K 41 -31.92 40.64 -18.76
N ILE K 42 -32.56 40.05 -19.78
CA ILE K 42 -33.99 39.74 -19.66
C ILE K 42 -34.21 38.75 -18.52
N ALA K 43 -33.40 37.70 -18.48
CA ALA K 43 -33.66 36.57 -17.59
C ALA K 43 -33.56 36.98 -16.13
N HIS K 44 -32.42 37.55 -15.72
CA HIS K 44 -32.24 37.93 -14.34
C HIS K 44 -33.37 38.84 -13.85
N VAL K 45 -33.64 39.91 -14.59
CA VAL K 45 -34.71 40.82 -14.20
C VAL K 45 -36.03 40.07 -14.07
N LEU K 46 -36.28 39.15 -15.00
CA LEU K 46 -37.51 38.36 -14.90
C LEU K 46 -37.54 37.57 -13.60
N CYS K 47 -36.40 37.04 -13.16
CA CYS K 47 -36.38 36.25 -11.95
C CYS K 47 -36.69 37.08 -10.72
N TRP K 48 -36.40 38.38 -10.76
CA TRP K 48 -36.72 39.27 -9.64
C TRP K 48 -38.21 39.29 -9.34
N ALA K 49 -39.05 38.84 -10.27
CA ALA K 49 -40.49 39.03 -10.17
C ALA K 49 -41.09 38.36 -8.95
N TRP K 50 -41.07 37.03 -8.89
CA TRP K 50 -41.77 36.32 -7.83
C TRP K 50 -40.88 36.06 -6.61
N THR K 51 -39.75 36.74 -6.52
CA THR K 51 -38.94 36.76 -5.30
C THR K 51 -37.87 37.83 -5.43
N PRO K 52 -37.57 38.56 -4.35
CA PRO K 52 -36.54 39.61 -4.44
C PRO K 52 -35.17 39.07 -4.04
N TRP K 53 -35.18 37.93 -3.35
CA TRP K 53 -33.99 37.27 -2.82
C TRP K 53 -33.09 38.22 -2.03
N ILE K 54 -33.65 39.35 -1.58
CA ILE K 54 -32.93 40.37 -0.82
C ILE K 54 -31.65 40.78 -1.51
N PRO L 11 7.31 47.39 -24.19
CA PRO L 11 8.48 46.80 -24.86
C PRO L 11 9.80 47.29 -24.27
N ASP L 12 10.92 46.79 -24.80
CA ASP L 12 12.22 47.24 -24.32
C ASP L 12 12.46 48.69 -24.67
N GLN L 13 12.53 49.00 -25.96
CA GLN L 13 12.49 50.39 -26.39
C GLN L 13 11.18 51.01 -25.97
N TRP L 14 11.27 52.12 -25.25
CA TRP L 14 10.06 52.69 -24.65
C TRP L 14 9.93 54.18 -24.91
N LYS L 15 11.01 54.83 -25.36
CA LYS L 15 10.94 56.26 -25.65
C LYS L 15 9.90 56.56 -26.71
N PRO L 16 9.88 55.92 -27.86
CA PRO L 16 8.80 56.11 -28.83
C PRO L 16 7.63 55.19 -28.51
N LEU L 17 6.61 55.23 -29.38
CA LEU L 17 5.45 54.37 -29.21
C LEU L 17 5.29 53.41 -30.37
N PHE L 18 5.43 53.90 -31.59
CA PHE L 18 5.14 53.12 -32.79
C PHE L 18 6.10 51.95 -32.95
N ASN L 19 5.71 51.01 -33.80
CA ASN L 19 6.48 49.81 -34.12
C ASN L 19 6.76 48.97 -32.89
N ASN L 20 5.68 48.62 -32.20
CA ASN L 20 5.74 47.66 -31.11
C ASN L 20 4.73 46.54 -31.26
N ALA L 21 3.53 46.84 -31.74
CA ALA L 21 2.48 45.87 -32.04
C ALA L 21 1.91 45.23 -30.79
N GLN L 22 2.49 45.51 -29.63
CA GLN L 22 1.96 45.07 -28.36
C GLN L 22 1.28 46.18 -27.58
N TRP L 23 1.58 47.44 -27.92
CA TRP L 23 1.00 48.60 -27.24
C TRP L 23 -0.52 48.52 -27.17
N LEU L 24 -1.15 47.96 -28.20
CA LEU L 24 -2.61 47.89 -28.24
C LEU L 24 -3.17 47.14 -27.03
N VAL L 25 -2.49 46.06 -26.63
CA VAL L 25 -2.99 45.28 -25.50
C VAL L 25 -2.99 46.10 -24.22
N HIS L 26 -1.92 46.86 -24.01
CA HIS L 26 -1.86 47.73 -22.84
C HIS L 26 -2.96 48.80 -22.91
N ASP L 27 -3.20 49.34 -24.11
CA ASP L 27 -4.26 50.34 -24.27
C ASP L 27 -5.62 49.74 -23.98
N ILE L 28 -5.80 48.44 -24.24
CA ILE L 28 -7.06 47.79 -23.88
C ILE L 28 -7.16 47.63 -22.37
N VAL L 29 -6.09 47.12 -21.76
CA VAL L 29 -6.21 46.71 -20.36
C VAL L 29 -6.32 47.92 -19.44
N VAL L 30 -5.78 49.07 -19.84
CA VAL L 30 -5.90 50.25 -18.98
C VAL L 30 -7.36 50.65 -18.84
N LYS L 31 -8.08 50.71 -19.96
CA LYS L 31 -9.52 51.01 -19.91
C LYS L 31 -10.27 49.91 -19.17
N THR L 32 -9.86 48.65 -19.38
CA THR L 32 -10.46 47.55 -18.64
C THR L 32 -10.42 47.80 -17.14
N ILE L 33 -9.22 48.08 -16.63
CA ILE L 33 -9.06 48.30 -15.20
C ILE L 33 -9.79 49.54 -14.74
N TYR L 34 -9.81 50.60 -15.54
CA TYR L 34 -10.57 51.78 -15.17
C TYR L 34 -12.02 51.42 -14.90
N GLY L 35 -12.67 50.76 -15.87
CA GLY L 35 -14.05 50.36 -15.69
C GLY L 35 -14.24 49.45 -14.48
N GLY L 36 -13.36 48.46 -14.34
CA GLY L 36 -13.48 47.54 -13.23
C GLY L 36 -13.38 48.24 -11.89
N LEU L 37 -12.43 49.15 -11.75
CA LEU L 37 -12.27 49.88 -10.50
C LEU L 37 -13.49 50.70 -10.18
N ILE L 38 -14.01 51.46 -11.15
CA ILE L 38 -15.14 52.32 -10.83
C ILE L 38 -16.36 51.48 -10.47
N ILE L 39 -16.55 50.34 -11.15
CA ILE L 39 -17.70 49.48 -10.85
C ILE L 39 -17.57 48.89 -9.44
N ALA L 40 -16.38 48.39 -9.11
CA ALA L 40 -16.18 47.81 -7.78
C ALA L 40 -16.32 48.86 -6.69
N VAL L 41 -15.91 50.10 -6.96
CA VAL L 41 -16.11 51.16 -5.98
C VAL L 41 -17.59 51.38 -5.73
N ILE L 42 -18.36 51.55 -6.81
CA ILE L 42 -19.80 51.70 -6.66
C ILE L 42 -20.38 50.53 -5.89
N ALA L 43 -19.85 49.32 -6.12
CA ALA L 43 -20.40 48.13 -5.46
C ALA L 43 -20.17 48.18 -3.96
N HIS L 44 -18.90 48.28 -3.55
CA HIS L 44 -18.59 48.41 -2.13
C HIS L 44 -19.36 49.55 -1.49
N VAL L 45 -19.62 50.63 -2.23
CA VAL L 45 -20.42 51.73 -1.69
C VAL L 45 -21.83 51.26 -1.42
N LEU L 46 -22.50 50.73 -2.45
CA LEU L 46 -23.91 50.42 -2.32
C LEU L 46 -24.15 49.31 -1.31
N CYS L 47 -23.15 48.46 -1.06
CA CYS L 47 -23.35 47.40 -0.07
C CYS L 47 -23.56 47.93 1.34
N TRP L 48 -23.30 49.21 1.60
CA TRP L 48 -23.53 49.80 2.90
C TRP L 48 -25.01 49.96 3.23
N ALA L 49 -25.89 49.70 2.26
CA ALA L 49 -27.30 50.04 2.40
C ALA L 49 -27.91 49.47 3.68
N TRP L 50 -27.88 48.15 3.83
CA TRP L 50 -28.59 47.51 4.94
C TRP L 50 -27.66 46.83 5.94
N THR L 51 -26.34 47.01 5.81
CA THR L 51 -25.42 46.49 6.81
C THR L 51 -24.30 47.50 7.00
N PRO L 52 -24.04 47.92 8.24
CA PRO L 52 -22.75 48.56 8.55
C PRO L 52 -21.56 47.62 8.35
N TRP L 53 -21.79 46.32 8.50
CA TRP L 53 -20.86 45.22 8.23
C TRP L 53 -19.58 45.31 9.05
N ILE L 54 -19.43 46.36 9.86
CA ILE L 54 -18.21 46.51 10.64
C ILE L 54 -18.54 46.71 12.11
N PRO M 11 10.35 -48.36 -34.50
CA PRO M 11 10.68 -49.21 -35.66
C PRO M 11 9.72 -48.99 -36.83
N ASP M 12 10.19 -48.26 -37.84
CA ASP M 12 9.34 -47.97 -39.00
C ASP M 12 8.92 -49.26 -39.70
N GLN M 13 9.90 -50.00 -40.24
CA GLN M 13 9.61 -51.29 -40.87
C GLN M 13 9.53 -52.33 -39.76
N TRP M 14 8.55 -52.14 -38.88
CA TRP M 14 8.41 -53.00 -37.71
C TRP M 14 8.25 -54.47 -38.08
N LYS M 15 7.70 -54.77 -39.26
CA LYS M 15 7.49 -56.17 -39.65
C LYS M 15 8.75 -57.01 -39.51
N PRO M 16 9.96 -56.49 -39.75
CA PRO M 16 11.16 -57.19 -39.30
C PRO M 16 11.58 -56.70 -37.92
N LEU M 17 12.09 -57.62 -37.11
CA LEU M 17 12.40 -57.32 -35.72
C LEU M 17 13.89 -57.32 -35.39
N PHE M 18 14.77 -57.33 -36.39
CA PHE M 18 16.20 -57.27 -36.13
C PHE M 18 16.74 -55.87 -36.42
N ASN M 19 18.02 -55.67 -36.12
CA ASN M 19 18.69 -54.38 -36.28
C ASN M 19 17.96 -53.27 -35.52
N ASN M 20 17.44 -53.60 -34.34
CA ASN M 20 16.64 -52.64 -33.58
C ASN M 20 17.50 -51.80 -32.64
N ALA M 21 18.23 -52.46 -31.74
CA ALA M 21 18.97 -51.83 -30.64
C ALA M 21 18.07 -51.03 -29.71
N GLN M 22 16.75 -51.13 -29.90
CA GLN M 22 15.77 -50.56 -28.98
C GLN M 22 14.70 -51.55 -28.55
N TRP M 23 14.40 -52.56 -29.38
CA TRP M 23 13.51 -53.66 -29.00
C TRP M 23 13.83 -54.19 -27.60
N LEU M 24 15.12 -54.22 -27.26
CA LEU M 24 15.57 -54.70 -25.96
C LEU M 24 14.78 -54.06 -24.82
N VAL M 25 14.76 -52.72 -24.77
CA VAL M 25 14.16 -52.04 -23.62
C VAL M 25 12.65 -52.26 -23.59
N HIS M 26 12.04 -52.47 -24.75
CA HIS M 26 10.61 -52.78 -24.77
C HIS M 26 10.35 -54.14 -24.15
N ASP M 27 11.14 -55.14 -24.55
CA ASP M 27 11.01 -56.45 -23.93
C ASP M 27 11.26 -56.37 -22.43
N ILE M 28 12.19 -55.52 -22.00
CA ILE M 28 12.43 -55.32 -20.58
C ILE M 28 11.17 -54.81 -19.88
N VAL M 29 10.68 -53.65 -20.34
CA VAL M 29 9.59 -52.99 -19.65
C VAL M 29 8.33 -53.86 -19.63
N VAL M 30 8.17 -54.72 -20.64
CA VAL M 30 7.01 -55.62 -20.64
C VAL M 30 6.97 -56.46 -19.37
N LYS M 31 8.02 -57.25 -19.15
CA LYS M 31 8.07 -58.08 -17.95
C LYS M 31 8.10 -57.25 -16.69
N THR M 32 8.73 -56.06 -16.75
CA THR M 32 8.73 -55.16 -15.62
C THR M 32 7.30 -54.85 -15.16
N ILE M 33 6.48 -54.39 -16.08
CA ILE M 33 5.11 -54.00 -15.75
C ILE M 33 4.30 -55.22 -15.35
N TYR M 34 4.55 -56.37 -15.99
CA TYR M 34 3.83 -57.58 -15.60
C TYR M 34 4.07 -57.90 -14.12
N GLY M 35 5.35 -57.95 -13.72
CA GLY M 35 5.65 -58.21 -12.33
C GLY M 35 5.07 -57.15 -11.40
N GLY M 36 5.17 -55.88 -11.80
CA GLY M 36 4.62 -54.83 -10.97
C GLY M 36 3.11 -54.95 -10.78
N LEU M 37 2.42 -55.39 -11.83
CA LEU M 37 0.98 -55.58 -11.73
C LEU M 37 0.64 -56.72 -10.79
N ILE M 38 1.40 -57.82 -10.86
CA ILE M 38 1.19 -58.91 -9.90
C ILE M 38 1.40 -58.41 -8.48
N ILE M 39 2.47 -57.64 -8.27
CA ILE M 39 2.75 -57.07 -6.95
C ILE M 39 1.59 -56.21 -6.48
N ALA M 40 1.05 -55.38 -7.36
CA ALA M 40 -0.05 -54.50 -6.98
C ALA M 40 -1.30 -55.30 -6.63
N VAL M 41 -1.57 -56.37 -7.38
CA VAL M 41 -2.67 -57.27 -7.04
C VAL M 41 -2.52 -57.76 -5.62
N ILE M 42 -1.37 -58.34 -5.31
CA ILE M 42 -1.16 -58.87 -3.96
C ILE M 42 -1.23 -57.75 -2.93
N ALA M 43 -0.81 -56.54 -3.30
CA ALA M 43 -0.86 -55.41 -2.39
C ALA M 43 -2.30 -55.09 -2.01
N HIS M 44 -3.17 -54.92 -3.01
CA HIS M 44 -4.56 -54.64 -2.73
C HIS M 44 -5.19 -55.77 -1.92
N VAL M 45 -4.87 -57.03 -2.25
CA VAL M 45 -5.45 -58.14 -1.51
C VAL M 45 -5.06 -58.06 -0.04
N LEU M 46 -3.78 -57.80 0.23
CA LEU M 46 -3.36 -57.66 1.62
C LEU M 46 -4.03 -56.45 2.29
N CYS M 47 -4.30 -55.40 1.52
CA CYS M 47 -4.98 -54.25 2.09
C CYS M 47 -6.42 -54.56 2.46
N TRP M 48 -7.05 -55.50 1.73
CA TRP M 48 -8.42 -55.90 2.04
C TRP M 48 -8.55 -56.49 3.44
N ALA M 49 -7.42 -56.86 4.08
CA ALA M 49 -7.43 -57.69 5.27
C ALA M 49 -8.29 -57.13 6.40
N TRP M 50 -7.89 -56.00 6.98
CA TRP M 50 -8.62 -55.50 8.13
C TRP M 50 -9.82 -54.63 7.75
N THR M 51 -9.82 -54.05 6.56
CA THR M 51 -10.95 -53.25 6.13
C THR M 51 -11.36 -53.62 4.71
N PRO M 52 -12.66 -53.65 4.44
CA PRO M 52 -13.12 -53.91 3.06
C PRO M 52 -13.30 -52.66 2.23
N TRP M 53 -13.29 -51.48 2.86
CA TRP M 53 -13.37 -50.16 2.25
C TRP M 53 -14.59 -49.98 1.36
N ILE M 54 -15.51 -50.94 1.33
CA ILE M 54 -16.70 -50.88 0.49
C ILE M 54 -16.34 -50.65 -0.97
N PRO N 11 -3.57 -41.19 -43.37
CA PRO N 11 -2.74 -40.48 -44.34
C PRO N 11 -3.55 -39.65 -45.33
N ASP N 12 -3.15 -39.66 -46.59
CA ASP N 12 -3.86 -38.93 -47.63
C ASP N 12 -4.45 -39.84 -48.69
N GLN N 13 -3.68 -40.79 -49.20
CA GLN N 13 -4.19 -41.77 -50.16
C GLN N 13 -5.01 -42.79 -49.38
N TRP N 14 -6.25 -42.40 -49.08
CA TRP N 14 -7.09 -43.22 -48.22
C TRP N 14 -7.37 -44.58 -48.83
N LYS N 15 -7.90 -44.60 -50.06
CA LYS N 15 -8.34 -45.86 -50.67
C LYS N 15 -7.29 -46.95 -50.64
N PRO N 16 -6.00 -46.68 -50.81
CA PRO N 16 -4.99 -47.72 -50.71
C PRO N 16 -4.44 -47.84 -49.28
N LEU N 17 -3.73 -48.94 -49.04
CA LEU N 17 -3.16 -49.21 -47.72
C LEU N 17 -1.74 -49.72 -47.84
N PHE N 18 -0.93 -49.08 -48.69
CA PHE N 18 0.47 -49.45 -48.89
C PHE N 18 1.35 -48.24 -48.66
N ASN N 19 2.55 -48.49 -48.11
CA ASN N 19 3.51 -47.44 -47.76
C ASN N 19 2.88 -46.47 -46.75
N ASN N 20 2.36 -47.03 -45.66
CA ASN N 20 1.68 -46.24 -44.65
C ASN N 20 2.55 -45.98 -43.42
N ALA N 21 3.01 -47.05 -42.76
CA ALA N 21 3.84 -47.03 -41.56
C ALA N 21 3.17 -46.40 -40.34
N GLN N 22 1.91 -45.95 -40.45
CA GLN N 22 1.21 -45.35 -39.32
C GLN N 22 -0.13 -46.05 -39.12
N TRP N 23 -0.70 -46.52 -40.22
CA TRP N 23 -1.90 -47.36 -40.27
C TRP N 23 -1.92 -48.40 -39.15
N LEU N 24 -0.77 -49.04 -38.95
CA LEU N 24 -0.65 -50.08 -37.94
C LEU N 24 -1.01 -49.57 -36.55
N VAL N 25 -0.54 -48.37 -36.21
CA VAL N 25 -0.83 -47.79 -34.89
C VAL N 25 -2.33 -47.52 -34.74
N HIS N 26 -2.96 -47.01 -35.79
CA HIS N 26 -4.40 -46.81 -35.78
C HIS N 26 -5.13 -48.11 -35.47
N ASP N 27 -4.72 -49.20 -36.12
CA ASP N 27 -5.33 -50.50 -35.84
C ASP N 27 -5.16 -50.88 -34.38
N ILE N 28 -3.93 -50.71 -33.86
CA ILE N 28 -3.64 -51.02 -32.46
C ILE N 28 -4.65 -50.32 -31.56
N VAL N 29 -4.74 -49.01 -31.70
CA VAL N 29 -5.54 -48.24 -30.76
C VAL N 29 -7.03 -48.50 -30.97
N VAL N 30 -7.44 -48.90 -32.18
CA VAL N 30 -8.84 -49.27 -32.38
C VAL N 30 -9.18 -50.52 -31.58
N LYS N 31 -8.33 -51.55 -31.67
CA LYS N 31 -8.54 -52.71 -30.82
C LYS N 31 -8.58 -52.33 -29.34
N THR N 32 -7.67 -51.43 -28.94
CA THR N 32 -7.64 -50.96 -27.56
C THR N 32 -8.98 -50.34 -27.16
N ILE N 33 -9.57 -49.53 -28.03
CA ILE N 33 -10.82 -48.87 -27.70
C ILE N 33 -11.96 -49.86 -27.61
N TYR N 34 -12.01 -50.84 -28.51
CA TYR N 34 -13.00 -51.91 -28.35
C TYR N 34 -12.91 -52.51 -26.96
N GLY N 35 -11.69 -52.91 -26.56
CA GLY N 35 -11.51 -53.52 -25.26
C GLY N 35 -11.97 -52.63 -24.13
N GLY N 36 -11.54 -51.37 -24.14
CA GLY N 36 -11.89 -50.47 -23.05
C GLY N 36 -13.38 -50.21 -22.96
N LEU N 37 -14.04 -50.08 -24.11
CA LEU N 37 -15.48 -49.90 -24.13
C LEU N 37 -16.19 -51.08 -23.46
N ILE N 38 -15.83 -52.30 -23.86
CA ILE N 38 -16.50 -53.47 -23.28
C ILE N 38 -16.23 -53.55 -21.78
N ILE N 39 -15.00 -53.24 -21.36
CA ILE N 39 -14.67 -53.26 -19.94
C ILE N 39 -15.56 -52.29 -19.17
N ALA N 40 -15.64 -51.04 -19.63
CA ALA N 40 -16.44 -50.05 -18.92
C ALA N 40 -17.92 -50.44 -18.89
N VAL N 41 -18.41 -51.03 -19.98
CA VAL N 41 -19.80 -51.46 -20.01
C VAL N 41 -20.05 -52.52 -18.96
N ILE N 42 -19.17 -53.52 -18.87
CA ILE N 42 -19.34 -54.56 -17.87
C ILE N 42 -19.32 -53.96 -16.47
N ALA N 43 -18.41 -53.00 -16.24
CA ALA N 43 -18.34 -52.36 -14.93
C ALA N 43 -19.66 -51.69 -14.58
N HIS N 44 -20.15 -50.81 -15.44
CA HIS N 44 -21.42 -50.14 -15.17
C HIS N 44 -22.56 -51.13 -15.00
N VAL N 45 -22.54 -52.24 -15.74
CA VAL N 45 -23.57 -53.26 -15.54
C VAL N 45 -23.51 -53.79 -14.12
N LEU N 46 -22.31 -54.08 -13.63
CA LEU N 46 -22.20 -54.55 -12.25
C LEU N 46 -22.52 -53.47 -11.25
N CYS N 47 -22.52 -52.20 -11.66
CA CYS N 47 -22.90 -51.12 -10.74
C CYS N 47 -24.36 -51.20 -10.34
N TRP N 48 -25.20 -51.84 -11.15
CA TRP N 48 -26.63 -51.96 -10.89
C TRP N 48 -26.90 -52.89 -9.71
N ALA N 49 -25.83 -53.39 -9.09
CA ALA N 49 -25.97 -54.41 -8.06
C ALA N 49 -26.77 -53.89 -6.87
N TRP N 50 -26.24 -52.89 -6.17
CA TRP N 50 -26.85 -52.47 -4.91
C TRP N 50 -27.50 -51.10 -4.96
N THR N 51 -27.87 -50.62 -6.15
CA THR N 51 -28.60 -49.37 -6.29
C THR N 51 -29.01 -49.20 -7.75
N PRO N 52 -30.10 -48.47 -8.01
CA PRO N 52 -30.39 -48.06 -9.38
C PRO N 52 -29.83 -46.69 -9.74
N TRP N 53 -29.40 -45.93 -8.73
CA TRP N 53 -28.74 -44.63 -8.85
C TRP N 53 -29.55 -43.62 -9.66
N ILE N 54 -30.76 -43.97 -10.06
CA ILE N 54 -31.56 -43.09 -10.90
C ILE N 54 -32.75 -42.55 -10.14
N PRO O 5 0.69 -28.99 -43.34
CA PRO O 5 -0.43 -29.82 -43.81
C PRO O 5 -1.45 -30.08 -42.72
N PHE O 6 -1.66 -31.36 -42.38
CA PHE O 6 -2.60 -31.73 -41.33
C PHE O 6 -2.07 -33.01 -40.71
N GLU O 7 -1.38 -32.88 -39.58
CA GLU O 7 -0.59 -33.98 -39.02
C GLU O 7 -1.49 -34.98 -38.31
N PHE O 8 -0.88 -35.97 -37.66
CA PHE O 8 -1.59 -37.03 -36.97
C PHE O 8 -1.39 -37.02 -35.46
N ARG O 9 -0.14 -37.03 -35.01
CA ARG O 9 0.15 -37.24 -33.59
C ARG O 9 -0.59 -36.26 -32.70
N THR O 10 -0.73 -35.00 -33.15
CA THR O 10 -1.40 -33.99 -32.34
C THR O 10 -2.81 -34.41 -31.97
N SER O 11 -3.50 -35.08 -32.90
CA SER O 11 -4.85 -35.57 -32.61
C SER O 11 -4.82 -36.57 -31.46
N VAL O 12 -3.88 -37.52 -31.52
CA VAL O 12 -3.74 -38.50 -30.44
C VAL O 12 -3.50 -37.81 -29.12
N VAL O 13 -2.62 -36.81 -29.11
CA VAL O 13 -2.27 -36.11 -27.88
C VAL O 13 -3.51 -35.47 -27.27
N VAL O 14 -4.20 -34.63 -28.05
CA VAL O 14 -5.33 -33.91 -27.49
C VAL O 14 -6.43 -34.88 -27.06
N SER O 15 -6.65 -35.93 -27.84
CA SER O 15 -7.65 -36.92 -27.48
C SER O 15 -7.35 -37.55 -26.13
N THR O 16 -6.14 -38.08 -25.97
CA THR O 16 -5.81 -38.76 -24.73
C THR O 16 -5.84 -37.81 -23.53
N LEU O 17 -5.38 -36.57 -23.72
CA LEU O 17 -5.39 -35.62 -22.61
C LEU O 17 -6.80 -35.32 -22.17
N LEU O 18 -7.69 -35.04 -23.12
CA LEU O 18 -9.08 -34.77 -22.77
C LEU O 18 -9.71 -35.96 -22.07
N GLY O 19 -9.50 -37.18 -22.59
CA GLY O 19 -10.08 -38.35 -21.95
C GLY O 19 -9.61 -38.51 -20.52
N LEU O 20 -8.30 -38.37 -20.31
CA LEU O 20 -7.74 -38.43 -18.96
C LEU O 20 -8.47 -37.46 -18.04
N VAL O 21 -8.49 -36.18 -18.42
CA VAL O 21 -9.07 -35.15 -17.55
C VAL O 21 -10.53 -35.46 -17.26
N MET O 22 -11.27 -35.90 -18.27
CA MET O 22 -12.71 -36.10 -18.10
C MET O 22 -13.00 -37.23 -17.13
N ALA O 23 -12.42 -38.42 -17.38
CA ALA O 23 -12.62 -39.52 -16.45
C ALA O 23 -12.19 -39.12 -15.04
N LEU O 24 -11.10 -38.35 -14.94
CA LEU O 24 -10.59 -37.92 -13.65
C LEU O 24 -11.63 -37.11 -12.88
N LEU O 25 -12.20 -36.09 -13.53
CA LEU O 25 -13.17 -35.26 -12.81
C LEU O 25 -14.47 -36.01 -12.56
N ILE O 26 -14.84 -36.95 -13.44
CA ILE O 26 -16.02 -37.76 -13.17
C ILE O 26 -15.87 -38.51 -11.87
N HIS O 27 -14.73 -39.18 -11.70
CA HIS O 27 -14.47 -39.84 -10.41
C HIS O 27 -14.51 -38.84 -9.26
N PHE O 28 -13.89 -37.67 -9.43
CA PHE O 28 -13.93 -36.68 -8.36
C PHE O 28 -15.36 -36.37 -7.92
N VAL O 29 -16.24 -36.09 -8.87
CA VAL O 29 -17.60 -35.66 -8.49
C VAL O 29 -18.38 -36.81 -7.86
N VAL O 30 -18.29 -37.99 -8.47
CA VAL O 30 -19.02 -39.15 -7.93
C VAL O 30 -18.57 -39.43 -6.52
N LEU O 31 -17.26 -39.40 -6.29
CA LEU O 31 -16.76 -39.58 -4.93
C LEU O 31 -17.21 -38.46 -4.02
N SER O 32 -17.36 -37.25 -4.57
CA SER O 32 -17.73 -36.10 -3.76
C SER O 32 -19.11 -36.30 -3.15
N SER O 33 -20.12 -36.56 -3.99
CA SER O 33 -21.48 -36.54 -3.50
C SER O 33 -22.19 -37.89 -3.55
N GLY O 34 -21.49 -38.95 -3.95
CA GLY O 34 -22.11 -40.24 -4.15
C GLY O 34 -22.91 -40.77 -2.97
N ALA O 35 -24.09 -41.33 -3.25
CA ALA O 35 -24.86 -41.98 -2.20
C ALA O 35 -24.24 -43.33 -1.83
N PHE O 36 -23.07 -43.62 -2.37
CA PHE O 36 -22.39 -44.88 -2.09
C PHE O 36 -21.62 -44.79 -0.78
N ASN O 37 -20.76 -45.77 -0.54
CA ASN O 37 -20.01 -45.80 0.69
C ASN O 37 -18.51 -45.72 0.42
N TRP O 38 -17.84 -44.76 1.07
CA TRP O 38 -16.41 -44.60 0.93
C TRP O 38 -15.74 -44.29 2.26
N LEU O 39 -16.46 -44.43 3.37
CA LEU O 39 -15.97 -43.98 4.67
C LEU O 39 -16.91 -44.50 5.75
N ARG O 40 -16.37 -44.68 6.95
CA ARG O 40 -17.16 -45.11 8.10
C ARG O 40 -16.45 -44.80 9.41
N PRO P 11 -13.38 -26.58 -49.29
CA PRO P 11 -12.33 -25.65 -49.76
C PRO P 11 -12.90 -24.49 -50.57
N ASP P 12 -12.35 -24.26 -51.75
CA ASP P 12 -12.80 -23.20 -52.65
C ASP P 12 -13.46 -23.72 -53.91
N GLN P 13 -12.78 -24.60 -54.64
CA GLN P 13 -13.39 -25.23 -55.80
C GLN P 13 -14.48 -26.16 -55.30
N TRP P 14 -15.73 -25.75 -55.48
CA TRP P 14 -16.85 -26.44 -54.87
C TRP P 14 -17.68 -27.25 -55.86
N LYS P 15 -17.88 -26.75 -57.09
CA LYS P 15 -18.63 -27.53 -58.07
C LYS P 15 -18.00 -28.89 -58.32
N PRO P 16 -16.68 -29.01 -58.48
CA PRO P 16 -16.07 -30.34 -58.49
C PRO P 16 -15.71 -30.79 -57.09
N LEU P 17 -15.11 -31.98 -56.96
CA LEU P 17 -14.69 -32.49 -55.66
C LEU P 17 -13.32 -33.13 -55.64
N PHE P 18 -12.60 -33.21 -56.76
CA PHE P 18 -11.33 -33.91 -56.83
C PHE P 18 -10.20 -33.05 -56.28
N ASN P 19 -9.19 -33.72 -55.72
CA ASN P 19 -8.00 -33.09 -55.15
C ASN P 19 -8.38 -32.11 -54.04
N ASN P 20 -8.97 -32.65 -52.98
CA ASN P 20 -9.44 -31.84 -51.86
C ASN P 20 -8.68 -32.11 -50.57
N ALA P 21 -8.45 -33.37 -50.24
CA ALA P 21 -7.71 -33.84 -49.06
C ALA P 21 -8.41 -33.56 -47.75
N GLN P 22 -9.58 -32.92 -47.76
CA GLN P 22 -10.35 -32.67 -46.54
C GLN P 22 -11.83 -33.02 -46.68
N TRP P 23 -12.34 -33.14 -47.91
CA TRP P 23 -13.73 -33.54 -48.14
C TRP P 23 -14.09 -34.79 -47.34
N LEU P 24 -13.16 -35.74 -47.24
CA LEU P 24 -13.41 -36.96 -46.48
C LEU P 24 -13.69 -36.64 -45.02
N VAL P 25 -12.90 -35.73 -44.43
CA VAL P 25 -13.10 -35.37 -43.03
C VAL P 25 -14.46 -34.74 -42.85
N HIS P 26 -14.91 -33.96 -43.84
CA HIS P 26 -16.22 -33.33 -43.75
C HIS P 26 -17.33 -34.39 -43.76
N ASP P 27 -17.20 -35.38 -44.64
CA ASP P 27 -18.16 -36.48 -44.64
C ASP P 27 -18.19 -37.18 -43.29
N ILE P 28 -17.01 -37.47 -42.75
CA ILE P 28 -16.92 -38.13 -41.44
C ILE P 28 -17.67 -37.33 -40.38
N VAL P 29 -17.37 -36.04 -40.28
CA VAL P 29 -17.90 -35.24 -39.19
C VAL P 29 -19.41 -35.06 -39.33
N VAL P 30 -19.91 -34.92 -40.57
CA VAL P 30 -21.35 -34.75 -40.71
C VAL P 30 -22.08 -36.06 -40.38
N LYS P 31 -21.50 -37.20 -40.76
CA LYS P 31 -22.11 -38.47 -40.37
C LYS P 31 -22.15 -38.60 -38.86
N THR P 32 -21.07 -38.20 -38.19
CA THR P 32 -21.02 -38.26 -36.74
C THR P 32 -22.11 -37.40 -36.12
N ILE P 33 -22.33 -36.19 -36.66
CA ILE P 33 -23.34 -35.34 -36.04
C ILE P 33 -24.75 -35.87 -36.31
N TYR P 34 -24.98 -36.49 -37.48
CA TYR P 34 -26.25 -37.18 -37.67
C TYR P 34 -26.49 -38.18 -36.55
N GLY P 35 -25.53 -39.07 -36.34
CA GLY P 35 -25.68 -40.08 -35.30
C GLY P 35 -25.92 -39.45 -33.93
N GLY P 36 -25.16 -38.40 -33.62
CA GLY P 36 -25.31 -37.77 -32.31
C GLY P 36 -26.70 -37.21 -32.08
N LEU P 37 -27.23 -36.48 -33.07
CA LEU P 37 -28.58 -35.95 -32.94
C LEU P 37 -29.60 -37.07 -32.79
N ILE P 38 -29.46 -38.14 -33.58
CA ILE P 38 -30.41 -39.24 -33.49
C ILE P 38 -30.39 -39.84 -32.09
N ILE P 39 -29.21 -39.93 -31.48
CA ILE P 39 -29.15 -40.47 -30.13
C ILE P 39 -29.80 -39.51 -29.13
N ALA P 40 -29.48 -38.22 -29.24
CA ALA P 40 -29.98 -37.25 -28.28
C ALA P 40 -31.50 -37.17 -28.28
N VAL P 41 -32.12 -37.40 -29.44
CA VAL P 41 -33.58 -37.39 -29.50
C VAL P 41 -34.16 -38.46 -28.60
N ILE P 42 -33.70 -39.71 -28.76
CA ILE P 42 -34.17 -40.79 -27.91
C ILE P 42 -33.85 -40.51 -26.45
N ALA P 43 -32.71 -39.86 -26.19
CA ALA P 43 -32.38 -39.49 -24.83
C ALA P 43 -33.47 -38.63 -24.22
N HIS P 44 -33.85 -37.55 -24.91
CA HIS P 44 -34.90 -36.69 -24.38
C HIS P 44 -36.25 -37.40 -24.32
N VAL P 45 -36.48 -38.37 -25.22
CA VAL P 45 -37.70 -39.17 -25.14
C VAL P 45 -37.78 -39.90 -23.81
N LEU P 46 -36.75 -40.71 -23.52
CA LEU P 46 -36.71 -41.42 -22.24
C LEU P 46 -36.74 -40.46 -21.07
N CYS P 47 -36.22 -39.25 -21.25
CA CYS P 47 -36.34 -38.24 -20.20
C CYS P 47 -37.81 -37.92 -19.92
N TRP P 48 -38.52 -37.44 -20.95
CA TRP P 48 -39.92 -37.04 -20.77
C TRP P 48 -40.75 -38.18 -20.22
N ALA P 49 -40.66 -39.36 -20.84
CA ALA P 49 -41.53 -40.46 -20.45
C ALA P 49 -41.34 -40.84 -18.98
N TRP P 50 -40.19 -40.52 -18.39
CA TRP P 50 -39.93 -40.85 -17.00
C TRP P 50 -40.59 -39.88 -16.03
N THR P 51 -40.25 -38.60 -16.10
CA THR P 51 -40.92 -37.57 -15.33
C THR P 51 -41.34 -36.47 -16.30
N PRO P 52 -42.42 -35.74 -15.99
CA PRO P 52 -42.93 -34.79 -16.99
C PRO P 52 -42.04 -33.59 -17.19
N TRP P 53 -41.48 -33.06 -16.10
CA TRP P 53 -40.63 -31.88 -16.03
C TRP P 53 -41.32 -30.64 -16.59
N ILE P 54 -42.54 -30.78 -17.08
CA ILE P 54 -43.32 -29.69 -17.66
C ILE P 54 -42.52 -28.87 -18.65
N PRO Q 11 -16.74 -7.56 -52.71
CA PRO Q 11 -18.09 -7.00 -52.63
C PRO Q 11 -18.28 -5.79 -53.55
N ASP Q 12 -17.17 -5.22 -54.03
CA ASP Q 12 -17.24 -4.09 -54.94
C ASP Q 12 -18.04 -4.45 -56.19
N GLN Q 13 -17.55 -5.41 -56.96
CA GLN Q 13 -18.29 -5.88 -58.12
C GLN Q 13 -19.52 -6.65 -57.64
N TRP Q 14 -20.69 -6.04 -57.78
CA TRP Q 14 -21.94 -6.71 -57.45
C TRP Q 14 -22.77 -7.07 -58.67
N LYS Q 15 -22.58 -6.38 -59.78
CA LYS Q 15 -23.31 -6.72 -60.99
C LYS Q 15 -22.99 -8.11 -61.50
N PRO Q 16 -21.76 -8.63 -61.37
CA PRO Q 16 -21.49 -10.02 -61.74
C PRO Q 16 -21.68 -10.95 -60.55
N LEU Q 17 -21.69 -12.25 -60.85
CA LEU Q 17 -21.91 -13.28 -59.84
C LEU Q 17 -20.68 -14.15 -59.61
N PHE Q 18 -20.14 -14.75 -60.67
CA PHE Q 18 -19.05 -15.70 -60.52
C PHE Q 18 -17.75 -15.00 -60.10
N ASN Q 19 -16.84 -15.80 -59.56
CA ASN Q 19 -15.51 -15.33 -59.15
C ASN Q 19 -15.61 -14.27 -58.05
N ASN Q 20 -16.29 -14.64 -56.97
CA ASN Q 20 -16.42 -13.76 -55.82
C ASN Q 20 -15.94 -14.39 -54.50
N ALA Q 21 -15.74 -15.70 -54.46
CA ALA Q 21 -15.15 -16.45 -53.35
C ALA Q 21 -16.04 -16.52 -52.13
N GLN Q 22 -17.13 -15.77 -52.08
CA GLN Q 22 -18.01 -15.79 -50.91
C GLN Q 22 -19.49 -15.89 -51.26
N TRP Q 23 -19.86 -15.70 -52.52
CA TRP Q 23 -21.28 -15.60 -52.90
C TRP Q 23 -22.09 -16.82 -52.49
N LEU Q 24 -21.45 -17.95 -52.20
CA LEU Q 24 -22.18 -19.12 -51.75
C LEU Q 24 -22.41 -19.09 -50.24
N VAL Q 25 -21.46 -18.53 -49.49
CA VAL Q 25 -21.58 -18.49 -48.04
C VAL Q 25 -22.80 -17.66 -47.64
N HIS Q 26 -23.03 -16.55 -48.34
CA HIS Q 26 -24.18 -15.71 -48.04
C HIS Q 26 -25.49 -16.46 -48.27
N ASP Q 27 -25.56 -17.23 -49.36
CA ASP Q 27 -26.77 -17.99 -49.63
C ASP Q 27 -26.99 -19.05 -48.55
N ILE Q 28 -25.92 -19.75 -48.17
CA ILE Q 28 -26.04 -20.76 -47.12
C ILE Q 28 -26.54 -20.13 -45.83
N VAL Q 29 -25.97 -18.98 -45.45
CA VAL Q 29 -26.30 -18.40 -44.17
C VAL Q 29 -27.72 -17.86 -44.17
N VAL Q 30 -28.19 -17.33 -45.30
CA VAL Q 30 -29.56 -16.81 -45.29
C VAL Q 30 -30.57 -17.95 -45.33
N LYS Q 31 -30.26 -19.05 -46.02
CA LYS Q 31 -31.12 -20.22 -45.90
C LYS Q 31 -31.21 -20.67 -44.44
N THR Q 32 -30.07 -20.74 -43.77
CA THR Q 32 -30.03 -21.05 -42.35
C THR Q 32 -30.95 -20.14 -41.54
N ILE Q 33 -30.82 -18.83 -41.75
CA ILE Q 33 -31.55 -17.89 -40.92
C ILE Q 33 -33.05 -17.96 -41.22
N TYR Q 34 -33.42 -18.27 -42.47
CA TYR Q 34 -34.84 -18.37 -42.79
C TYR Q 34 -35.46 -19.58 -42.09
N GLY Q 35 -34.79 -20.73 -42.17
CA GLY Q 35 -35.25 -21.88 -41.42
C GLY Q 35 -35.37 -21.58 -39.94
N GLY Q 36 -34.35 -20.94 -39.37
CA GLY Q 36 -34.36 -20.61 -37.95
C GLY Q 36 -35.48 -19.65 -37.59
N LEU Q 37 -35.79 -18.70 -38.47
CA LEU Q 37 -36.89 -17.79 -38.21
C LEU Q 37 -38.21 -18.52 -38.15
N ILE Q 38 -38.45 -19.43 -39.11
CA ILE Q 38 -39.67 -20.23 -39.06
C ILE Q 38 -39.74 -21.00 -37.74
N ILE Q 39 -38.62 -21.64 -37.37
CA ILE Q 39 -38.57 -22.39 -36.12
C ILE Q 39 -38.94 -21.49 -34.94
N ALA Q 40 -38.32 -20.33 -34.85
CA ALA Q 40 -38.50 -19.47 -33.69
C ALA Q 40 -39.91 -18.88 -33.64
N VAL Q 41 -40.51 -18.61 -34.79
CA VAL Q 41 -41.90 -18.13 -34.79
C VAL Q 41 -42.81 -19.22 -34.24
N ILE Q 42 -42.64 -20.45 -34.74
CA ILE Q 42 -43.43 -21.56 -34.21
C ILE Q 42 -43.20 -21.69 -32.71
N ALA Q 43 -41.96 -21.49 -32.27
CA ALA Q 43 -41.63 -21.65 -30.86
C ALA Q 43 -42.36 -20.63 -29.99
N HIS Q 44 -42.19 -19.34 -30.31
CA HIS Q 44 -42.91 -18.31 -29.57
C HIS Q 44 -44.41 -18.55 -29.59
N VAL Q 45 -44.96 -18.98 -30.72
CA VAL Q 45 -46.40 -19.21 -30.76
C VAL Q 45 -46.79 -20.34 -29.81
N LEU Q 46 -46.02 -21.44 -29.82
CA LEU Q 46 -46.35 -22.54 -28.93
C LEU Q 46 -46.18 -22.17 -27.47
N CYS Q 47 -45.28 -21.22 -27.17
CA CYS Q 47 -45.10 -20.80 -25.80
C CYS Q 47 -46.36 -20.18 -25.21
N TRP Q 48 -47.30 -19.77 -26.06
CA TRP Q 48 -48.59 -19.24 -25.63
C TRP Q 48 -49.47 -20.31 -24.99
N ALA Q 49 -49.01 -21.56 -24.93
CA ALA Q 49 -49.86 -22.71 -24.63
C ALA Q 49 -50.60 -22.57 -23.31
N TRP Q 50 -49.89 -22.53 -22.19
CA TRP Q 50 -50.55 -22.46 -20.90
C TRP Q 50 -50.65 -21.05 -20.36
N THR Q 51 -49.68 -20.20 -20.66
CA THR Q 51 -49.73 -18.83 -20.18
C THR Q 51 -49.71 -17.85 -21.35
N PRO Q 52 -50.38 -16.70 -21.22
CA PRO Q 52 -50.21 -15.62 -22.19
C PRO Q 52 -49.11 -14.65 -21.83
N TRP Q 53 -48.46 -14.86 -20.68
CA TRP Q 53 -47.45 -13.97 -20.11
C TRP Q 53 -47.89 -12.51 -20.13
N ILE Q 54 -49.20 -12.28 -20.20
CA ILE Q 54 -49.78 -10.93 -20.24
C ILE Q 54 -49.10 -10.06 -21.29
N PRO R 11 -18.57 8.57 -50.86
CA PRO R 11 -19.60 9.41 -51.46
C PRO R 11 -19.31 10.90 -51.29
N ASP R 12 -18.05 11.29 -51.45
CA ASP R 12 -17.68 12.70 -51.34
C ASP R 12 -18.29 13.51 -52.48
N GLN R 13 -17.98 13.15 -53.72
CA GLN R 13 -18.65 13.73 -54.87
C GLN R 13 -20.06 13.17 -54.95
N TRP R 14 -21.04 13.97 -54.56
CA TRP R 14 -22.40 13.47 -54.32
C TRP R 14 -23.23 13.35 -55.59
N LYS R 15 -23.27 14.38 -56.42
CA LYS R 15 -24.25 14.51 -57.50
C LYS R 15 -24.25 13.31 -58.45
N PRO R 16 -23.13 12.61 -58.59
CA PRO R 16 -23.09 11.47 -59.52
C PRO R 16 -23.52 10.15 -58.88
N LEU R 17 -23.50 9.09 -59.68
CA LEU R 17 -23.81 7.75 -59.20
C LEU R 17 -22.84 6.74 -59.80
N PHE R 18 -21.76 7.23 -60.39
CA PHE R 18 -20.76 6.39 -61.04
C PHE R 18 -19.42 6.50 -60.32
N ASN R 19 -18.80 5.33 -60.10
CA ASN R 19 -17.53 5.22 -59.40
C ASN R 19 -17.62 5.79 -57.99
N ASN R 20 -18.48 5.19 -57.18
CA ASN R 20 -18.53 5.46 -55.74
C ASN R 20 -18.31 4.22 -54.91
N ALA R 21 -18.90 3.09 -55.29
CA ALA R 21 -18.64 1.79 -54.69
C ALA R 21 -18.93 1.75 -53.19
N GLN R 22 -19.73 2.68 -52.68
CA GLN R 22 -20.09 2.68 -51.27
C GLN R 22 -21.53 3.18 -51.08
N TRP R 23 -22.36 3.02 -52.11
CA TRP R 23 -23.69 3.60 -52.16
C TRP R 23 -24.76 2.61 -51.71
N LEU R 24 -24.69 1.38 -52.21
CA LEU R 24 -25.71 0.39 -51.91
C LEU R 24 -25.84 0.15 -50.41
N VAL R 25 -24.74 0.27 -49.68
CA VAL R 25 -24.79 0.10 -48.23
C VAL R 25 -25.71 1.16 -47.61
N HIS R 26 -25.45 2.42 -47.92
CA HIS R 26 -26.30 3.52 -47.44
C HIS R 26 -27.75 3.28 -47.84
N ASP R 27 -27.97 2.82 -49.07
CA ASP R 27 -29.32 2.52 -49.54
C ASP R 27 -30.01 1.51 -48.62
N ILE R 28 -29.38 0.36 -48.42
CA ILE R 28 -30.00 -0.69 -47.63
C ILE R 28 -30.22 -0.23 -46.20
N VAL R 29 -29.28 0.55 -45.66
CA VAL R 29 -29.41 1.03 -44.29
C VAL R 29 -30.64 1.91 -44.16
N VAL R 30 -30.81 2.85 -45.10
CA VAL R 30 -31.92 3.78 -44.97
C VAL R 30 -33.25 3.05 -45.15
N LYS R 31 -33.30 2.07 -46.06
CA LYS R 31 -34.50 1.24 -46.16
C LYS R 31 -34.80 0.55 -44.84
N THR R 32 -33.76 -0.02 -44.22
CA THR R 32 -33.92 -0.69 -42.94
C THR R 32 -34.53 0.25 -41.91
N ILE R 33 -34.01 1.48 -41.83
CA ILE R 33 -34.51 2.38 -40.80
C ILE R 33 -35.94 2.79 -41.09
N TYR R 34 -36.30 2.96 -42.36
CA TYR R 34 -37.72 3.23 -42.66
C TYR R 34 -38.61 2.12 -42.12
N GLY R 35 -38.30 0.87 -42.48
CA GLY R 35 -39.11 -0.24 -42.01
C GLY R 35 -39.20 -0.32 -40.50
N GLY R 36 -38.06 -0.14 -39.83
CA GLY R 36 -38.04 -0.21 -38.38
C GLY R 36 -38.86 0.90 -37.74
N LEU R 37 -38.76 2.12 -38.26
CA LEU R 37 -39.58 3.20 -37.75
C LEU R 37 -41.06 2.89 -37.88
N ILE R 38 -41.48 2.35 -39.02
CA ILE R 38 -42.89 2.04 -39.20
C ILE R 38 -43.36 1.03 -38.16
N ILE R 39 -42.62 -0.08 -38.03
CA ILE R 39 -43.08 -1.10 -37.09
C ILE R 39 -42.99 -0.60 -35.65
N ALA R 40 -42.04 0.28 -35.35
CA ALA R 40 -41.91 0.80 -33.99
C ALA R 40 -43.06 1.74 -33.66
N VAL R 41 -43.48 2.56 -34.62
CA VAL R 41 -44.67 3.38 -34.40
C VAL R 41 -45.88 2.49 -34.15
N ILE R 42 -46.02 1.43 -34.93
CA ILE R 42 -47.13 0.51 -34.72
C ILE R 42 -47.08 -0.06 -33.31
N ALA R 43 -45.88 -0.40 -32.84
CA ALA R 43 -45.74 -0.96 -31.51
C ALA R 43 -46.14 0.04 -30.43
N HIS R 44 -45.59 1.25 -30.50
CA HIS R 44 -45.99 2.30 -29.56
C HIS R 44 -47.50 2.49 -29.54
N VAL R 45 -48.14 2.48 -30.71
CA VAL R 45 -49.59 2.64 -30.76
C VAL R 45 -50.27 1.50 -30.00
N LEU R 46 -49.97 0.27 -30.40
CA LEU R 46 -50.62 -0.88 -29.76
C LEU R 46 -50.34 -0.93 -28.26
N CYS R 47 -49.24 -0.31 -27.79
CA CYS R 47 -48.96 -0.30 -26.37
C CYS R 47 -49.98 0.50 -25.59
N TRP R 48 -50.75 1.36 -26.27
CA TRP R 48 -51.82 2.13 -25.63
C TRP R 48 -53.04 1.24 -25.42
N ALA R 49 -52.82 0.12 -24.72
CA ALA R 49 -53.86 -0.90 -24.58
C ALA R 49 -54.33 -1.09 -23.15
N TRP R 50 -53.42 -1.43 -22.24
CA TRP R 50 -53.80 -1.67 -20.85
C TRP R 50 -53.26 -0.60 -19.93
N THR R 51 -52.70 0.47 -20.49
CA THR R 51 -52.24 1.63 -19.75
C THR R 51 -51.90 2.77 -20.69
N PRO R 52 -52.21 4.01 -20.33
CA PRO R 52 -51.70 5.17 -21.08
C PRO R 52 -50.28 5.56 -20.68
N TRP R 53 -49.72 4.88 -19.69
CA TRP R 53 -48.42 5.17 -19.09
C TRP R 53 -48.27 6.62 -18.67
N ILE R 54 -49.38 7.35 -18.58
CA ILE R 54 -49.40 8.77 -18.22
C ILE R 54 -48.56 9.59 -19.18
N PRO S 5 9.67 -40.35 -39.07
CA PRO S 5 8.26 -40.79 -39.10
C PRO S 5 7.58 -40.63 -37.76
N PHE S 6 8.24 -41.07 -36.68
CA PHE S 6 7.63 -41.01 -35.35
C PHE S 6 8.71 -41.27 -34.31
N GLU S 7 8.59 -40.61 -33.16
CA GLU S 7 9.63 -40.65 -32.13
C GLU S 7 9.29 -41.68 -31.06
N PHE S 8 10.32 -42.06 -30.29
CA PHE S 8 10.17 -43.08 -29.26
C PHE S 8 10.39 -42.56 -27.85
N ARG S 9 11.55 -41.93 -27.59
CA ARG S 9 11.95 -41.65 -26.22
C ARG S 9 10.90 -40.83 -25.47
N THR S 10 10.33 -39.84 -26.15
CA THR S 10 9.31 -38.99 -25.55
C THR S 10 8.18 -39.82 -24.95
N SER S 11 7.83 -40.93 -25.62
CA SER S 11 6.78 -41.80 -25.10
C SER S 11 7.15 -42.34 -23.71
N VAL S 12 8.35 -42.89 -23.58
CA VAL S 12 8.79 -43.42 -22.29
C VAL S 12 8.79 -42.33 -21.23
N VAL S 13 9.31 -41.16 -21.57
CA VAL S 13 9.42 -40.08 -20.61
C VAL S 13 8.03 -39.69 -20.10
N VAL S 14 7.10 -39.44 -21.01
CA VAL S 14 5.78 -38.99 -20.58
C VAL S 14 5.05 -40.10 -19.84
N SER S 15 5.25 -41.36 -20.25
CA SER S 15 4.64 -42.47 -19.55
C SER S 15 5.05 -42.48 -18.09
N THR S 16 6.36 -42.52 -17.84
CA THR S 16 6.82 -42.59 -16.45
C THR S 16 6.42 -41.35 -15.68
N LEU S 17 6.38 -40.19 -16.33
CA LEU S 17 6.05 -38.96 -15.61
C LEU S 17 4.59 -38.96 -15.16
N LEU S 18 3.68 -39.25 -16.08
CA LEU S 18 2.27 -39.36 -15.71
C LEU S 18 2.06 -40.42 -14.64
N GLY S 19 2.79 -41.54 -14.75
CA GLY S 19 2.69 -42.55 -13.72
C GLY S 19 3.04 -42.03 -12.34
N LEU S 20 4.20 -41.39 -12.23
CA LEU S 20 4.63 -40.83 -10.96
C LEU S 20 3.58 -39.88 -10.39
N VAL S 21 3.11 -38.95 -11.23
CA VAL S 21 2.18 -37.92 -10.74
C VAL S 21 0.89 -38.55 -10.24
N MET S 22 0.30 -39.42 -11.07
CA MET S 22 -0.99 -40.00 -10.70
C MET S 22 -0.86 -40.86 -9.45
N ALA S 23 0.23 -41.61 -9.33
CA ALA S 23 0.43 -42.44 -8.15
C ALA S 23 0.49 -41.59 -6.89
N LEU S 24 1.30 -40.52 -6.92
CA LEU S 24 1.37 -39.64 -5.75
C LEU S 24 0.00 -39.08 -5.40
N LEU S 25 -0.73 -38.58 -6.40
CA LEU S 25 -2.03 -37.96 -6.12
C LEU S 25 -2.98 -38.94 -5.47
N ILE S 26 -3.12 -40.13 -6.07
CA ILE S 26 -4.04 -41.13 -5.53
C ILE S 26 -3.64 -41.50 -4.12
N HIS S 27 -2.36 -41.79 -3.91
CA HIS S 27 -1.91 -42.22 -2.59
C HIS S 27 -2.27 -41.18 -1.55
N PHE S 28 -1.97 -39.91 -1.85
CA PHE S 28 -2.31 -38.81 -0.95
C PHE S 28 -3.80 -38.78 -0.63
N VAL S 29 -4.63 -38.60 -1.66
CA VAL S 29 -6.05 -38.34 -1.42
C VAL S 29 -6.70 -39.53 -0.75
N VAL S 30 -6.32 -40.76 -1.13
CA VAL S 30 -6.90 -41.94 -0.51
C VAL S 30 -6.55 -41.98 0.97
N LEU S 31 -5.26 -41.88 1.30
CA LEU S 31 -4.98 -42.03 2.72
C LEU S 31 -5.42 -40.85 3.55
N SER S 32 -5.75 -39.70 2.94
CA SER S 32 -5.96 -38.51 3.75
C SER S 32 -7.44 -38.12 3.86
N SER S 33 -8.36 -38.96 3.40
CA SER S 33 -9.77 -38.59 3.52
C SER S 33 -10.70 -39.69 4.01
N GLY S 34 -10.35 -40.96 3.88
CA GLY S 34 -11.30 -42.02 4.14
C GLY S 34 -11.16 -42.64 5.52
N ALA S 35 -10.93 -41.81 6.52
CA ALA S 35 -10.67 -42.26 7.88
C ALA S 35 -9.45 -43.18 7.94
N PHE S 36 -8.48 -42.95 7.05
CA PHE S 36 -7.25 -43.73 7.00
C PHE S 36 -6.02 -42.90 7.34
N ASN S 37 -6.14 -42.03 8.34
CA ASN S 37 -4.95 -41.49 9.01
C ASN S 37 -4.61 -42.48 10.11
N TRP S 38 -3.76 -43.45 9.78
CA TRP S 38 -3.49 -44.52 10.72
C TRP S 38 -2.77 -43.98 11.95
N LEU S 39 -2.55 -44.87 12.92
CA LEU S 39 -2.23 -44.50 14.30
C LEU S 39 -3.20 -43.47 14.85
N ARG S 40 -4.46 -43.53 14.38
CA ARG S 40 -5.53 -42.64 14.80
C ARG S 40 -5.15 -41.17 14.64
N PRO T 5 -13.75 -16.19 -46.79
CA PRO T 5 -12.85 -17.33 -47.01
C PRO T 5 -12.11 -17.72 -45.74
N PHE T 6 -12.83 -18.30 -44.79
CA PHE T 6 -12.21 -18.72 -43.53
C PHE T 6 -11.42 -20.00 -43.72
N GLU T 7 -10.63 -20.34 -42.71
CA GLU T 7 -9.90 -21.61 -42.69
C GLU T 7 -10.82 -22.73 -42.24
N PHE T 8 -10.27 -23.91 -41.98
CA PHE T 8 -11.09 -25.07 -41.64
C PHE T 8 -10.83 -25.58 -40.23
N ARG T 9 -9.57 -25.86 -39.88
CA ARG T 9 -9.27 -26.45 -38.58
C ARG T 9 -9.72 -25.54 -37.44
N THR T 10 -9.52 -24.23 -37.59
CA THR T 10 -9.98 -23.29 -36.58
C THR T 10 -11.50 -23.35 -36.41
N SER T 11 -12.22 -23.45 -37.52
CA SER T 11 -13.67 -23.62 -37.44
C SER T 11 -14.03 -24.86 -36.66
N VAL T 12 -13.37 -25.98 -36.97
CA VAL T 12 -13.68 -27.23 -36.30
C VAL T 12 -13.46 -27.10 -34.80
N VAL T 13 -12.32 -26.51 -34.41
CA VAL T 13 -11.98 -26.48 -33.00
C VAL T 13 -12.91 -25.54 -32.24
N VAL T 14 -13.27 -24.40 -32.83
CA VAL T 14 -14.17 -23.51 -32.11
C VAL T 14 -15.55 -24.14 -31.98
N SER T 15 -15.99 -24.86 -33.02
CA SER T 15 -17.29 -25.52 -32.94
C SER T 15 -17.31 -26.54 -31.81
N THR T 16 -16.35 -27.47 -31.81
CA THR T 16 -16.34 -28.48 -30.76
C THR T 16 -16.17 -27.85 -29.39
N LEU T 17 -15.41 -26.76 -29.30
CA LEU T 17 -15.22 -26.07 -28.02
C LEU T 17 -16.55 -25.57 -27.48
N LEU T 18 -17.28 -24.81 -28.29
CA LEU T 18 -18.53 -24.24 -27.83
C LEU T 18 -19.53 -25.33 -27.45
N GLY T 19 -19.66 -26.35 -28.30
CA GLY T 19 -20.57 -27.43 -27.98
C GLY T 19 -20.23 -28.12 -26.67
N LEU T 20 -18.94 -28.42 -26.45
CA LEU T 20 -18.53 -29.07 -25.22
C LEU T 20 -18.86 -28.22 -24.00
N VAL T 21 -18.56 -26.92 -24.07
CA VAL T 21 -18.83 -26.04 -22.94
C VAL T 21 -20.32 -26.02 -22.64
N MET T 22 -21.14 -25.98 -23.69
CA MET T 22 -22.59 -26.03 -23.50
C MET T 22 -23.00 -27.29 -22.75
N ALA T 23 -22.44 -28.43 -23.16
CA ALA T 23 -22.80 -29.69 -22.52
C ALA T 23 -22.46 -29.65 -21.02
N LEU T 24 -21.26 -29.18 -20.70
CA LEU T 24 -20.89 -29.02 -19.29
C LEU T 24 -21.90 -28.17 -18.56
N LEU T 25 -22.19 -26.98 -19.08
CA LEU T 25 -23.09 -26.06 -18.39
C LEU T 25 -24.42 -26.73 -18.09
N ILE T 26 -25.02 -27.37 -19.08
CA ILE T 26 -26.39 -27.80 -18.84
C ILE T 26 -26.44 -29.07 -17.99
N HIS T 27 -25.46 -29.99 -18.13
CA HIS T 27 -25.39 -31.06 -17.15
C HIS T 27 -25.29 -30.53 -15.73
N PHE T 28 -24.38 -29.57 -15.47
CA PHE T 28 -24.25 -29.08 -14.11
C PHE T 28 -25.52 -28.39 -13.63
N VAL T 29 -26.16 -27.61 -14.50
CA VAL T 29 -27.34 -26.87 -14.06
C VAL T 29 -28.47 -27.83 -13.74
N VAL T 30 -28.69 -28.84 -14.59
CA VAL T 30 -29.73 -29.81 -14.30
C VAL T 30 -29.44 -30.54 -13.00
N LEU T 31 -28.18 -30.93 -12.79
CA LEU T 31 -27.84 -31.61 -11.55
C LEU T 31 -28.01 -30.72 -10.33
N SER T 32 -27.80 -29.41 -10.48
CA SER T 32 -27.70 -28.53 -9.33
C SER T 32 -28.98 -28.51 -8.51
N SER T 33 -30.08 -28.02 -9.10
CA SER T 33 -31.32 -27.88 -8.37
C SER T 33 -32.43 -28.53 -9.19
N GLY T 34 -33.67 -28.41 -8.71
CA GLY T 34 -34.79 -29.07 -9.33
C GLY T 34 -34.55 -30.56 -9.37
N ALA T 35 -34.54 -31.20 -8.20
CA ALA T 35 -34.09 -32.57 -8.10
C ALA T 35 -34.93 -33.50 -8.97
N PHE T 36 -34.35 -34.68 -9.23
CA PHE T 36 -35.07 -35.76 -9.90
C PHE T 36 -34.70 -37.10 -9.29
N ASN T 37 -34.37 -37.12 -8.00
CA ASN T 37 -33.90 -38.29 -7.27
C ASN T 37 -32.56 -38.77 -7.76
N TRP T 38 -32.01 -38.17 -8.82
CA TRP T 38 -30.74 -38.59 -9.36
C TRP T 38 -29.61 -38.18 -8.43
N LEU T 39 -28.83 -39.16 -8.00
CA LEU T 39 -27.71 -38.94 -7.09
C LEU T 39 -28.22 -38.33 -5.78
N ARG T 40 -29.03 -39.13 -5.08
CA ARG T 40 -29.56 -38.79 -3.75
C ARG T 40 -30.14 -37.39 -3.65
N PRO U 5 -13.65 -1.95 -50.02
CA PRO U 5 -14.73 -1.11 -49.49
C PRO U 5 -15.05 -1.43 -48.04
N PHE U 6 -15.18 -2.71 -47.72
CA PHE U 6 -15.57 -3.12 -46.38
C PHE U 6 -15.42 -4.63 -46.27
N GLU U 7 -15.12 -5.11 -45.07
CA GLU U 7 -14.79 -6.51 -44.88
C GLU U 7 -16.04 -7.35 -44.67
N PHE U 8 -15.87 -8.66 -44.55
CA PHE U 8 -16.98 -9.59 -44.38
C PHE U 8 -16.82 -10.56 -43.22
N ARG U 9 -15.60 -11.05 -42.98
CA ARG U 9 -15.39 -12.00 -41.89
C ARG U 9 -15.79 -11.38 -40.55
N THR U 10 -15.37 -10.15 -40.31
CA THR U 10 -15.79 -9.43 -39.11
C THR U 10 -17.31 -9.34 -39.03
N SER U 11 -17.97 -9.09 -40.16
CA SER U 11 -19.42 -8.96 -40.16
C SER U 11 -20.08 -10.26 -39.73
N VAL U 12 -19.50 -11.39 -40.10
CA VAL U 12 -20.07 -12.66 -39.65
C VAL U 12 -19.79 -12.89 -38.17
N VAL U 13 -18.55 -12.61 -37.76
CA VAL U 13 -18.11 -12.96 -36.42
C VAL U 13 -18.89 -12.19 -35.37
N VAL U 14 -18.97 -10.87 -35.52
CA VAL U 14 -19.62 -10.08 -34.49
C VAL U 14 -21.10 -10.46 -34.36
N SER U 15 -21.74 -10.72 -35.49
CA SER U 15 -23.14 -11.13 -35.48
C SER U 15 -23.32 -12.43 -34.70
N THR U 16 -22.55 -13.45 -35.06
CA THR U 16 -22.74 -14.75 -34.41
C THR U 16 -22.37 -14.70 -32.94
N LEU U 17 -21.47 -13.81 -32.55
CA LEU U 17 -21.12 -13.69 -31.14
C LEU U 17 -22.25 -13.03 -30.34
N LEU U 18 -22.67 -11.85 -30.79
CA LEU U 18 -23.77 -11.15 -30.14
C LEU U 18 -25.00 -12.05 -30.03
N GLY U 19 -25.25 -12.87 -31.05
CA GLY U 19 -26.35 -13.80 -31.01
C GLY U 19 -26.36 -14.66 -29.77
N LEU U 20 -25.27 -15.39 -29.57
CA LEU U 20 -25.22 -16.32 -28.45
C LEU U 20 -25.27 -15.59 -27.12
N VAL U 21 -24.60 -14.43 -27.03
CA VAL U 21 -24.63 -13.71 -25.76
C VAL U 21 -26.05 -13.31 -25.40
N MET U 22 -26.78 -12.72 -26.36
CA MET U 22 -28.13 -12.26 -26.07
C MET U 22 -29.07 -13.43 -25.80
N ALA U 23 -28.89 -14.55 -26.51
CA ALA U 23 -29.72 -15.72 -26.25
C ALA U 23 -29.54 -16.22 -24.83
N LEU U 24 -28.28 -16.34 -24.40
CA LEU U 24 -27.99 -16.60 -22.99
C LEU U 24 -28.81 -15.70 -22.09
N LEU U 25 -28.62 -14.39 -22.23
CA LEU U 25 -29.24 -13.46 -21.28
C LEU U 25 -30.76 -13.60 -21.26
N ILE U 26 -31.37 -13.80 -22.42
CA ILE U 26 -32.82 -13.91 -22.47
C ILE U 26 -33.29 -15.15 -21.72
N HIS U 27 -32.65 -16.29 -21.97
CA HIS U 27 -33.02 -17.48 -21.21
C HIS U 27 -32.86 -17.27 -19.72
N PHE U 28 -31.76 -16.64 -19.28
CA PHE U 28 -31.57 -16.44 -17.86
C PHE U 28 -32.65 -15.55 -17.26
N VAL U 29 -33.01 -14.47 -17.97
CA VAL U 29 -34.00 -13.55 -17.43
C VAL U 29 -35.35 -14.24 -17.34
N VAL U 30 -35.73 -15.00 -18.37
CA VAL U 30 -36.99 -15.74 -18.28
C VAL U 30 -36.96 -16.71 -17.12
N LEU U 31 -35.79 -17.30 -16.86
CA LEU U 31 -35.66 -18.21 -15.72
C LEU U 31 -35.84 -17.48 -14.41
N SER U 32 -35.44 -16.21 -14.35
CA SER U 32 -35.34 -15.49 -13.08
C SER U 32 -36.64 -15.56 -12.27
N SER U 33 -37.72 -15.05 -12.84
CA SER U 33 -38.96 -14.94 -12.07
C SER U 33 -40.20 -15.35 -12.86
N GLY U 34 -40.06 -15.78 -14.12
CA GLY U 34 -41.23 -16.09 -14.92
C GLY U 34 -42.17 -17.07 -14.23
N ALA U 35 -41.61 -18.05 -13.54
CA ALA U 35 -42.38 -19.01 -12.75
C ALA U 35 -43.40 -19.74 -13.64
N PHE U 36 -42.89 -20.48 -14.61
CA PHE U 36 -43.72 -21.26 -15.51
C PHE U 36 -43.64 -22.76 -15.20
N ASN U 37 -43.28 -23.11 -13.96
CA ASN U 37 -42.98 -24.46 -13.49
C ASN U 37 -41.71 -25.01 -14.10
N TRP U 38 -41.05 -24.25 -14.99
CA TRP U 38 -39.88 -24.71 -15.71
C TRP U 38 -38.76 -25.07 -14.74
N LEU U 39 -38.44 -26.36 -14.66
CA LEU U 39 -37.52 -26.95 -13.69
C LEU U 39 -37.79 -26.41 -12.28
N ARG U 40 -39.01 -26.69 -11.81
CA ARG U 40 -39.41 -26.30 -10.46
C ARG U 40 -39.60 -27.52 -9.57
N PRO V 5 -12.22 15.15 -46.39
CA PRO V 5 -13.60 15.37 -45.97
C PRO V 5 -13.88 14.82 -44.58
N PHE V 6 -14.39 13.60 -44.52
CA PHE V 6 -14.63 12.90 -43.26
C PHE V 6 -14.89 11.44 -43.57
N GLU V 7 -14.46 10.57 -42.66
CA GLU V 7 -14.49 9.14 -42.92
C GLU V 7 -15.91 8.59 -42.82
N PHE V 8 -16.10 7.40 -43.37
CA PHE V 8 -17.39 6.74 -43.43
C PHE V 8 -17.44 5.43 -42.66
N ARG V 9 -16.44 4.57 -42.81
CA ARG V 9 -16.49 3.20 -42.30
C ARG V 9 -16.53 3.12 -40.78
N THR V 10 -16.56 4.26 -40.08
CA THR V 10 -16.71 4.27 -38.64
C THR V 10 -18.03 4.85 -38.17
N SER V 11 -18.69 5.66 -39.00
CA SER V 11 -19.95 6.28 -38.61
C SER V 11 -21.02 5.22 -38.38
N VAL V 12 -21.11 4.25 -39.29
CA VAL V 12 -22.08 3.18 -39.11
C VAL V 12 -21.82 2.46 -37.80
N VAL V 13 -20.55 2.24 -37.47
CA VAL V 13 -20.21 1.49 -36.25
C VAL V 13 -20.66 2.26 -35.02
N VAL V 14 -20.29 3.52 -34.93
CA VAL V 14 -20.66 4.29 -33.74
C VAL V 14 -22.16 4.41 -33.62
N SER V 15 -22.85 4.63 -34.75
CA SER V 15 -24.30 4.73 -34.73
C SER V 15 -24.93 3.44 -34.23
N THR V 16 -24.46 2.29 -34.72
CA THR V 16 -25.06 1.02 -34.35
C THR V 16 -24.82 0.71 -32.87
N LEU V 17 -23.61 0.96 -32.37
CA LEU V 17 -23.37 0.74 -30.96
C LEU V 17 -24.27 1.62 -30.10
N LEU V 18 -24.33 2.92 -30.41
CA LEU V 18 -25.18 3.82 -29.66
C LEU V 18 -26.63 3.33 -29.66
N GLY V 19 -27.13 2.96 -30.83
CA GLY V 19 -28.51 2.51 -30.92
C GLY V 19 -28.78 1.29 -30.07
N LEU V 20 -27.96 0.25 -30.25
CA LEU V 20 -28.14 -0.97 -29.48
C LEU V 20 -28.14 -0.68 -27.99
N VAL V 21 -27.15 0.08 -27.51
CA VAL V 21 -27.02 0.25 -26.07
C VAL V 21 -28.17 1.09 -25.52
N MET V 22 -28.63 2.09 -26.28
CA MET V 22 -29.75 2.90 -25.81
C MET V 22 -31.02 2.06 -25.71
N ALA V 23 -31.31 1.28 -26.74
CA ALA V 23 -32.51 0.44 -26.68
C ALA V 23 -32.43 -0.53 -25.51
N LEU V 24 -31.25 -1.07 -25.25
CA LEU V 24 -31.10 -1.99 -24.13
C LEU V 24 -31.40 -1.28 -22.82
N LEU V 25 -30.86 -0.08 -22.62
CA LEU V 25 -31.15 0.66 -21.40
C LEU V 25 -32.64 0.92 -21.24
N ILE V 26 -33.31 1.31 -22.33
CA ILE V 26 -34.73 1.67 -22.22
C ILE V 26 -35.54 0.46 -21.83
N HIS V 27 -35.32 -0.67 -22.51
CA HIS V 27 -35.97 -1.90 -22.10
C HIS V 27 -35.71 -2.21 -20.64
N PHE V 28 -34.45 -2.08 -20.20
CA PHE V 28 -34.14 -2.45 -18.82
C PHE V 28 -34.88 -1.60 -17.82
N VAL V 29 -34.93 -0.29 -18.06
CA VAL V 29 -35.60 0.60 -17.11
C VAL V 29 -37.09 0.29 -17.06
N VAL V 30 -37.72 0.20 -18.23
CA VAL V 30 -39.15 -0.13 -18.25
C VAL V 30 -39.41 -1.45 -17.56
N LEU V 31 -38.50 -2.41 -17.73
CA LEU V 31 -38.66 -3.72 -17.12
C LEU V 31 -38.57 -3.63 -15.60
N SER V 32 -37.65 -2.79 -15.12
CA SER V 32 -37.41 -2.72 -13.68
C SER V 32 -38.55 -1.99 -12.97
N SER V 33 -38.86 -0.77 -13.40
CA SER V 33 -39.77 0.07 -12.65
C SER V 33 -41.18 0.10 -13.23
N GLY V 34 -41.38 -0.45 -14.43
CA GLY V 34 -42.62 -0.22 -15.15
C GLY V 34 -43.85 -0.70 -14.41
N ALA V 35 -43.84 -1.94 -13.94
CA ALA V 35 -45.01 -2.55 -13.33
C ALA V 35 -46.22 -2.42 -14.25
N PHE V 36 -46.15 -3.04 -15.42
CA PHE V 36 -47.23 -3.02 -16.39
C PHE V 36 -47.91 -4.37 -16.52
N ASN V 37 -47.90 -5.18 -15.47
CA ASN V 37 -48.23 -6.60 -15.53
C ASN V 37 -47.43 -7.30 -16.61
N TRP V 38 -46.12 -7.12 -16.65
CA TRP V 38 -45.22 -7.94 -17.45
C TRP V 38 -45.11 -9.27 -16.73
N LEU V 39 -44.06 -10.06 -16.98
CA LEU V 39 -43.91 -11.35 -16.30
C LEU V 39 -44.22 -11.22 -14.82
N ARG V 40 -43.57 -10.30 -14.12
CA ARG V 40 -43.83 -10.04 -12.71
C ARG V 40 -43.77 -11.30 -11.86
N PRO W 5 -5.89 27.80 -40.23
CA PRO W 5 -7.26 28.17 -39.88
C PRO W 5 -7.69 27.61 -38.51
N PHE W 6 -8.68 26.72 -38.51
CA PHE W 6 -9.15 26.09 -37.29
C PHE W 6 -10.01 24.89 -37.66
N GLU W 7 -9.87 23.81 -36.89
CA GLU W 7 -10.39 22.50 -37.30
C GLU W 7 -11.92 22.48 -37.32
N PHE W 8 -12.47 21.42 -37.89
CA PHE W 8 -13.91 21.20 -38.02
C PHE W 8 -14.39 19.95 -37.31
N ARG W 9 -13.75 18.80 -37.56
CA ARG W 9 -14.24 17.54 -37.04
C ARG W 9 -14.33 17.56 -35.53
N THR W 10 -13.32 18.13 -34.86
CA THR W 10 -13.38 18.25 -33.42
C THR W 10 -14.52 19.16 -32.99
N SER W 11 -14.78 20.23 -33.75
CA SER W 11 -15.90 21.11 -33.47
C SER W 11 -17.23 20.39 -33.62
N VAL W 12 -17.26 19.29 -34.36
CA VAL W 12 -18.48 18.49 -34.43
C VAL W 12 -18.55 17.52 -33.25
N VAL W 13 -17.44 16.83 -32.97
CA VAL W 13 -17.43 15.80 -31.95
C VAL W 13 -17.78 16.36 -30.59
N VAL W 14 -17.16 17.49 -30.23
CA VAL W 14 -17.40 18.07 -28.91
C VAL W 14 -18.88 18.37 -28.73
N SER W 15 -19.48 19.00 -29.73
CA SER W 15 -20.91 19.33 -29.66
C SER W 15 -21.76 18.08 -29.49
N THR W 16 -21.52 17.07 -30.32
CA THR W 16 -22.36 15.87 -30.25
C THR W 16 -22.29 15.23 -28.87
N LEU W 17 -21.06 15.04 -28.36
CA LEU W 17 -20.94 14.33 -27.08
C LEU W 17 -21.52 15.16 -25.93
N LEU W 18 -21.27 16.48 -25.94
CA LEU W 18 -21.85 17.33 -24.93
C LEU W 18 -23.37 17.21 -24.93
N GLY W 19 -23.98 17.23 -26.12
CA GLY W 19 -25.42 17.10 -26.20
C GLY W 19 -25.93 15.80 -25.63
N LEU W 20 -25.32 14.68 -26.05
CA LEU W 20 -25.71 13.39 -25.51
C LEU W 20 -25.71 13.40 -23.99
N VAL W 21 -24.57 13.78 -23.41
CA VAL W 21 -24.44 13.71 -21.95
C VAL W 21 -25.50 14.56 -21.28
N MET W 22 -25.70 15.79 -21.80
CA MET W 22 -26.64 16.69 -21.15
C MET W 22 -28.07 16.17 -21.21
N ALA W 23 -28.49 15.69 -22.38
CA ALA W 23 -29.86 15.20 -22.51
C ALA W 23 -30.09 14.00 -21.59
N LEU W 24 -29.14 13.07 -21.55
CA LEU W 24 -29.31 11.90 -20.69
C LEU W 24 -29.42 12.33 -19.23
N LEU W 25 -28.54 13.23 -18.80
CA LEU W 25 -28.57 13.71 -17.42
C LEU W 25 -29.93 14.35 -17.11
N ILE W 26 -30.42 15.21 -18.00
CA ILE W 26 -31.67 15.92 -17.72
C ILE W 26 -32.82 14.95 -17.57
N HIS W 27 -32.94 14.00 -18.51
CA HIS W 27 -34.01 13.02 -18.41
C HIS W 27 -33.95 12.27 -17.09
N PHE W 28 -32.78 11.74 -16.75
CA PHE W 28 -32.67 10.99 -15.50
C PHE W 28 -33.04 11.85 -14.29
N VAL W 29 -32.57 13.09 -14.26
CA VAL W 29 -32.87 13.96 -13.11
C VAL W 29 -34.36 14.19 -12.98
N VAL W 30 -35.01 14.58 -14.08
CA VAL W 30 -36.43 14.86 -14.03
C VAL W 30 -37.19 13.63 -13.56
N LEU W 31 -36.99 12.50 -14.23
CA LEU W 31 -37.78 11.33 -13.86
C LEU W 31 -37.42 10.81 -12.47
N SER W 32 -36.28 11.21 -11.93
CA SER W 32 -35.95 10.88 -10.54
C SER W 32 -36.61 11.82 -9.55
N SER W 33 -36.93 13.04 -9.97
CA SER W 33 -37.55 13.99 -9.06
C SER W 33 -38.91 13.51 -8.54
N GLY W 34 -39.55 12.58 -9.25
CA GLY W 34 -40.85 12.08 -8.85
C GLY W 34 -41.88 13.17 -8.73
N ALA W 35 -42.11 13.94 -9.80
CA ALA W 35 -43.09 15.00 -9.77
C ALA W 35 -43.92 15.12 -11.05
N PHE W 36 -43.93 14.10 -11.91
CA PHE W 36 -44.69 14.21 -13.15
C PHE W 36 -45.52 12.97 -13.42
N ASN W 37 -45.16 11.86 -12.78
CA ASN W 37 -45.90 10.59 -12.68
C ASN W 37 -45.81 9.65 -13.87
N TRP W 38 -45.06 9.93 -14.93
CA TRP W 38 -44.92 8.86 -15.90
C TRP W 38 -43.97 7.79 -15.36
N LEU W 39 -44.20 6.55 -15.79
CA LEU W 39 -43.65 5.37 -15.13
C LEU W 39 -44.07 5.32 -13.66
N ARG W 40 -45.39 5.22 -13.44
CA ARG W 40 -45.97 5.12 -12.11
C ARG W 40 -45.52 6.24 -11.18
N PRO X 5 2.18 38.34 -29.99
CA PRO X 5 1.76 38.75 -28.65
C PRO X 5 1.20 37.57 -27.85
N PHE X 6 -0.08 37.30 -28.04
CA PHE X 6 -0.75 36.20 -27.35
C PHE X 6 -1.33 35.21 -28.35
N GLU X 7 -1.09 33.91 -28.13
CA GLU X 7 -1.60 32.90 -29.04
C GLU X 7 -3.12 32.92 -29.01
N PHE X 8 -3.71 32.91 -30.20
CA PHE X 8 -5.17 32.98 -30.41
C PHE X 8 -6.06 31.80 -30.03
N ARG X 9 -5.61 30.60 -30.31
CA ARG X 9 -6.40 29.40 -30.05
C ARG X 9 -6.76 29.24 -28.59
N THR X 10 -5.81 29.57 -27.72
CA THR X 10 -6.03 29.45 -26.29
C THR X 10 -7.16 30.33 -25.76
N SER X 11 -7.24 31.56 -26.26
CA SER X 11 -8.28 32.48 -25.77
C SER X 11 -9.72 32.05 -26.04
N VAL X 12 -10.02 31.59 -27.25
CA VAL X 12 -11.38 31.16 -27.57
C VAL X 12 -11.76 29.94 -26.74
N VAL X 13 -10.79 29.04 -26.62
CA VAL X 13 -10.93 27.78 -25.89
C VAL X 13 -10.98 28.04 -24.40
N VAL X 14 -9.99 28.76 -23.87
CA VAL X 14 -9.93 28.94 -22.42
C VAL X 14 -11.10 29.78 -21.93
N SER X 15 -11.52 30.78 -22.72
CA SER X 15 -12.63 31.63 -22.30
C SER X 15 -13.91 30.83 -22.21
N THR X 16 -14.24 30.09 -23.27
CA THR X 16 -15.45 29.27 -23.25
C THR X 16 -15.40 28.26 -22.12
N LEU X 17 -14.26 27.59 -21.95
CA LEU X 17 -14.12 26.60 -20.89
C LEU X 17 -14.43 27.21 -19.53
N LEU X 18 -13.77 28.32 -19.20
CA LEU X 18 -13.94 28.92 -17.88
C LEU X 18 -15.38 29.40 -17.68
N GLY X 19 -15.90 30.18 -18.63
CA GLY X 19 -17.25 30.68 -18.51
C GLY X 19 -18.27 29.56 -18.34
N LEU X 20 -18.08 28.46 -19.07
CA LEU X 20 -19.02 27.34 -18.99
C LEU X 20 -18.95 26.65 -17.63
N VAL X 21 -17.75 26.31 -17.18
CA VAL X 21 -17.61 25.70 -15.87
C VAL X 21 -18.29 26.55 -14.82
N MET X 22 -18.06 27.85 -14.86
CA MET X 22 -18.63 28.73 -13.84
C MET X 22 -20.14 28.82 -13.95
N ALA X 23 -20.68 28.83 -15.17
CA ALA X 23 -22.13 28.79 -15.32
C ALA X 23 -22.70 27.56 -14.64
N LEU X 24 -22.11 26.39 -14.91
CA LEU X 24 -22.59 25.16 -14.29
C LEU X 24 -22.53 25.25 -12.77
N LEU X 25 -21.41 25.75 -12.26
CA LEU X 25 -21.22 25.80 -10.81
C LEU X 25 -22.24 26.71 -10.14
N ILE X 26 -22.43 27.91 -10.69
CA ILE X 26 -23.41 28.84 -10.12
C ILE X 26 -24.80 28.24 -10.18
N HIS X 27 -25.15 27.63 -11.31
CA HIS X 27 -26.49 27.10 -11.46
C HIS X 27 -26.76 26.05 -10.38
N PHE X 28 -25.82 25.12 -10.22
CA PHE X 28 -25.87 24.15 -9.12
C PHE X 28 -26.05 24.84 -7.76
N VAL X 29 -25.12 25.72 -7.41
CA VAL X 29 -25.10 26.28 -6.07
C VAL X 29 -26.39 27.00 -5.75
N VAL X 30 -26.88 27.79 -6.72
CA VAL X 30 -28.10 28.55 -6.49
C VAL X 30 -29.28 27.62 -6.29
N LEU X 31 -29.58 26.79 -7.29
CA LEU X 31 -30.83 26.05 -7.14
C LEU X 31 -30.72 24.93 -6.11
N SER X 32 -29.52 24.63 -5.60
CA SER X 32 -29.37 23.50 -4.70
C SER X 32 -29.75 23.86 -3.28
N SER X 33 -29.01 24.78 -2.68
CA SER X 33 -29.27 25.17 -1.30
C SER X 33 -30.46 26.12 -1.26
N GLY X 34 -30.74 26.67 -0.09
CA GLY X 34 -31.84 27.60 0.08
C GLY X 34 -33.16 27.02 -0.39
N ALA X 35 -34.02 27.92 -0.85
CA ALA X 35 -35.32 27.54 -1.38
C ALA X 35 -35.69 28.49 -2.51
N PHE X 36 -36.28 27.94 -3.57
CA PHE X 36 -36.80 28.77 -4.64
C PHE X 36 -38.15 28.28 -5.16
N ASN X 37 -38.73 27.24 -4.55
CA ASN X 37 -40.01 26.66 -4.99
C ASN X 37 -39.88 26.05 -6.38
N TRP X 38 -38.81 25.30 -6.58
CA TRP X 38 -38.56 24.51 -7.78
C TRP X 38 -39.34 23.20 -7.64
N LEU X 39 -38.97 22.17 -8.40
CA LEU X 39 -39.78 20.97 -8.59
C LEU X 39 -40.33 20.33 -7.30
N ARG X 40 -39.82 20.74 -6.15
CA ARG X 40 -40.32 20.24 -4.87
C ARG X 40 -41.84 20.37 -4.76
N PRO Y 5 17.05 42.76 -21.43
CA PRO Y 5 15.61 42.95 -21.55
C PRO Y 5 14.83 42.30 -20.43
N PHE Y 6 13.58 42.73 -20.20
CA PHE Y 6 12.71 42.11 -19.22
C PHE Y 6 11.35 41.87 -19.86
N GLU Y 7 10.79 40.68 -19.62
CA GLU Y 7 9.64 40.23 -20.37
C GLU Y 7 8.37 40.98 -19.98
N PHE Y 8 7.38 40.93 -20.87
CA PHE Y 8 6.03 41.43 -20.65
C PHE Y 8 4.98 40.34 -20.66
N ARG Y 9 4.94 39.53 -21.72
CA ARG Y 9 3.82 38.62 -21.96
C ARG Y 9 3.51 37.78 -20.73
N THR Y 10 4.53 37.10 -20.20
CA THR Y 10 4.30 36.17 -19.10
C THR Y 10 3.83 36.87 -17.82
N SER Y 11 3.89 38.19 -17.76
CA SER Y 11 3.35 38.91 -16.61
C SER Y 11 1.83 38.97 -16.61
N VAL Y 12 1.19 38.76 -17.75
CA VAL Y 12 -0.26 38.87 -17.83
C VAL Y 12 -0.93 37.67 -17.17
N VAL Y 13 -0.37 36.47 -17.39
CA VAL Y 13 -0.98 35.25 -16.88
C VAL Y 13 -1.04 35.28 -15.37
N VAL Y 14 0.03 35.73 -14.72
CA VAL Y 14 0.05 35.82 -13.27
C VAL Y 14 -1.10 36.69 -12.77
N SER Y 15 -1.23 37.88 -13.36
CA SER Y 15 -2.30 38.79 -12.95
C SER Y 15 -3.66 38.14 -13.12
N THR Y 16 -3.92 37.57 -14.29
CA THR Y 16 -5.23 36.98 -14.56
C THR Y 16 -5.55 35.87 -13.56
N LEU Y 17 -4.61 34.95 -13.39
CA LEU Y 17 -4.84 33.81 -12.50
C LEU Y 17 -5.08 34.27 -11.07
N LEU Y 18 -4.25 35.19 -10.58
CA LEU Y 18 -4.39 35.64 -9.21
C LEU Y 18 -5.71 36.35 -9.00
N GLY Y 19 -6.11 37.19 -9.97
CA GLY Y 19 -7.41 37.83 -9.87
C GLY Y 19 -8.53 36.84 -9.77
N LEU Y 20 -8.56 35.88 -10.69
CA LEU Y 20 -9.60 34.86 -10.67
C LEU Y 20 -9.67 34.18 -9.32
N VAL Y 21 -8.52 33.67 -8.84
CA VAL Y 21 -8.56 32.85 -7.64
C VAL Y 21 -8.96 33.69 -6.43
N MET Y 22 -8.44 34.91 -6.30
CA MET Y 22 -8.74 35.71 -5.12
C MET Y 22 -10.20 36.14 -5.11
N ALA Y 23 -10.71 36.59 -6.25
CA ALA Y 23 -12.12 36.95 -6.31
C ALA Y 23 -13.00 35.76 -5.95
N LEU Y 24 -12.74 34.61 -6.57
CA LEU Y 24 -13.57 33.44 -6.30
C LEU Y 24 -13.52 33.07 -4.83
N LEU Y 25 -12.33 33.08 -4.23
CA LEU Y 25 -12.21 32.71 -2.82
C LEU Y 25 -12.99 33.68 -1.94
N ILE Y 26 -12.67 34.98 -2.01
CA ILE Y 26 -13.29 35.90 -1.07
C ILE Y 26 -14.79 35.97 -1.28
N HIS Y 27 -15.27 35.91 -2.52
CA HIS Y 27 -16.69 36.00 -2.80
C HIS Y 27 -17.42 34.69 -2.55
N PHE Y 28 -16.71 33.58 -2.38
CA PHE Y 28 -17.35 32.27 -2.27
C PHE Y 28 -17.56 31.81 -0.84
N VAL Y 29 -16.50 31.64 -0.06
CA VAL Y 29 -16.58 31.06 1.28
C VAL Y 29 -16.92 32.12 2.31
N VAL Y 30 -16.14 33.21 2.37
CA VAL Y 30 -16.11 34.05 3.56
C VAL Y 30 -17.48 34.65 3.83
N LEU Y 31 -18.00 35.44 2.88
CA LEU Y 31 -19.28 36.10 3.13
C LEU Y 31 -20.40 35.08 3.29
N SER Y 32 -20.40 34.00 2.51
CA SER Y 32 -21.49 33.04 2.59
C SER Y 32 -21.45 32.21 3.86
N SER Y 33 -20.52 32.49 4.78
CA SER Y 33 -20.49 31.88 6.09
C SER Y 33 -20.43 33.03 7.10
N GLY Y 34 -21.59 33.42 7.59
CA GLY Y 34 -21.68 34.57 8.46
C GLY Y 34 -23.09 35.15 8.43
N ALA Y 35 -23.22 36.33 9.01
CA ALA Y 35 -24.51 36.99 9.14
C ALA Y 35 -24.58 38.14 8.14
N PHE Y 36 -25.17 37.87 6.97
CA PHE Y 36 -25.52 38.93 6.04
C PHE Y 36 -26.96 38.84 5.54
N ASN Y 37 -27.56 37.66 5.53
CA ASN Y 37 -28.94 37.38 5.19
C ASN Y 37 -29.34 37.62 3.73
N TRP Y 38 -28.64 37.03 2.76
CA TRP Y 38 -29.24 36.73 1.46
C TRP Y 38 -29.17 35.23 1.25
N LEU Y 39 -30.30 34.64 0.83
CA LEU Y 39 -30.45 33.20 0.71
C LEU Y 39 -30.28 32.53 2.07
N ARG Y 40 -31.17 32.89 2.99
CA ARG Y 40 -31.17 32.28 4.31
C ARG Y 40 -31.83 30.91 4.26
N PRO Z 5 27.68 40.04 -13.12
CA PRO Z 5 28.00 40.96 -12.01
C PRO Z 5 27.04 40.83 -10.84
N PHE Z 6 25.82 41.33 -11.00
CA PHE Z 6 24.83 41.33 -9.93
C PHE Z 6 23.46 41.64 -10.52
N GLU Z 7 22.47 40.83 -10.14
CA GLU Z 7 21.19 40.79 -10.85
C GLU Z 7 20.14 41.66 -10.16
N PHE Z 8 19.06 41.91 -10.91
CA PHE Z 8 17.95 42.75 -10.47
C PHE Z 8 16.61 42.02 -10.47
N ARG Z 9 16.29 41.31 -11.57
CA ARG Z 9 14.99 40.69 -11.70
C ARG Z 9 14.71 39.73 -10.56
N THR Z 10 15.72 38.95 -10.17
CA THR Z 10 15.55 38.04 -9.04
C THR Z 10 15.16 38.80 -7.77
N SER Z 11 15.78 39.96 -7.55
CA SER Z 11 15.42 40.77 -6.39
C SER Z 11 13.96 41.19 -6.46
N VAL Z 12 13.52 41.67 -7.62
CA VAL Z 12 12.12 42.07 -7.76
C VAL Z 12 11.19 40.91 -7.44
N VAL Z 13 11.51 39.74 -7.98
CA VAL Z 13 10.60 38.59 -7.83
C VAL Z 13 10.50 38.17 -6.36
N VAL Z 14 11.65 38.06 -5.68
CA VAL Z 14 11.58 37.65 -4.28
C VAL Z 14 10.88 38.72 -3.45
N SER Z 15 11.07 40.00 -3.77
CA SER Z 15 10.36 41.05 -3.07
C SER Z 15 8.85 40.85 -3.18
N THR Z 16 8.36 40.63 -4.41
CA THR Z 16 6.92 40.48 -4.60
C THR Z 16 6.38 39.27 -3.86
N LEU Z 17 7.05 38.12 -4.01
CA LEU Z 17 6.59 36.92 -3.32
C LEU Z 17 6.50 37.15 -1.82
N LEU Z 18 7.56 37.72 -1.24
CA LEU Z 18 7.60 37.88 0.21
C LEU Z 18 6.53 38.87 0.65
N GLY Z 19 6.29 39.92 -0.13
CA GLY Z 19 5.24 40.86 0.21
C GLY Z 19 3.87 40.20 0.26
N LEU Z 20 3.54 39.45 -0.79
CA LEU Z 20 2.25 38.76 -0.82
C LEU Z 20 2.10 37.86 0.40
N VAL Z 21 3.10 37.00 0.65
CA VAL Z 21 2.93 36.00 1.70
C VAL Z 21 2.82 36.66 3.07
N MET Z 22 3.61 37.71 3.31
CA MET Z 22 3.57 38.35 4.62
C MET Z 22 2.24 39.06 4.84
N ALA Z 23 1.80 39.86 3.86
CA ALA Z 23 0.52 40.54 4.01
C ALA Z 23 -0.61 39.55 4.24
N LEU Z 24 -0.59 38.43 3.51
CA LEU Z 24 -1.67 37.46 3.65
C LEU Z 24 -1.65 36.81 5.02
N LEU Z 25 -0.46 36.40 5.49
CA LEU Z 25 -0.38 35.82 6.83
C LEU Z 25 -0.87 36.80 7.88
N ILE Z 26 -0.50 38.08 7.76
CA ILE Z 26 -0.89 39.03 8.80
C ILE Z 26 -2.40 39.24 8.80
N HIS Z 27 -3.00 39.47 7.62
CA HIS Z 27 -4.46 39.50 7.56
C HIS Z 27 -5.08 38.21 8.09
N PHE Z 28 -4.34 37.11 8.07
CA PHE Z 28 -4.91 35.88 8.62
C PHE Z 28 -4.84 35.87 10.15
N VAL Z 29 -3.76 36.40 10.72
CA VAL Z 29 -3.59 36.32 12.17
C VAL Z 29 -4.67 37.14 12.88
N VAL Z 30 -4.69 38.44 12.66
CA VAL Z 30 -5.76 39.31 13.14
C VAL Z 30 -6.98 38.98 12.28
N LEU Z 31 -8.17 39.31 12.79
CA LEU Z 31 -9.43 39.14 12.09
C LEU Z 31 -9.84 37.67 12.05
N SER Z 32 -8.98 36.80 12.54
CA SER Z 32 -9.35 35.45 12.91
C SER Z 32 -9.45 35.27 14.42
N SER Z 33 -8.81 36.16 15.17
CA SER Z 33 -8.87 36.19 16.61
C SER Z 33 -9.27 37.59 17.05
N GLY Z 34 -9.04 37.87 18.32
CA GLY Z 34 -9.28 39.21 18.84
C GLY Z 34 -10.77 39.51 18.92
N ALA Z 35 -11.04 40.77 19.21
CA ALA Z 35 -12.39 41.25 19.50
C ALA Z 35 -12.75 42.41 18.58
N PHE Z 36 -12.50 42.27 17.28
CA PHE Z 36 -12.80 43.34 16.35
C PHE Z 36 -14.16 43.15 15.71
N ASN Z 37 -14.49 41.93 15.33
CA ASN Z 37 -15.82 41.53 14.90
C ASN Z 37 -16.27 42.18 13.59
N TRP Z 38 -15.55 42.04 12.48
CA TRP Z 38 -16.22 42.29 11.22
C TRP Z 38 -16.96 41.03 10.80
N LEU Z 39 -18.17 41.21 10.26
CA LEU Z 39 -19.14 40.14 10.06
C LEU Z 39 -19.46 39.48 11.41
N ARG Z 40 -20.03 40.29 12.31
CA ARG Z 40 -20.53 39.82 13.59
C ARG Z 40 -19.48 39.04 14.38
N PRO AA 5 40.93 34.19 -3.54
CA PRO AA 5 39.98 35.21 -3.09
C PRO AA 5 38.95 34.65 -2.12
N PHE AA 6 37.76 35.27 -2.10
CA PHE AA 6 36.68 34.80 -1.25
C PHE AA 6 35.36 35.43 -1.67
N GLU AA 7 34.32 34.61 -1.84
CA GLU AA 7 33.05 35.10 -2.33
C GLU AA 7 32.41 36.06 -1.34
N PHE AA 8 31.58 36.96 -1.86
CA PHE AA 8 30.94 38.01 -1.07
C PHE AA 8 29.43 37.88 -1.01
N ARG AA 9 28.76 37.78 -2.16
CA ARG AA 9 27.31 37.97 -2.22
C ARG AA 9 26.55 37.09 -1.24
N THR AA 10 27.07 35.89 -0.95
CA THR AA 10 26.34 34.94 -0.11
C THR AA 10 26.07 35.51 1.28
N SER AA 11 26.91 36.44 1.74
CA SER AA 11 26.72 37.06 3.04
C SER AA 11 25.37 37.75 3.12
N VAL AA 12 25.05 38.55 2.10
CA VAL AA 12 23.76 39.25 2.07
C VAL AA 12 22.62 38.26 2.21
N VAL AA 13 22.67 37.16 1.44
CA VAL AA 13 21.58 36.20 1.42
C VAL AA 13 21.41 35.59 2.81
N VAL AA 14 22.48 35.01 3.35
CA VAL AA 14 22.35 34.32 4.63
C VAL AA 14 21.91 35.28 5.72
N SER AA 15 22.43 36.51 5.68
CA SER AA 15 22.09 37.48 6.72
C SER AA 15 20.61 37.84 6.64
N THR AA 16 20.13 38.24 5.47
CA THR AA 16 18.73 38.58 5.29
C THR AA 16 17.83 37.44 5.77
N LEU AA 17 18.14 36.22 5.33
CA LEU AA 17 17.24 35.10 5.62
C LEU AA 17 17.23 34.80 7.11
N LEU AA 18 18.40 34.75 7.73
CA LEU AA 18 18.44 34.48 9.16
C LEU AA 18 17.72 35.57 9.93
N GLY AA 19 17.83 36.82 9.48
CA GLY AA 19 17.10 37.89 10.14
C GLY AA 19 15.61 37.69 10.08
N LEU AA 20 15.10 37.45 8.87
CA LEU AA 20 13.68 37.17 8.70
C LEU AA 20 13.24 36.07 9.66
N VAL AA 21 13.94 34.94 9.64
CA VAL AA 21 13.43 33.77 10.37
C VAL AA 21 13.51 34.00 11.87
N MET AA 22 14.59 34.62 12.35
CA MET AA 22 14.73 34.81 13.79
C MET AA 22 13.75 35.83 14.33
N ALA AA 23 13.62 36.98 13.65
CA ALA AA 23 12.62 37.95 14.06
C ALA AA 23 11.23 37.35 14.04
N LEU AA 24 10.94 36.52 13.04
CA LEU AA 24 9.64 35.87 12.96
C LEU AA 24 9.42 34.96 14.14
N LEU AA 25 10.42 34.12 14.46
CA LEU AA 25 10.26 33.17 15.55
C LEU AA 25 10.05 33.88 16.89
N ILE AA 26 10.80 34.95 17.14
CA ILE AA 26 10.66 35.62 18.44
C ILE AA 26 9.33 36.34 18.54
N HIS AA 27 8.97 37.12 17.50
CA HIS AA 27 7.62 37.63 17.39
C HIS AA 27 6.55 36.57 17.59
N PHE AA 28 6.84 35.31 17.25
CA PHE AA 28 5.90 34.27 17.61
C PHE AA 28 5.88 34.00 19.10
N VAL AA 29 7.02 33.58 19.67
CA VAL AA 29 7.03 33.03 21.03
C VAL AA 29 6.38 34.01 22.00
N VAL AA 30 6.88 35.23 22.06
CA VAL AA 30 6.12 36.30 22.70
C VAL AA 30 4.92 36.62 21.83
N LEU AA 31 3.75 36.69 22.47
CA LEU AA 31 2.38 36.67 21.97
C LEU AA 31 1.95 35.27 21.59
N SER AA 32 2.86 34.29 21.60
CA SER AA 32 2.44 32.91 21.76
C SER AA 32 2.35 32.53 23.22
N SER AA 33 2.37 33.52 24.11
CA SER AA 33 2.20 33.30 25.54
C SER AA 33 1.70 34.60 26.14
N GLY AA 34 0.51 34.57 26.72
CA GLY AA 34 -0.07 35.79 27.26
C GLY AA 34 0.79 36.40 28.34
N ALA AA 35 1.44 37.52 28.01
CA ALA AA 35 2.28 38.20 28.98
C ALA AA 35 2.20 39.72 28.91
N PHE AA 36 1.66 40.29 27.82
CA PHE AA 36 1.74 41.72 27.58
C PHE AA 36 0.38 42.35 27.26
N ASN AA 37 -0.72 41.62 27.48
CA ASN AA 37 -2.06 42.08 27.11
C ASN AA 37 -2.15 42.41 25.62
N TRP AA 38 -1.97 41.37 24.81
CA TRP AA 38 -2.32 41.44 23.40
C TRP AA 38 -3.81 41.35 23.15
N LEU AA 39 -4.15 41.00 21.92
CA LEU AA 39 -5.53 40.84 21.47
C LEU AA 39 -6.43 40.26 22.56
N ARG AA 40 -6.01 39.14 23.13
CA ARG AA 40 -6.69 38.53 24.27
C ARG AA 40 -8.17 38.29 24.01
N PRO BA 5 47.64 20.48 1.59
CA PRO BA 5 47.16 21.66 2.32
C PRO BA 5 45.86 21.38 3.08
N PHE BA 6 45.12 22.44 3.39
CA PHE BA 6 43.86 22.33 4.11
C PHE BA 6 43.10 23.64 3.97
N GLU BA 7 41.78 23.54 3.75
CA GLU BA 7 40.96 24.70 3.45
C GLU BA 7 40.72 25.54 4.69
N PHE BA 8 40.26 26.78 4.47
CA PHE BA 8 39.99 27.72 5.54
C PHE BA 8 38.51 28.09 5.65
N ARG BA 9 37.91 28.54 4.54
CA ARG BA 9 36.59 29.19 4.60
C ARG BA 9 35.56 28.36 5.36
N THR BA 10 35.54 27.04 5.10
CA THR BA 10 34.53 26.18 5.71
C THR BA 10 34.53 26.27 7.24
N SER BA 11 35.69 26.51 7.84
CA SER BA 11 35.80 26.51 9.30
C SER BA 11 34.91 27.60 9.90
N VAL BA 12 34.95 28.80 9.32
CA VAL BA 12 34.13 29.89 9.84
C VAL BA 12 32.66 29.53 9.75
N VAL BA 13 32.25 28.94 8.63
CA VAL BA 13 30.85 28.57 8.43
C VAL BA 13 30.40 27.60 9.52
N VAL BA 14 31.16 26.52 9.71
CA VAL BA 14 30.73 25.50 10.66
C VAL BA 14 30.75 26.06 12.09
N SER BA 15 31.73 26.91 12.40
CA SER BA 15 31.77 27.52 13.72
C SER BA 15 30.54 28.37 13.96
N THR BA 16 30.16 29.19 12.98
CA THR BA 16 28.98 30.02 13.12
C THR BA 16 27.74 29.18 13.33
N LEU BA 17 27.55 28.17 12.49
CA LEU BA 17 26.41 27.26 12.62
C LEU BA 17 26.32 26.69 14.02
N LEU BA 18 27.43 26.14 14.52
CA LEU BA 18 27.40 25.44 15.79
C LEU BA 18 27.14 26.42 16.93
N GLY BA 19 27.74 27.60 16.88
CA GLY BA 19 27.48 28.59 17.92
C GLY BA 19 26.02 29.00 17.97
N LEU BA 20 25.46 29.28 16.80
CA LEU BA 20 24.04 29.62 16.71
C LEU BA 20 23.18 28.55 17.37
N VAL BA 21 23.37 27.29 16.96
CA VAL BA 21 22.49 26.24 17.45
C VAL BA 21 22.68 26.04 18.95
N MET BA 22 23.91 26.14 19.46
CA MET BA 22 24.15 26.00 20.89
C MET BA 22 23.39 27.05 21.68
N ALA BA 23 23.57 28.32 21.31
CA ALA BA 23 22.91 29.38 22.05
C ALA BA 23 21.39 29.24 21.99
N LEU BA 24 20.88 28.85 20.82
CA LEU BA 24 19.44 28.70 20.65
C LEU BA 24 18.89 27.64 21.59
N LEU BA 25 19.53 26.47 21.61
CA LEU BA 25 19.09 25.38 22.48
C LEU BA 25 19.15 25.80 23.95
N ILE BA 26 20.23 26.48 24.34
CA ILE BA 26 20.37 26.85 25.75
C ILE BA 26 19.22 27.76 26.17
N HIS BA 27 18.96 28.79 25.37
CA HIS BA 27 17.83 29.67 25.69
C HIS BA 27 16.51 28.90 25.74
N PHE BA 28 16.27 27.98 24.78
CA PHE BA 28 15.02 27.23 24.82
C PHE BA 28 14.86 26.45 26.13
N VAL BA 29 15.89 25.70 26.52
CA VAL BA 29 15.70 24.84 27.68
C VAL BA 29 15.58 25.67 28.96
N VAL BA 30 16.35 26.76 29.05
CA VAL BA 30 16.26 27.58 30.26
C VAL BA 30 14.92 28.29 30.32
N LEU BA 31 14.35 28.65 29.17
CA LEU BA 31 13.00 29.18 29.18
C LEU BA 31 12.01 28.14 29.66
N SER BA 32 12.05 26.94 29.07
CA SER BA 32 11.04 25.93 29.38
C SER BA 32 11.08 25.56 30.86
N SER BA 33 12.19 24.99 31.31
CA SER BA 33 12.24 24.42 32.66
C SER BA 33 12.72 25.41 33.71
N GLY BA 34 12.96 26.65 33.34
CA GLY BA 34 13.66 27.57 34.21
C GLY BA 34 12.88 27.98 35.45
N ALA BA 35 13.57 28.72 36.30
CA ALA BA 35 13.04 29.28 37.52
C ALA BA 35 13.46 30.74 37.66
N PHE BA 36 13.29 31.50 36.58
CA PHE BA 36 13.72 32.89 36.55
C PHE BA 36 12.59 33.89 36.38
N ASN BA 37 11.39 33.43 36.00
CA ASN BA 37 10.15 34.17 35.94
C ASN BA 37 9.99 35.13 34.77
N TRP BA 38 10.99 35.33 33.90
CA TRP BA 38 10.71 36.22 32.79
C TRP BA 38 9.74 35.52 31.83
N LEU BA 39 8.85 36.31 31.24
CA LEU BA 39 7.66 35.83 30.55
C LEU BA 39 6.78 35.02 31.51
N ARG BA 40 6.31 35.75 32.51
CA ARG BA 40 5.37 35.23 33.51
C ARG BA 40 5.85 33.93 34.13
N PRO CA 5 49.53 6.80 2.86
CA PRO CA 5 49.22 5.51 3.47
C PRO CA 5 47.99 5.57 4.37
N PHE CA 6 47.63 6.78 4.80
CA PHE CA 6 46.47 6.96 5.66
C PHE CA 6 46.16 8.44 5.72
N GLU CA 7 44.87 8.78 5.73
CA GLU CA 7 44.44 10.16 5.56
C GLU CA 7 44.36 10.88 6.90
N PHE CA 8 44.54 12.20 6.85
CA PHE CA 8 44.50 13.05 8.04
C PHE CA 8 43.56 14.24 7.92
N ARG CA 9 43.42 14.81 6.71
CA ARG CA 9 42.69 16.06 6.55
C ARG CA 9 41.32 16.03 7.21
N THR CA 10 40.68 14.87 7.25
CA THR CA 10 39.39 14.72 7.89
C THR CA 10 39.41 13.73 9.04
N SER CA 11 40.58 13.24 9.41
CA SER CA 11 40.70 12.29 10.52
C SER CA 11 40.52 12.94 11.86
N VAL CA 12 40.11 14.21 11.89
CA VAL CA 12 39.91 14.93 13.14
C VAL CA 12 38.44 15.32 13.33
N VAL CA 13 37.76 15.65 12.23
CA VAL CA 13 36.35 16.05 12.31
C VAL CA 13 35.55 15.01 13.05
N VAL CA 14 35.79 13.72 12.78
CA VAL CA 14 35.07 12.66 13.47
C VAL CA 14 35.30 12.75 14.97
N SER CA 15 36.55 12.95 15.37
CA SER CA 15 36.87 13.03 16.79
C SER CA 15 36.18 14.22 17.45
N THR CA 16 36.15 15.36 16.76
CA THR CA 16 35.51 16.55 17.31
C THR CA 16 34.01 16.31 17.48
N LEU CA 17 33.37 15.80 16.43
CA LEU CA 17 31.96 15.43 16.50
C LEU CA 17 31.70 14.52 17.70
N LEU CA 18 32.53 13.49 17.86
CA LEU CA 18 32.31 12.53 18.93
C LEU CA 18 32.44 13.20 20.29
N GLY CA 19 33.47 14.02 20.47
CA GLY CA 19 33.62 14.71 21.74
C GLY CA 19 32.44 15.60 22.05
N LEU CA 20 32.00 16.38 21.06
CA LEU CA 20 30.84 17.24 21.25
C LEU CA 20 29.63 16.43 21.71
N VAL CA 21 29.28 15.39 20.95
CA VAL CA 21 28.05 14.66 21.25
C VAL CA 21 28.16 13.98 22.61
N MET CA 22 29.33 13.45 22.95
CA MET CA 22 29.46 12.75 24.22
C MET CA 22 29.33 13.71 25.39
N ALA CA 23 29.96 14.89 25.30
CA ALA CA 23 29.84 15.86 26.38
C ALA CA 23 28.40 16.34 26.54
N LEU CA 24 27.71 16.56 25.41
CA LEU CA 24 26.31 16.93 25.46
C LEU CA 24 25.49 15.87 26.19
N LEU CA 25 25.67 14.61 25.79
CA LEU CA 25 24.90 13.53 26.38
C LEU CA 25 25.20 13.39 27.87
N ILE CA 26 26.45 13.60 28.25
CA ILE CA 26 26.81 13.52 29.67
C ILE CA 26 26.08 14.58 30.46
N HIS CA 27 26.15 15.84 30.00
CA HIS CA 27 25.41 16.90 30.69
C HIS CA 27 23.93 16.55 30.82
N PHE CA 28 23.31 16.10 29.74
CA PHE CA 28 21.88 15.78 29.81
C PHE CA 28 21.60 14.68 30.82
N VAL CA 29 22.37 13.60 30.79
CA VAL CA 29 22.11 12.49 31.69
C VAL CA 29 22.28 12.93 33.13
N VAL CA 30 23.31 13.73 33.41
CA VAL CA 30 23.48 14.28 34.75
C VAL CA 30 22.24 15.06 35.15
N LEU CA 31 21.73 15.89 34.24
CA LEU CA 31 20.59 16.72 34.58
C LEU CA 31 19.35 15.89 34.85
N SER CA 32 19.15 14.82 34.08
CA SER CA 32 17.85 14.15 34.06
C SER CA 32 17.45 13.66 35.44
N SER CA 33 18.19 12.72 36.00
CA SER CA 33 17.95 12.24 37.35
C SER CA 33 18.71 13.15 38.30
N GLY CA 34 18.23 14.37 38.46
CA GLY CA 34 18.95 15.35 39.24
C GLY CA 34 19.20 14.82 40.63
N ALA CA 35 20.46 14.49 40.90
CA ALA CA 35 20.81 13.87 42.16
C ALA CA 35 20.87 14.85 43.31
N PHE CA 36 21.77 15.82 43.26
CA PHE CA 36 21.95 16.69 44.42
C PHE CA 36 21.10 17.96 44.30
N ASN CA 37 21.44 18.84 43.34
CA ASN CA 37 20.66 20.00 42.95
C ASN CA 37 21.31 20.68 41.75
N TRP CA 38 20.52 21.06 40.77
CA TRP CA 38 20.94 21.96 39.71
C TRP CA 38 19.72 22.29 38.86
N LEU CA 39 19.60 23.55 38.44
CA LEU CA 39 18.45 24.01 37.69
C LEU CA 39 17.16 23.66 38.43
N ARG CA 40 16.97 24.32 39.57
CA ARG CA 40 15.85 24.06 40.47
C ARG CA 40 15.83 22.61 40.92
N PRO DA 5 46.45 -9.63 -1.40
CA PRO DA 5 46.72 -8.74 -0.28
C PRO DA 5 45.53 -8.59 0.67
N PHE DA 6 45.57 -7.57 1.53
CA PHE DA 6 44.53 -7.35 2.52
C PHE DA 6 44.75 -5.99 3.17
N GLU DA 7 43.66 -5.35 3.58
CA GLU DA 7 43.71 -3.97 4.03
C GLU DA 7 43.81 -3.86 5.54
N PHE DA 8 44.03 -2.64 6.02
CA PHE DA 8 44.25 -2.33 7.43
C PHE DA 8 43.31 -1.26 7.97
N ARG DA 9 43.00 -0.23 7.18
CA ARG DA 9 42.16 0.86 7.67
C ARG DA 9 40.79 0.35 8.04
N THR DA 10 40.21 -0.53 7.23
CA THR DA 10 38.88 -1.04 7.53
C THR DA 10 38.87 -1.79 8.86
N SER DA 11 39.92 -2.57 9.15
CA SER DA 11 39.99 -3.27 10.43
C SER DA 11 40.09 -2.29 11.58
N VAL DA 12 40.98 -1.30 11.47
CA VAL DA 12 41.14 -0.38 12.58
C VAL DA 12 39.91 0.48 12.77
N VAL DA 13 39.06 0.61 11.73
CA VAL DA 13 37.79 1.30 11.91
C VAL DA 13 36.79 0.42 12.65
N VAL DA 14 36.61 -0.81 12.16
CA VAL DA 14 35.59 -1.69 12.73
C VAL DA 14 35.87 -1.95 14.20
N SER DA 15 37.15 -2.11 14.55
CA SER DA 15 37.48 -2.41 15.95
C SER DA 15 37.02 -1.29 16.87
N THR DA 16 37.37 -0.06 16.56
CA THR DA 16 37.01 1.04 17.44
C THR DA 16 35.50 1.28 17.45
N LEU DA 17 34.83 1.04 16.31
CA LEU DA 17 33.38 1.18 16.29
C LEU DA 17 32.73 0.22 17.27
N LEU DA 18 33.09 -1.07 17.16
CA LEU DA 18 32.50 -2.06 18.05
C LEU DA 18 32.86 -1.79 19.50
N GLY DA 19 34.09 -1.33 19.75
CA GLY DA 19 34.47 -0.99 21.11
C GLY DA 19 33.58 0.09 21.69
N LEU DA 20 33.45 1.20 20.98
CA LEU DA 20 32.57 2.29 21.40
C LEU DA 20 31.18 1.75 21.73
N VAL DA 21 30.57 1.02 20.80
CA VAL DA 21 29.17 0.66 21.00
C VAL DA 21 29.02 -0.29 22.18
N MET DA 22 29.88 -1.31 22.30
CA MET DA 22 29.70 -2.29 23.37
C MET DA 22 29.99 -1.68 24.73
N ALA DA 23 31.03 -0.85 24.82
CA ALA DA 23 31.31 -0.18 26.08
C ALA DA 23 30.14 0.71 26.49
N LEU DA 24 29.56 1.43 25.54
CA LEU DA 24 28.41 2.26 25.85
C LEU DA 24 27.23 1.41 26.32
N LEU DA 25 27.04 0.24 25.69
CA LEU DA 25 25.93 -0.62 26.05
C LEU DA 25 26.04 -1.09 27.49
N ILE DA 26 27.21 -1.62 27.87
CA ILE DA 26 27.38 -2.10 29.23
C ILE DA 26 27.26 -0.95 30.22
N HIS DA 27 27.82 0.19 29.85
CA HIS DA 27 27.83 1.34 30.75
C HIS DA 27 26.43 1.90 30.92
N PHE DA 28 25.51 1.55 30.00
CA PHE DA 28 24.08 1.77 30.25
C PHE DA 28 23.52 0.70 31.19
N VAL DA 29 23.64 -0.57 30.79
CA VAL DA 29 22.91 -1.65 31.47
C VAL DA 29 23.18 -1.61 32.96
N VAL DA 30 24.44 -1.44 33.34
CA VAL DA 30 24.78 -1.40 34.76
C VAL DA 30 23.92 -0.36 35.48
N LEU DA 31 23.97 0.89 35.02
CA LEU DA 31 23.15 1.94 35.64
C LEU DA 31 21.68 1.60 35.59
N SER DA 32 21.24 0.95 34.51
CA SER DA 32 19.81 0.69 34.33
C SER DA 32 19.28 -0.21 35.43
N SER DA 33 20.00 -1.30 35.72
CA SER DA 33 19.48 -2.28 36.67
C SER DA 33 20.36 -2.51 37.88
N GLY DA 34 21.54 -1.88 37.96
CA GLY DA 34 22.52 -2.26 38.95
C GLY DA 34 22.06 -2.05 40.37
N ALA DA 35 21.42 -0.92 40.65
CA ALA DA 35 21.09 -0.51 42.02
C ALA DA 35 22.33 -0.45 42.90
N PHE DA 36 23.48 -0.07 42.33
CA PHE DA 36 24.66 0.18 43.14
C PHE DA 36 24.60 1.54 43.81
N ASN DA 37 23.63 2.37 43.40
CA ASN DA 37 23.34 3.65 44.03
C ASN DA 37 24.42 4.70 43.78
N TRP DA 38 24.91 4.82 42.55
CA TRP DA 38 25.27 6.14 42.09
C TRP DA 38 24.19 6.62 41.12
N LEU DA 39 24.06 7.94 41.02
CA LEU DA 39 22.95 8.67 40.40
C LEU DA 39 21.73 8.66 41.32
N ARG DA 40 21.79 7.95 42.44
CA ARG DA 40 20.70 7.92 43.42
C ARG DA 40 19.35 7.59 42.78
N PRO EA 5 38.30 -23.89 -2.91
CA PRO EA 5 36.86 -23.81 -2.64
C PRO EA 5 36.36 -22.38 -2.55
N PHE EA 6 35.65 -22.07 -1.47
CA PHE EA 6 35.16 -20.72 -1.23
C PHE EA 6 36.34 -19.80 -0.91
N GLU EA 7 36.03 -18.53 -0.67
CA GLU EA 7 37.06 -17.55 -0.37
C GLU EA 7 37.50 -17.68 1.08
N PHE EA 8 38.30 -16.73 1.56
CA PHE EA 8 38.85 -16.79 2.91
C PHE EA 8 38.38 -15.64 3.78
N ARG EA 9 38.53 -14.40 3.32
CA ARG EA 9 38.12 -13.25 4.12
C ARG EA 9 36.66 -13.34 4.51
N THR EA 10 35.79 -13.68 3.55
CA THR EA 10 34.37 -13.79 3.84
C THR EA 10 34.11 -14.89 4.87
N SER EA 11 34.88 -15.98 4.79
CA SER EA 11 34.71 -17.06 5.76
C SER EA 11 35.05 -16.58 7.16
N VAL EA 12 36.17 -15.88 7.30
CA VAL EA 12 36.54 -15.33 8.60
C VAL EA 12 35.44 -14.39 9.11
N VAL EA 13 34.93 -13.54 8.23
CA VAL EA 13 33.92 -12.57 8.62
C VAL EA 13 32.68 -13.27 9.16
N VAL EA 14 32.15 -14.22 8.40
CA VAL EA 14 30.90 -14.86 8.79
C VAL EA 14 31.09 -15.67 10.07
N SER EA 15 32.22 -16.37 10.19
CA SER EA 15 32.47 -17.13 11.41
C SER EA 15 32.51 -16.21 12.62
N THR EA 16 33.26 -15.12 12.53
CA THR EA 16 33.36 -14.19 13.63
C THR EA 16 31.99 -13.64 14.01
N LEU EA 17 31.26 -13.12 13.03
CA LEU EA 17 29.95 -12.54 13.30
C LEU EA 17 29.03 -13.54 13.98
N LEU EA 18 28.96 -14.76 13.43
CA LEU EA 18 28.06 -15.76 13.98
C LEU EA 18 28.41 -16.08 15.42
N GLY EA 19 29.65 -16.52 15.66
CA GLY EA 19 30.03 -16.87 17.02
C GLY EA 19 29.80 -15.74 18.00
N LEU EA 20 30.11 -14.50 17.60
CA LEU EA 20 29.99 -13.37 18.50
C LEU EA 20 28.53 -13.10 18.87
N VAL EA 21 27.67 -13.00 17.85
CA VAL EA 21 26.27 -12.71 18.14
C VAL EA 21 25.66 -13.84 18.97
N MET EA 22 26.13 -15.07 18.77
CA MET EA 22 25.56 -16.17 19.54
C MET EA 22 26.00 -16.13 20.99
N ALA EA 23 27.27 -15.78 21.24
CA ALA EA 23 27.70 -15.59 22.62
C ALA EA 23 26.88 -14.49 23.31
N LEU EA 24 26.62 -13.40 22.59
CA LEU EA 24 25.76 -12.35 23.13
C LEU EA 24 24.39 -12.93 23.51
N LEU EA 25 23.78 -13.67 22.58
CA LEU EA 25 22.50 -14.29 22.82
C LEU EA 25 22.52 -15.12 24.11
N ILE EA 26 23.58 -15.91 24.29
CA ILE EA 26 23.62 -16.82 25.42
C ILE EA 26 23.73 -16.04 26.73
N HIS EA 27 24.62 -15.04 26.77
CA HIS EA 27 24.67 -14.17 27.93
C HIS EA 27 23.28 -13.64 28.30
N PHE EA 28 22.61 -13.02 27.33
CA PHE EA 28 21.35 -12.36 27.67
C PHE EA 28 20.28 -13.36 28.09
N VAL EA 29 20.22 -14.53 27.45
CA VAL EA 29 19.20 -15.50 27.82
C VAL EA 29 19.42 -16.01 29.23
N VAL EA 30 20.66 -16.37 29.55
CA VAL EA 30 20.97 -16.84 30.91
C VAL EA 30 20.57 -15.78 31.92
N LEU EA 31 21.04 -14.54 31.72
CA LEU EA 31 20.69 -13.47 32.64
C LEU EA 31 19.18 -13.34 32.80
N SER EA 32 18.45 -13.32 31.68
CA SER EA 32 17.00 -13.13 31.75
C SER EA 32 16.34 -14.22 32.58
N SER EA 33 16.73 -15.47 32.39
CA SER EA 33 15.97 -16.57 32.99
C SER EA 33 16.49 -17.01 34.34
N GLY EA 34 17.74 -17.48 34.43
CA GLY EA 34 18.17 -18.13 35.66
C GLY EA 34 18.89 -17.18 36.60
N ALA EA 35 19.94 -16.53 36.10
CA ALA EA 35 20.57 -15.35 36.67
C ALA EA 35 21.43 -15.62 37.91
N PHE EA 36 21.37 -16.82 38.48
CA PHE EA 36 22.33 -17.29 39.48
C PHE EA 36 22.56 -16.31 40.61
N ASN EA 37 21.70 -15.30 40.76
CA ASN EA 37 21.90 -14.12 41.62
C ASN EA 37 23.14 -13.30 41.29
N TRP EA 38 23.29 -12.79 40.07
CA TRP EA 38 24.05 -11.56 39.85
C TRP EA 38 23.13 -10.52 39.22
N LEU EA 39 23.31 -9.27 39.63
CA LEU EA 39 22.40 -8.17 39.29
C LEU EA 39 20.98 -8.46 39.77
N ARG EA 40 20.86 -8.56 41.09
CA ARG EA 40 19.59 -8.76 41.77
C ARG EA 40 18.85 -9.98 41.26
N PRO FA 5 33.28 -22.44 -12.59
CA PRO FA 5 33.75 -23.64 -11.89
C PRO FA 5 32.64 -24.63 -11.59
N PHE FA 6 32.82 -25.43 -10.53
CA PHE FA 6 31.89 -26.49 -10.18
C PHE FA 6 30.83 -25.96 -9.21
N GLU FA 7 30.06 -26.87 -8.61
CA GLU FA 7 28.95 -26.50 -7.73
C GLU FA 7 29.09 -27.10 -6.33
N PHE FA 8 30.31 -27.46 -5.92
CA PHE FA 8 30.50 -28.00 -4.57
C PHE FA 8 30.26 -26.96 -3.49
N ARG FA 9 30.26 -25.67 -3.85
CA ARG FA 9 30.00 -24.63 -2.86
C ARG FA 9 28.60 -24.78 -2.27
N THR FA 10 27.56 -24.65 -3.11
CA THR FA 10 26.20 -24.77 -2.62
C THR FA 10 25.94 -26.15 -2.01
N SER FA 11 26.68 -27.16 -2.45
CA SER FA 11 26.56 -28.48 -1.83
C SER FA 11 26.88 -28.45 -0.35
N VAL FA 12 27.67 -27.48 0.10
CA VAL FA 12 28.08 -27.36 1.49
C VAL FA 12 27.41 -26.18 2.17
N VAL FA 13 27.27 -25.05 1.46
CA VAL FA 13 26.78 -23.82 2.07
C VAL FA 13 25.42 -24.01 2.73
N VAL FA 14 24.50 -24.68 2.05
CA VAL FA 14 23.13 -24.73 2.55
C VAL FA 14 23.02 -25.65 3.76
N SER FA 15 23.80 -26.73 3.79
CA SER FA 15 23.65 -27.73 4.84
C SER FA 15 23.95 -27.15 6.22
N THR FA 16 25.02 -26.38 6.33
CA THR FA 16 25.39 -25.78 7.62
C THR FA 16 24.27 -24.91 8.16
N LEU FA 17 23.61 -24.14 7.29
CA LEU FA 17 22.48 -23.32 7.72
C LEU FA 17 21.36 -24.19 8.27
N LEU FA 18 21.07 -25.31 7.60
CA LEU FA 18 20.11 -26.27 8.10
C LEU FA 18 20.48 -26.73 9.50
N GLY FA 19 21.72 -27.13 9.69
CA GLY FA 19 22.15 -27.58 11.01
C GLY FA 19 21.96 -26.53 12.08
N LEU FA 20 22.44 -25.31 11.81
CA LEU FA 20 22.25 -24.19 12.73
C LEU FA 20 20.79 -24.05 13.13
N VAL FA 21 19.93 -23.83 12.15
CA VAL FA 21 18.53 -23.52 12.45
C VAL FA 21 17.88 -24.68 13.19
N MET FA 22 18.15 -25.91 12.75
CA MET FA 22 17.51 -27.06 13.37
C MET FA 22 17.93 -27.20 14.83
N ALA FA 23 19.23 -27.18 15.09
CA ALA FA 23 19.72 -27.31 16.47
C ALA FA 23 19.15 -26.21 17.35
N LEU FA 24 19.18 -24.96 16.86
CA LEU FA 24 18.69 -23.87 17.69
C LEU FA 24 17.21 -24.04 18.02
N LEU FA 25 16.39 -24.31 17.00
CA LEU FA 25 14.97 -24.45 17.26
C LEU FA 25 14.70 -25.60 18.20
N ILE FA 26 15.48 -26.68 18.09
CA ILE FA 26 15.24 -27.82 18.98
C ILE FA 26 15.57 -27.45 20.43
N HIS FA 27 16.68 -26.76 20.65
CA HIS FA 27 16.94 -26.31 22.02
C HIS FA 27 15.84 -25.40 22.53
N PHE FA 28 15.41 -24.43 21.73
CA PHE FA 28 14.38 -23.51 22.20
C PHE FA 28 13.08 -24.23 22.51
N VAL FA 29 12.75 -25.26 21.74
CA VAL FA 29 11.55 -26.03 22.04
C VAL FA 29 11.71 -26.76 23.36
N VAL FA 30 12.79 -27.53 23.50
CA VAL FA 30 12.94 -28.36 24.69
C VAL FA 30 13.06 -27.53 25.96
N LEU FA 31 13.52 -26.29 25.86
CA LEU FA 31 13.68 -25.49 27.07
C LEU FA 31 12.35 -24.90 27.56
N SER FA 32 11.26 -25.11 26.83
CA SER FA 32 10.00 -24.48 27.20
C SER FA 32 9.51 -24.94 28.57
N SER FA 33 9.14 -26.22 28.69
CA SER FA 33 8.77 -26.78 29.97
C SER FA 33 9.23 -28.22 30.13
N GLY FA 34 10.29 -28.63 29.46
CA GLY FA 34 10.68 -30.02 29.44
C GLY FA 34 11.18 -30.51 30.79
N ALA FA 35 11.69 -31.73 30.77
CA ALA FA 35 12.21 -32.38 31.96
C ALA FA 35 13.64 -31.89 32.21
N PHE FA 36 14.33 -32.56 33.12
CA PHE FA 36 15.74 -32.39 33.50
C PHE FA 36 15.96 -31.16 34.38
N ASN FA 37 14.94 -30.34 34.64
CA ASN FA 37 15.09 -29.13 35.46
C ASN FA 37 16.28 -28.29 35.00
N TRP FA 38 16.50 -28.28 33.69
CA TRP FA 38 17.62 -27.54 33.13
C TRP FA 38 17.39 -26.04 33.26
N LEU FA 39 18.45 -25.32 33.64
CA LEU FA 39 18.42 -23.86 33.74
C LEU FA 39 17.31 -23.38 34.68
N ARG FA 40 17.01 -24.18 35.69
CA ARG FA 40 16.02 -23.83 36.72
C ARG FA 40 14.67 -23.43 36.13
N UNK GA 1 -0.24 -28.19 13.08
CA UNK GA 1 0.40 -29.41 12.64
C UNK GA 1 0.60 -29.48 11.15
N UNK GA 2 -0.30 -28.82 10.41
CA UNK GA 2 -0.22 -28.74 8.96
C UNK GA 2 0.29 -27.38 8.50
N UNK GA 3 1.03 -26.68 9.35
CA UNK GA 3 1.61 -25.41 8.99
C UNK GA 3 2.88 -25.53 8.16
N UNK GA 4 3.18 -26.72 7.66
CA UNK GA 4 4.25 -26.87 6.67
C UNK GA 4 3.92 -26.02 5.45
N UNK GA 5 2.64 -25.85 5.15
CA UNK GA 5 2.23 -24.98 4.05
C UNK GA 5 2.63 -23.53 4.30
N UNK GA 6 2.85 -23.14 5.55
CA UNK GA 6 3.31 -21.80 5.87
C UNK GA 6 4.71 -21.52 5.36
N UNK GA 7 5.28 -22.50 4.65
CA UNK GA 7 6.58 -22.35 4.01
C UNK GA 7 6.47 -22.20 2.49
N UNK GA 8 5.37 -22.61 1.89
CA UNK GA 8 5.28 -22.58 0.43
C UNK GA 8 5.31 -21.14 -0.09
N UNK GA 9 4.62 -20.23 0.59
CA UNK GA 9 4.58 -18.83 0.13
C UNK GA 9 5.97 -18.22 0.12
N UNK GA 10 6.62 -18.19 1.30
CA UNK GA 10 7.99 -17.70 1.39
C UNK GA 10 8.87 -18.39 0.36
N UNK GA 11 8.85 -19.71 0.34
CA UNK GA 11 9.63 -20.49 -0.59
C UNK GA 11 9.50 -20.03 -2.02
N UNK GA 12 8.31 -20.15 -2.59
CA UNK GA 12 8.12 -19.83 -4.00
C UNK GA 12 8.49 -18.37 -4.27
N UNK GA 13 7.90 -17.45 -3.51
CA UNK GA 13 8.11 -16.04 -3.80
C UNK GA 13 9.55 -15.62 -3.71
N UNK GA 14 10.15 -15.83 -2.54
CA UNK GA 14 11.54 -15.45 -2.34
C UNK GA 14 12.47 -16.19 -3.30
N UNK GA 15 12.16 -17.44 -3.64
CA UNK GA 15 13.02 -18.17 -4.57
C UNK GA 15 13.01 -17.49 -5.93
N UNK GA 16 11.83 -17.24 -6.47
CA UNK GA 16 11.73 -16.54 -7.75
C UNK GA 16 12.49 -15.22 -7.70
N UNK GA 17 12.24 -14.42 -6.66
CA UNK GA 17 12.87 -13.12 -6.54
C UNK GA 17 14.38 -13.17 -6.48
N UNK GA 18 14.93 -13.85 -5.47
CA UNK GA 18 16.38 -13.90 -5.30
C UNK GA 18 17.05 -14.60 -6.46
N UNK GA 19 16.43 -15.62 -7.06
CA UNK GA 19 16.98 -16.19 -8.27
C UNK GA 19 17.08 -15.17 -9.38
N UNK GA 20 16.05 -14.35 -9.54
CA UNK GA 20 16.15 -13.23 -10.48
C UNK GA 20 17.19 -12.22 -10.04
N UNK GA 21 17.59 -12.26 -8.77
CA UNK GA 21 18.70 -11.42 -8.32
C UNK GA 21 20.05 -12.05 -8.62
N UNK GA 22 20.11 -13.37 -8.82
CA UNK GA 22 21.39 -14.03 -9.02
C UNK GA 22 22.03 -13.63 -10.35
N UNK GA 23 21.33 -13.70 -11.48
CA UNK GA 23 21.99 -13.37 -12.75
C UNK GA 23 22.26 -11.88 -12.90
N UNK GA 24 22.03 -11.13 -11.84
CA UNK GA 24 22.40 -9.73 -11.82
C UNK GA 24 23.87 -9.56 -11.50
N UNK GA 25 24.40 -10.40 -10.60
CA UNK GA 25 25.82 -10.34 -10.23
C UNK GA 25 26.57 -11.62 -10.59
N UNK HA 1 26.17 -50.99 -15.25
CA UNK HA 1 26.27 -49.62 -14.78
C UNK HA 1 25.03 -49.22 -13.96
N UNK HA 2 24.08 -48.57 -14.61
CA UNK HA 2 22.89 -48.06 -13.92
C UNK HA 2 21.92 -49.17 -13.51
N UNK HA 3 22.13 -50.37 -14.07
CA UNK HA 3 21.28 -51.51 -13.76
C UNK HA 3 21.38 -51.86 -12.28
N UNK HA 4 22.59 -51.72 -11.73
CA UNK HA 4 22.84 -51.99 -10.32
C UNK HA 4 22.00 -51.06 -9.45
N UNK HA 5 22.05 -49.77 -9.77
CA UNK HA 5 21.29 -48.77 -9.05
C UNK HA 5 19.80 -49.04 -9.15
N UNK HA 6 19.35 -49.37 -10.35
CA UNK HA 6 17.94 -49.68 -10.58
C UNK HA 6 17.46 -50.83 -9.70
N UNK HA 7 18.20 -51.95 -9.75
CA UNK HA 7 17.84 -53.13 -8.98
C UNK HA 7 17.87 -52.86 -7.48
N UNK HA 8 18.93 -52.20 -7.01
CA UNK HA 8 19.06 -51.91 -5.59
C UNK HA 8 17.92 -51.02 -5.10
N UNK HA 9 17.60 -49.99 -5.87
CA UNK HA 9 16.52 -49.08 -5.52
C UNK HA 9 15.19 -49.80 -5.49
N UNK HA 10 14.95 -50.67 -6.47
CA UNK HA 10 13.71 -51.43 -6.51
C UNK HA 10 13.58 -52.31 -5.27
N UNK HA 11 14.68 -53.00 -4.93
CA UNK HA 11 14.69 -53.87 -3.76
C UNK HA 11 14.39 -53.09 -2.49
N UNK HA 12 15.11 -51.99 -2.29
CA UNK HA 12 14.94 -51.16 -1.12
C UNK HA 12 13.52 -50.63 -1.00
N UNK HA 13 12.97 -50.14 -2.11
CA UNK HA 13 11.63 -49.59 -2.13
C UNK HA 13 10.58 -50.65 -1.81
N UNK HA 14 10.72 -51.84 -2.40
CA UNK HA 14 9.78 -52.93 -2.14
C UNK HA 14 9.82 -53.31 -0.66
N UNK HA 15 11.03 -53.45 -0.12
CA UNK HA 15 11.20 -53.81 1.28
C UNK HA 15 10.56 -52.76 2.18
N UNK HA 16 10.79 -51.49 1.87
CA UNK HA 16 10.24 -50.39 2.64
C UNK HA 16 8.72 -50.38 2.59
N UNK HA 17 8.17 -50.66 1.42
CA UNK HA 17 6.72 -50.69 1.25
C UNK HA 17 6.11 -51.79 2.10
N UNK HA 18 6.71 -52.97 2.04
CA UNK HA 18 6.25 -54.11 2.84
C UNK HA 18 6.32 -53.75 4.32
N UNK HA 19 7.41 -53.09 4.70
CA UNK HA 19 7.63 -52.69 6.08
C UNK HA 19 6.56 -51.72 6.56
N UNK HA 20 6.19 -50.79 5.67
CA UNK HA 20 5.17 -49.79 5.99
C UNK HA 20 3.83 -50.48 6.16
N UNK HA 21 3.53 -51.40 5.25
CA UNK HA 21 2.23 -52.04 5.22
C UNK HA 21 1.99 -52.98 6.40
N UNK HA 22 3.03 -53.74 6.76
CA UNK HA 22 2.91 -54.84 7.74
C UNK HA 22 2.27 -54.44 9.08
N UNK HA 23 2.44 -53.19 9.49
CA UNK HA 23 1.87 -52.72 10.74
C UNK HA 23 1.71 -51.20 10.74
N ILE IA 1 25.66 28.40 -26.10
CA ILE IA 1 25.12 27.25 -25.38
C ILE IA 1 26.24 26.25 -25.12
N ASP IA 2 26.73 26.21 -23.88
CA ASP IA 2 27.90 25.42 -23.54
C ASP IA 2 27.62 24.52 -22.36
N LEU IA 3 28.43 23.48 -22.25
CA LEU IA 3 28.41 22.55 -21.13
C LEU IA 3 29.35 23.08 -20.04
N HIS IA 4 29.73 22.22 -19.09
CA HIS IA 4 30.55 22.57 -17.93
C HIS IA 4 29.79 23.48 -16.97
N ASP IA 5 28.47 23.57 -17.13
CA ASP IA 5 27.64 24.23 -16.13
C ASP IA 5 27.80 23.59 -14.75
N GLU IA 6 28.36 22.38 -14.70
CA GLU IA 6 28.50 21.67 -13.43
C GLU IA 6 29.50 22.36 -12.50
N GLU IA 7 30.41 23.15 -13.06
CA GLU IA 7 31.56 23.67 -12.31
C GLU IA 7 31.79 25.13 -12.68
N TYR IA 8 31.23 26.06 -11.89
CA TYR IA 8 31.61 27.47 -12.00
C TYR IA 8 32.68 27.83 -10.98
N ARG IA 9 32.33 27.76 -9.70
CA ARG IA 9 33.16 28.23 -8.59
C ARG IA 9 32.45 27.80 -7.31
N ASP IA 10 32.95 28.30 -6.17
CA ASP IA 10 32.27 28.07 -4.90
C ASP IA 10 31.08 28.99 -4.67
N GLY IA 11 30.84 29.97 -5.54
CA GLY IA 11 29.66 30.80 -5.42
C GLY IA 11 28.42 30.10 -5.96
N LEU IA 12 28.54 29.52 -7.15
CA LEU IA 12 27.55 28.59 -7.70
C LEU IA 12 27.95 27.19 -7.27
N GLU IA 13 27.39 26.17 -7.93
CA GLU IA 13 27.24 24.85 -7.35
C GLU IA 13 28.45 24.37 -6.55
N GLY IA 14 29.57 24.13 -7.22
CA GLY IA 14 30.88 24.07 -6.59
C GLY IA 14 30.94 23.45 -5.21
N THR IA 15 30.11 22.45 -4.91
CA THR IA 15 30.18 21.83 -3.59
C THR IA 15 31.42 20.97 -3.45
N ILE IA 16 31.67 20.10 -4.42
CA ILE IA 16 32.88 19.29 -4.47
C ILE IA 16 33.40 19.36 -5.89
N ALA IA 17 34.68 19.73 -6.04
CA ALA IA 17 35.30 19.77 -7.35
C ALA IA 17 35.98 18.46 -7.72
N LYS IA 18 35.99 17.48 -6.81
CA LYS IA 18 36.61 16.19 -7.07
C LYS IA 18 35.65 15.11 -6.61
N PRO IA 19 34.79 14.60 -7.50
CA PRO IA 19 33.80 13.61 -7.09
C PRO IA 19 34.47 12.33 -6.64
N PRO IA 20 33.97 11.70 -5.58
CA PRO IA 20 34.55 10.43 -5.13
C PRO IA 20 34.48 9.38 -6.22
N GLY IA 21 35.39 8.42 -6.14
CA GLY IA 21 35.56 7.44 -7.20
C GLY IA 21 34.28 6.73 -7.57
N HIS IA 22 33.78 5.89 -6.67
CA HIS IA 22 32.56 5.14 -6.91
C HIS IA 22 31.88 4.90 -5.57
N VAL IA 23 30.94 3.97 -5.56
CA VAL IA 23 30.27 3.55 -4.34
C VAL IA 23 30.59 2.10 -3.99
N GLY IA 24 30.68 1.22 -4.97
CA GLY IA 24 30.82 -0.18 -4.66
C GLY IA 24 29.47 -0.87 -4.64
N TRP IA 25 28.87 -0.93 -3.45
CA TRP IA 25 27.58 -1.58 -3.22
C TRP IA 25 26.54 -1.22 -4.26
N MET IA 26 26.69 -0.09 -4.93
CA MET IA 26 25.85 0.25 -6.08
C MET IA 26 26.49 -0.10 -7.41
N GLN IA 27 27.82 -0.06 -7.47
CA GLN IA 27 28.55 -0.08 -8.74
C GLN IA 27 28.21 -1.31 -9.57
N ARG IA 28 28.51 -2.49 -9.06
CA ARG IA 28 28.13 -3.71 -9.76
C ARG IA 28 26.66 -4.04 -9.57
N LEU IA 29 26.04 -3.54 -8.51
CA LEU IA 29 24.67 -3.95 -8.17
C LEU IA 29 23.69 -3.50 -9.23
N LEU IA 30 23.65 -2.19 -9.53
CA LEU IA 30 22.63 -1.68 -10.44
C LEU IA 30 23.23 -0.97 -11.64
N GLY IA 31 24.51 -1.14 -11.90
CA GLY IA 31 25.19 -0.45 -12.99
C GLY IA 31 26.13 0.61 -12.47
N GLU IA 32 26.94 1.11 -13.40
CA GLU IA 32 27.98 2.07 -13.04
C GLU IA 32 27.37 3.33 -12.45
N GLY IA 33 28.11 3.98 -11.56
CA GLY IA 33 27.60 5.12 -10.85
C GLY IA 33 28.70 6.04 -10.38
N GLN IA 34 28.29 7.16 -9.78
CA GLN IA 34 29.19 8.22 -9.36
C GLN IA 34 28.41 9.19 -8.49
N VAL IA 35 29.05 9.73 -7.46
CA VAL IA 35 28.37 10.69 -6.59
C VAL IA 35 28.28 12.04 -7.27
N GLY IA 36 29.42 12.63 -7.61
CA GLY IA 36 29.45 13.85 -8.39
C GLY IA 36 29.09 15.09 -7.60
N PRO IA 37 29.33 16.25 -8.20
CA PRO IA 37 28.99 17.51 -7.54
C PRO IA 37 27.50 17.78 -7.61
N ILE IA 38 26.96 18.39 -6.55
CA ILE IA 38 25.53 18.63 -6.42
C ILE IA 38 25.27 19.99 -5.79
N TYR IA 39 24.84 20.93 -6.62
CA TYR IA 39 24.23 22.18 -6.15
C TYR IA 39 23.81 23.11 -7.27
N VAL IA 40 23.07 24.14 -6.90
CA VAL IA 40 23.03 25.45 -7.53
C VAL IA 40 22.77 26.42 -6.39
N GLY IA 41 23.42 27.58 -6.45
CA GLY IA 41 23.49 28.46 -5.30
C GLY IA 41 22.16 28.93 -4.73
N LEU IA 42 21.44 29.76 -5.45
CA LEU IA 42 20.26 30.40 -4.89
C LEU IA 42 19.05 29.48 -4.96
N TRP IA 43 18.03 29.82 -4.17
CA TRP IA 43 16.75 29.12 -4.08
C TRP IA 43 16.91 27.79 -3.38
N GLY IA 44 18.14 27.42 -3.05
CA GLY IA 44 18.39 26.19 -2.33
C GLY IA 44 18.71 26.46 -0.88
N VAL IA 45 19.61 27.41 -0.65
CA VAL IA 45 20.00 27.76 0.72
C VAL IA 45 18.80 28.23 1.52
N ILE IA 46 17.78 28.77 0.83
CA ILE IA 46 16.55 29.16 1.52
C ILE IA 46 15.83 27.93 2.05
N SER IA 47 15.49 27.00 1.15
CA SER IA 47 14.84 25.76 1.54
C SER IA 47 15.60 25.08 2.67
N PHE IA 48 16.92 24.96 2.51
CA PHE IA 48 17.71 24.23 3.50
C PHE IA 48 17.56 24.83 4.88
N ILE IA 49 17.76 26.14 5.00
CA ILE IA 49 17.75 26.76 6.33
C ILE IA 49 16.35 26.76 6.92
N THR IA 50 15.33 27.01 6.11
CA THR IA 50 13.98 27.01 6.65
C THR IA 50 13.58 25.62 7.12
N PHE IA 51 13.87 24.59 6.33
CA PHE IA 51 13.60 23.22 6.75
C PHE IA 51 14.38 22.86 8.00
N PHE IA 52 15.64 23.32 8.08
CA PHE IA 52 16.44 23.11 9.27
C PHE IA 52 15.74 23.69 10.50
N ALA IA 53 15.30 24.94 10.40
CA ALA IA 53 14.66 25.59 11.54
C ALA IA 53 13.37 24.88 11.92
N SER IA 54 12.59 24.44 10.93
CA SER IA 54 11.36 23.72 11.22
C SER IA 54 11.65 22.44 12.00
N ALA IA 55 12.50 21.58 11.43
CA ALA IA 55 12.82 20.32 12.09
C ALA IA 55 13.44 20.55 13.47
N PHE IA 56 14.18 21.64 13.64
CA PHE IA 56 14.75 21.94 14.94
C PHE IA 56 13.67 22.28 15.94
N ILE IA 57 12.76 23.19 15.57
CA ILE IA 57 11.66 23.56 16.46
C ILE IA 57 10.87 22.33 16.86
N ILE IA 58 10.72 21.38 15.94
CA ILE IA 58 10.05 20.14 16.31
C ILE IA 58 10.89 19.35 17.31
N LEU IA 59 12.12 19.00 16.95
CA LEU IA 59 12.91 18.08 17.75
C LEU IA 59 13.13 18.60 19.16
N VAL IA 60 13.35 19.90 19.32
CA VAL IA 60 13.67 20.44 20.64
C VAL IA 60 12.50 20.23 21.59
N ASP IA 61 11.35 20.81 21.28
CA ASP IA 61 10.19 20.64 22.14
C ASP IA 61 9.68 19.20 22.08
N TYR IA 62 10.12 18.43 21.09
CA TYR IA 62 9.83 17.00 21.10
C TYR IA 62 10.37 16.36 22.38
N GLY IA 63 11.56 16.76 22.79
CA GLY IA 63 12.14 16.25 24.02
C GLY IA 63 11.80 17.13 25.21
N ARG IA 64 10.51 17.38 25.42
CA ARG IA 64 10.06 18.13 26.59
C ARG IA 64 8.94 17.37 27.28
N GLN IA 65 8.22 16.56 26.52
CA GLN IA 65 7.22 15.65 27.07
C GLN IA 65 7.85 14.43 27.67
N VAL IA 66 9.16 14.47 27.83
CA VAL IA 66 9.92 13.34 28.34
C VAL IA 66 10.60 13.66 29.66
N GLY IA 67 10.88 14.92 29.95
CA GLY IA 67 11.57 15.29 31.16
C GLY IA 67 13.06 15.48 31.01
N TRP IA 68 13.55 15.67 29.78
CA TRP IA 68 14.96 15.87 29.50
C TRP IA 68 15.82 14.71 30.00
N ASN IA 69 15.60 13.52 29.45
CA ASN IA 69 16.29 12.32 29.88
C ASN IA 69 16.61 11.48 28.67
N PRO IA 70 17.84 11.52 28.15
CA PRO IA 70 18.13 10.89 26.85
C PRO IA 70 17.73 9.43 26.76
N ILE IA 71 17.86 8.68 27.85
CA ILE IA 71 17.63 7.25 27.78
C ILE IA 71 16.17 6.97 27.45
N ILE IA 72 15.25 7.45 28.29
CA ILE IA 72 13.84 7.26 27.98
C ILE IA 72 13.46 7.99 26.69
N TYR IA 73 14.13 9.12 26.42
CA TYR IA 73 13.95 9.84 25.16
C TYR IA 73 14.10 8.90 23.97
N LEU IA 74 15.10 8.03 24.01
CA LEU IA 74 15.18 6.97 23.00
C LEU IA 74 14.18 5.86 23.23
N ARG IA 75 13.82 5.60 24.49
CA ARG IA 75 12.92 4.48 24.76
C ARG IA 75 11.61 4.65 24.03
N GLU IA 76 11.07 5.85 24.00
CA GLU IA 76 9.84 6.06 23.24
C GLU IA 76 9.98 7.25 22.31
N PHE IA 77 11.11 7.28 21.60
CA PHE IA 77 11.26 8.16 20.46
C PHE IA 77 10.12 8.02 19.45
N TRP IA 78 9.57 6.81 19.30
CA TRP IA 78 8.59 6.56 18.25
C TRP IA 78 7.17 6.88 18.70
N ASN IA 79 6.86 6.70 19.98
CA ASN IA 79 5.50 6.95 20.46
C ASN IA 79 5.20 8.43 20.68
N LEU IA 80 6.21 9.26 20.88
CA LEU IA 80 6.01 10.66 21.26
C LEU IA 80 5.76 11.48 20.00
N ALA IA 81 5.00 12.56 20.15
CA ALA IA 81 4.63 13.40 19.02
C ALA IA 81 3.96 14.66 19.54
N VAL IA 82 3.88 15.67 18.68
CA VAL IA 82 3.21 16.92 19.00
C VAL IA 82 1.80 16.89 18.42
N TYR IA 83 0.95 17.76 18.94
CA TYR IA 83 -0.45 17.84 18.56
C TYR IA 83 -0.81 19.28 18.26
N PRO IA 84 -1.78 19.51 17.38
CA PRO IA 84 -2.31 20.85 17.19
C PRO IA 84 -3.17 21.25 18.37
N PRO IA 85 -3.45 22.55 18.54
CA PRO IA 85 -4.28 22.95 19.67
C PRO IA 85 -5.66 22.34 19.57
N PRO IA 86 -6.27 22.00 20.70
CA PRO IA 86 -7.53 21.25 20.68
C PRO IA 86 -8.70 22.05 20.15
N THR IA 87 -9.88 21.43 20.18
CA THR IA 87 -11.05 21.98 19.50
C THR IA 87 -11.37 23.40 19.96
N GLU IA 88 -11.44 23.61 21.28
CA GLU IA 88 -11.86 24.90 21.81
C GLU IA 88 -10.95 26.01 21.32
N TYR IA 89 -11.47 27.24 21.41
CA TYR IA 89 -10.83 28.42 20.82
C TYR IA 89 -10.38 28.12 19.39
N GLY IA 90 -11.37 27.85 18.56
CA GLY IA 90 -11.23 27.20 17.26
C GLY IA 90 -9.99 27.44 16.44
N LEU IA 91 -9.71 28.69 16.07
CA LEU IA 91 -8.64 28.97 15.12
C LEU IA 91 -7.60 29.96 15.61
N SER IA 92 -7.86 30.67 16.71
CA SER IA 92 -6.91 31.67 17.18
C SER IA 92 -5.57 31.03 17.51
N TRP IA 93 -4.54 31.88 17.63
CA TRP IA 93 -3.23 31.39 18.00
C TRP IA 93 -2.99 31.70 19.46
N ASN IA 94 -2.74 30.66 20.26
CA ASN IA 94 -2.99 30.71 21.69
C ASN IA 94 -1.70 30.59 22.48
N VAL IA 95 -1.78 30.99 23.75
CA VAL IA 95 -0.67 31.12 24.69
C VAL IA 95 -0.02 29.81 25.10
N PRO IA 96 -0.75 28.71 25.33
CA PRO IA 96 -0.09 27.53 25.90
C PRO IA 96 0.89 26.88 24.93
N TRP IA 97 2.09 27.46 24.83
CA TRP IA 97 3.12 26.98 23.92
C TRP IA 97 3.28 25.46 23.99
N ASP IA 98 2.89 24.85 25.11
CA ASP IA 98 2.90 23.40 25.19
C ASP IA 98 1.63 22.80 24.63
N LYS IA 99 0.47 23.18 25.19
CA LYS IA 99 -0.80 22.71 24.64
C LYS IA 99 -0.98 23.19 23.21
N GLY IA 100 -1.10 24.50 23.03
CA GLY IA 100 -1.03 25.11 21.72
C GLY IA 100 0.40 25.37 21.35
N GLY IA 101 0.59 26.34 20.45
CA GLY IA 101 1.93 26.74 20.05
C GLY IA 101 2.80 25.60 19.57
N ALA IA 102 4.09 25.87 19.39
CA ALA IA 102 5.08 24.84 19.03
C ALA IA 102 4.64 24.05 17.80
N TRP IA 103 3.65 24.57 17.08
CA TRP IA 103 3.08 23.91 15.91
C TRP IA 103 3.23 24.76 14.66
N LEU IA 104 2.75 26.00 14.73
CA LEU IA 104 2.50 26.77 13.52
C LEU IA 104 3.81 27.23 12.90
N ALA IA 105 4.83 27.44 13.74
CA ALA IA 105 6.17 27.69 13.23
C ALA IA 105 6.62 26.57 12.31
N ALA IA 106 6.53 25.33 12.80
CA ALA IA 106 6.92 24.18 12.00
C ALA IA 106 6.12 24.13 10.70
N THR IA 107 4.80 24.25 10.79
CA THR IA 107 3.97 24.15 9.59
C THR IA 107 4.36 25.20 8.56
N PHE IA 108 4.43 26.47 9.00
CA PHE IA 108 4.65 27.56 8.07
C PHE IA 108 6.04 27.49 7.43
N PHE IA 109 7.05 27.16 8.23
CA PHE IA 109 8.38 27.00 7.66
C PHE IA 109 8.42 25.85 6.67
N LEU IA 110 7.66 24.79 6.94
CA LEU IA 110 7.59 23.68 6.00
C LEU IA 110 6.99 24.12 4.67
N HIS IA 111 5.94 24.93 4.73
CA HIS IA 111 5.33 25.44 3.49
C HIS IA 111 6.32 26.26 2.69
N ILE IA 112 7.04 27.16 3.37
CA ILE IA 112 8.05 27.97 2.69
C ILE IA 112 9.08 27.08 2.02
N SER IA 113 9.55 26.06 2.73
CA SER IA 113 10.53 25.14 2.17
C SER IA 113 10.00 24.50 0.89
N VAL IA 114 8.75 24.05 0.91
CA VAL IA 114 8.17 23.42 -0.27
C VAL IA 114 8.18 24.36 -1.45
N LEU IA 115 7.68 25.58 -1.25
CA LEU IA 115 7.63 26.53 -2.35
C LEU IA 115 9.03 26.81 -2.92
N THR IA 116 10.01 26.99 -2.03
CA THR IA 116 11.37 27.21 -2.48
C THR IA 116 11.88 26.03 -3.32
N TRP IA 117 11.59 24.81 -2.89
CA TRP IA 117 12.04 23.65 -3.65
C TRP IA 117 11.45 23.66 -5.06
N TRP IA 118 10.15 23.95 -5.16
CA TRP IA 118 9.54 23.98 -6.49
C TRP IA 118 10.18 25.04 -7.36
N ALA IA 119 10.41 26.22 -6.79
CA ALA IA 119 11.03 27.29 -7.56
C ALA IA 119 12.41 26.87 -8.06
N ARG IA 120 13.17 26.18 -7.21
CA ARG IA 120 14.51 25.78 -7.63
C ARG IA 120 14.43 24.78 -8.77
N LEU IA 121 13.53 23.81 -8.67
CA LEU IA 121 13.36 22.86 -9.77
C LEU IA 121 13.05 23.58 -11.07
N TYR IA 122 12.13 24.55 -11.03
CA TYR IA 122 11.75 25.22 -12.27
C TYR IA 122 12.93 25.99 -12.86
N THR IA 123 13.64 26.76 -12.01
CA THR IA 123 14.76 27.53 -12.51
C THR IA 123 15.81 26.62 -13.14
N ARG IA 124 16.20 25.57 -12.42
CA ARG IA 124 17.26 24.71 -12.94
C ARG IA 124 16.79 23.96 -14.18
N ALA IA 125 15.50 23.72 -14.30
CA ALA IA 125 14.98 23.14 -15.54
C ALA IA 125 15.23 24.08 -16.71
N LYS IA 126 14.90 25.36 -16.53
CA LYS IA 126 15.19 26.32 -17.58
C LYS IA 126 16.68 26.56 -17.77
N ALA IA 127 17.51 26.15 -16.80
CA ALA IA 127 18.94 26.46 -16.86
C ALA IA 127 19.59 25.84 -18.09
N THR IA 128 19.12 24.69 -18.52
CA THR IA 128 19.62 24.04 -19.72
C THR IA 128 18.48 23.89 -20.72
N GLY IA 129 18.86 23.70 -21.98
CA GLY IA 129 17.88 23.65 -23.05
C GLY IA 129 17.05 22.39 -23.04
N VAL IA 130 16.36 22.16 -21.92
CA VAL IA 130 15.56 20.96 -21.73
C VAL IA 130 14.12 21.41 -21.48
N GLY IA 131 13.22 20.45 -21.37
CA GLY IA 131 11.84 20.75 -21.10
C GLY IA 131 11.64 21.36 -19.72
N THR IA 132 10.38 21.44 -19.32
CA THR IA 132 10.04 22.07 -18.05
C THR IA 132 8.94 21.31 -17.32
N GLN IA 133 8.91 19.99 -17.45
CA GLN IA 133 7.70 19.27 -17.08
C GLN IA 133 7.69 18.75 -15.65
N LEU IA 134 8.83 18.35 -15.10
CA LEU IA 134 8.84 17.86 -13.72
C LEU IA 134 8.25 18.89 -12.78
N ALA IA 135 8.71 20.14 -12.88
CA ALA IA 135 8.22 21.19 -12.00
C ALA IA 135 6.70 21.33 -12.07
N TRP IA 136 6.07 20.83 -13.13
CA TRP IA 136 4.61 20.79 -13.14
C TRP IA 136 4.10 19.56 -12.39
N GLY IA 137 4.56 18.38 -12.80
CA GLY IA 137 4.06 17.15 -12.20
C GLY IA 137 4.10 17.18 -10.69
N PHE IA 138 5.30 17.40 -10.12
CA PHE IA 138 5.43 17.60 -8.69
C PHE IA 138 4.38 18.57 -8.17
N ALA IA 139 4.35 19.78 -8.74
CA ALA IA 139 3.40 20.79 -8.30
C ALA IA 139 1.99 20.21 -8.25
N SER IA 140 1.61 19.44 -9.26
CA SER IA 140 0.29 18.81 -9.28
C SER IA 140 0.09 18.00 -8.01
N ALA IA 141 0.95 17.02 -7.78
CA ALA IA 141 0.86 16.25 -6.54
C ALA IA 141 0.95 17.16 -5.32
N LEU IA 142 1.74 18.22 -5.42
CA LEU IA 142 1.90 19.11 -4.28
C LEU IA 142 0.58 19.72 -3.86
N SER IA 143 -0.35 19.90 -4.81
CA SER IA 143 -1.66 20.40 -4.47
C SER IA 143 -2.28 19.58 -3.35
N LEU IA 144 -2.21 18.25 -3.47
CA LEU IA 144 -2.75 17.37 -2.44
C LEU IA 144 -2.30 17.82 -1.06
N TYR IA 145 -1.01 18.13 -0.92
CA TYR IA 145 -0.46 18.63 0.34
C TYR IA 145 -1.35 19.71 0.93
N PHE IA 146 -1.54 20.81 0.20
CA PHE IA 146 -2.29 21.92 0.77
C PHE IA 146 -3.71 21.52 1.14
N VAL IA 147 -4.28 20.54 0.46
CA VAL IA 147 -5.65 20.15 0.78
C VAL IA 147 -5.73 19.61 2.20
N ILE IA 148 -4.67 18.96 2.66
CA ILE IA 148 -4.71 18.34 3.99
C ILE IA 148 -4.45 19.37 5.08
N TYR IA 149 -3.40 20.19 4.92
CA TYR IA 149 -2.94 21.00 6.04
C TYR IA 149 -3.61 22.37 6.12
N LEU IA 150 -4.15 22.90 5.04
CA LEU IA 150 -4.70 24.26 5.10
C LEU IA 150 -6.18 24.33 4.76
N PHE IA 151 -6.60 23.75 3.64
CA PHE IA 151 -7.94 24.05 3.13
C PHE IA 151 -9.02 23.25 3.85
N HIS IA 152 -8.82 21.95 4.01
CA HIS IA 152 -9.74 21.19 4.85
C HIS IA 152 -9.79 21.70 6.29
N PRO IA 153 -8.71 22.19 6.89
CA PRO IA 153 -8.85 22.95 8.14
C PRO IA 153 -9.74 24.16 8.02
N LEU IA 154 -9.84 24.76 6.84
CA LEU IA 154 -10.85 25.78 6.65
C LEU IA 154 -12.17 25.11 6.25
N ALA IA 155 -13.21 25.92 6.09
CA ALA IA 155 -14.57 25.45 5.88
C ALA IA 155 -15.04 24.64 7.09
N LEU IA 156 -14.21 24.59 8.13
CA LEU IA 156 -14.52 23.93 9.37
C LEU IA 156 -13.90 24.74 10.49
N GLY IA 157 -14.64 24.97 11.56
CA GLY IA 157 -14.11 25.72 12.68
C GLY IA 157 -13.07 24.94 13.46
N ASN IA 158 -12.69 23.77 12.96
CA ASN IA 158 -11.81 22.88 13.69
C ASN IA 158 -10.43 23.48 13.92
N TRP IA 159 -9.68 23.69 12.84
CA TRP IA 159 -8.24 23.95 12.92
C TRP IA 159 -7.53 22.85 13.68
N SER IA 160 -8.16 21.69 13.82
CA SER IA 160 -7.60 20.56 14.55
C SER IA 160 -7.70 19.25 13.80
N ALA IA 161 -8.49 19.16 12.74
CA ALA IA 161 -8.62 17.91 12.00
C ALA IA 161 -7.36 17.58 11.20
N ALA IA 162 -6.35 18.43 11.22
CA ALA IA 162 -5.11 18.15 10.53
C ALA IA 162 -4.32 17.08 11.26
N PRO IA 163 -3.39 16.43 10.57
CA PRO IA 163 -2.53 15.45 11.24
C PRO IA 163 -1.57 16.11 12.21
N GLY IA 164 -0.61 15.36 12.75
CA GLY IA 164 0.27 15.92 13.75
C GLY IA 164 1.74 15.95 13.38
N HIS IA 165 2.09 15.22 12.31
CA HIS IA 165 3.43 15.18 11.73
C HIS IA 165 4.49 14.79 12.76
N GLY IA 166 4.05 14.42 13.96
CA GLY IA 166 4.91 13.73 14.89
C GLY IA 166 4.88 12.27 14.54
N PHE IA 167 5.97 11.76 13.97
CA PHE IA 167 5.96 10.48 13.27
C PHE IA 167 5.34 9.39 14.12
N ARG IA 168 4.74 8.40 13.45
CA ARG IA 168 4.00 7.31 14.07
C ARG IA 168 2.68 7.81 14.64
N ALA IA 169 2.15 8.89 14.09
CA ALA IA 169 0.82 9.37 14.43
C ALA IA 169 -0.07 9.57 13.22
N ILE IA 170 0.49 9.99 12.08
CA ILE IA 170 -0.26 10.04 10.83
C ILE IA 170 -0.98 8.73 10.59
N LEU IA 171 -0.24 7.63 10.76
CA LEU IA 171 -0.78 6.29 10.68
C LEU IA 171 -2.04 6.11 11.50
N ASP IA 172 -2.20 6.90 12.57
CA ASP IA 172 -3.42 6.89 13.35
C ASP IA 172 -4.41 7.95 12.90
N TRP IA 173 -3.91 9.07 12.36
CA TRP IA 173 -4.77 10.10 11.82
C TRP IA 173 -5.72 9.54 10.78
N THR IA 174 -5.20 8.69 9.89
CA THR IA 174 -6.05 8.14 8.84
C THR IA 174 -7.25 7.40 9.42
N ASN IA 175 -6.99 6.43 10.30
CA ASN IA 175 -8.07 5.68 10.92
C ASN IA 175 -9.03 6.60 11.65
N TYR IA 176 -8.50 7.63 12.32
CA TYR IA 176 -9.38 8.58 13.00
C TYR IA 176 -10.37 9.21 12.03
N VAL IA 177 -9.86 9.74 10.92
CA VAL IA 177 -10.75 10.39 9.97
C VAL IA 177 -11.78 9.42 9.43
N SER IA 178 -11.33 8.21 9.06
CA SER IA 178 -12.25 7.23 8.52
C SER IA 178 -13.37 6.93 9.50
N ILE IA 179 -13.03 6.69 10.77
CA ILE IA 179 -14.06 6.44 11.76
C ILE IA 179 -14.99 7.63 11.88
N HIS IA 180 -14.44 8.84 11.80
CA HIS IA 180 -15.25 10.04 11.98
C HIS IA 180 -16.31 10.15 10.89
N TRP IA 181 -15.88 10.30 9.64
CA TRP IA 181 -16.87 10.59 8.60
C TRP IA 181 -17.58 9.32 8.15
N GLY IA 182 -16.93 8.17 8.28
CA GLY IA 182 -17.59 6.90 8.12
C GLY IA 182 -17.22 6.10 6.89
N ASN IA 183 -16.31 5.15 7.07
CA ASN IA 183 -16.11 4.02 6.17
C ASN IA 183 -15.92 4.46 4.72
N PHE IA 184 -14.77 5.10 4.47
CA PHE IA 184 -14.49 5.69 3.16
C PHE IA 184 -14.70 4.74 2.00
N TYR IA 185 -14.77 3.44 2.25
CA TYR IA 185 -14.91 2.48 1.15
C TYR IA 185 -16.05 2.82 0.21
N TYR IA 186 -16.96 3.70 0.62
CA TYR IA 186 -18.06 4.09 -0.24
C TYR IA 186 -17.94 5.53 -0.74
N ASN IA 187 -16.88 6.23 -0.39
CA ASN IA 187 -16.65 7.53 -0.98
C ASN IA 187 -15.99 7.36 -2.35
N PRO IA 188 -16.75 7.53 -3.44
CA PRO IA 188 -16.32 6.99 -4.74
C PRO IA 188 -14.95 7.43 -5.20
N PHE IA 189 -14.58 8.69 -4.96
CA PHE IA 189 -13.29 9.17 -5.41
C PHE IA 189 -12.15 8.34 -4.82
N HIS IA 190 -12.36 7.81 -3.61
CA HIS IA 190 -11.39 6.89 -3.04
C HIS IA 190 -11.21 5.68 -3.94
N MET IA 191 -12.31 5.16 -4.47
CA MET IA 191 -12.22 4.02 -5.38
C MET IA 191 -11.49 4.41 -6.66
N LEU IA 192 -11.78 5.60 -7.19
CA LEU IA 192 -11.07 6.06 -8.38
C LEU IA 192 -9.57 6.10 -8.13
N SER IA 193 -9.16 6.67 -7.01
CA SER IA 193 -7.73 6.80 -6.73
C SER IA 193 -7.09 5.43 -6.58
N ILE IA 194 -7.76 4.50 -5.91
CA ILE IA 194 -7.26 3.13 -5.82
C ILE IA 194 -7.01 2.58 -7.22
N PHE IA 195 -8.02 2.69 -8.08
CA PHE IA 195 -7.90 2.26 -9.46
C PHE IA 195 -6.64 2.81 -10.12
N PHE IA 196 -6.43 4.12 -10.02
CA PHE IA 196 -5.35 4.73 -10.75
C PHE IA 196 -3.98 4.36 -10.17
N LEU IA 197 -3.85 4.24 -8.85
CA LEU IA 197 -2.58 3.78 -8.30
C LEU IA 197 -2.24 2.39 -8.80
N LEU IA 198 -3.19 1.47 -8.70
CA LEU IA 198 -2.90 0.10 -9.10
C LEU IA 198 -2.55 0.04 -10.58
N GLY IA 199 -3.22 0.84 -11.40
CA GLY IA 199 -2.86 0.92 -12.81
C GLY IA 199 -1.46 1.46 -13.03
N SER IA 200 -1.09 2.49 -12.28
CA SER IA 200 0.27 3.02 -12.36
C SER IA 200 1.29 1.93 -12.11
N THR IA 201 1.13 1.20 -11.01
CA THR IA 201 2.09 0.15 -10.68
C THR IA 201 2.12 -0.93 -11.74
N LEU IA 202 0.95 -1.31 -12.27
CA LEU IA 202 0.90 -2.20 -13.41
C LEU IA 202 1.81 -1.73 -14.53
N LEU IA 203 1.55 -0.52 -15.02
CA LEU IA 203 2.31 -0.01 -16.16
C LEU IA 203 3.81 0.00 -15.86
N LEU IA 204 4.17 0.34 -14.62
CA LEU IA 204 5.57 0.38 -14.24
C LEU IA 204 6.20 -0.99 -14.38
N ALA IA 205 5.58 -2.01 -13.78
CA ALA IA 205 6.14 -3.36 -13.87
C ALA IA 205 6.23 -3.82 -15.31
N MET IA 206 5.20 -3.50 -16.12
CA MET IA 206 5.23 -3.88 -17.53
C MET IA 206 6.47 -3.34 -18.21
N HIS IA 207 6.61 -2.01 -18.22
CA HIS IA 207 7.71 -1.35 -18.91
C HIS IA 207 9.04 -1.91 -18.44
N GLY IA 208 9.19 -2.06 -17.12
CA GLY IA 208 10.44 -2.56 -16.58
C GLY IA 208 10.78 -3.94 -17.10
N ALA IA 209 9.84 -4.88 -16.96
CA ALA IA 209 10.12 -6.25 -17.38
C ALA IA 209 10.44 -6.32 -18.86
N THR IA 210 9.72 -5.54 -19.68
CA THR IA 210 9.97 -5.64 -21.12
C THR IA 210 11.35 -5.13 -21.48
N ILE IA 211 11.76 -4.01 -20.89
CA ILE IA 211 13.11 -3.54 -21.24
C ILE IA 211 14.18 -4.47 -20.67
N VAL IA 212 13.94 -5.05 -19.49
CA VAL IA 212 14.91 -6.01 -18.98
C VAL IA 212 15.05 -7.18 -19.95
N ALA IA 213 13.93 -7.63 -20.52
CA ALA IA 213 13.98 -8.72 -21.48
C ALA IA 213 14.78 -8.31 -22.72
N THR IA 214 14.51 -7.12 -23.24
CA THR IA 214 15.20 -6.68 -24.46
C THR IA 214 16.66 -6.31 -24.22
N SER IA 215 17.10 -6.21 -22.97
CA SER IA 215 18.47 -5.79 -22.66
C SER IA 215 19.55 -6.62 -23.35
N LYS IA 216 19.24 -7.83 -23.83
CA LYS IA 216 20.25 -8.62 -24.52
C LYS IA 216 20.75 -7.91 -25.77
N TRP IA 217 19.89 -7.10 -26.38
CA TRP IA 217 20.29 -6.21 -27.45
C TRP IA 217 20.48 -4.81 -26.87
N LYS IA 218 20.89 -3.86 -27.71
CA LYS IA 218 21.30 -2.55 -27.24
C LYS IA 218 20.14 -1.56 -27.17
N SER IA 219 18.91 -2.04 -27.01
CA SER IA 219 17.75 -1.17 -26.92
C SER IA 219 17.59 -0.53 -25.54
N GLU IA 220 18.54 -0.74 -24.63
CA GLU IA 220 18.35 -0.26 -23.26
C GLU IA 220 18.17 1.24 -23.20
N MET IA 221 18.79 1.98 -24.12
CA MET IA 221 18.67 3.44 -24.13
C MET IA 221 17.32 3.80 -24.73
N GLU IA 222 16.37 4.22 -23.88
CA GLU IA 222 15.10 4.71 -24.39
C GLU IA 222 15.29 5.93 -25.29
N PHE IA 223 16.45 6.57 -25.22
CA PHE IA 223 16.76 7.67 -26.11
C PHE IA 223 17.35 7.14 -27.41
N THR IA 224 17.22 7.94 -28.47
CA THR IA 224 17.62 7.62 -29.84
C THR IA 224 16.67 6.58 -30.44
N GLU IA 225 15.76 6.04 -29.64
CA GLU IA 225 14.73 5.19 -30.20
C GLU IA 225 13.77 5.99 -31.06
N MET IA 226 13.62 7.28 -30.74
CA MET IA 226 12.83 8.16 -31.59
C MET IA 226 13.46 8.30 -32.97
N MET IA 227 14.79 8.24 -33.04
CA MET IA 227 15.46 8.35 -34.33
C MET IA 227 15.15 7.15 -35.21
N ALA IA 228 15.05 5.97 -34.61
CA ALA IA 228 14.82 4.74 -35.36
C ALA IA 228 14.50 3.62 -34.39
N GLU IA 229 13.73 2.65 -34.86
CA GLU IA 229 13.41 1.44 -34.09
C GLU IA 229 14.18 0.28 -34.71
N GLY IA 230 15.24 -0.15 -34.04
CA GLY IA 230 16.07 -1.21 -34.55
C GLY IA 230 15.52 -2.57 -34.22
N PRO IA 231 16.41 -3.55 -34.03
CA PRO IA 231 15.95 -4.89 -33.65
C PRO IA 231 15.32 -4.94 -32.28
N GLY IA 232 15.73 -4.07 -31.37
CA GLY IA 232 15.25 -4.13 -30.00
C GLY IA 232 13.76 -3.99 -29.86
N THR IA 233 13.21 -2.80 -30.17
CA THR IA 233 11.78 -2.60 -30.02
C THR IA 233 10.99 -3.48 -30.98
N GLN IA 234 11.52 -3.71 -32.19
CA GLN IA 234 10.87 -4.62 -33.12
C GLN IA 234 10.61 -5.97 -32.46
N ARG IA 235 11.66 -6.59 -31.91
CA ARG IA 235 11.49 -7.83 -31.18
C ARG IA 235 10.80 -7.63 -29.84
N ALA IA 236 10.57 -6.37 -29.45
CA ALA IA 236 9.85 -6.09 -28.23
C ALA IA 236 8.36 -5.86 -28.47
N GLN IA 237 8.00 -5.06 -29.47
CA GLN IA 237 6.60 -4.78 -29.74
C GLN IA 237 5.81 -6.06 -29.92
N LEU IA 238 6.20 -6.85 -30.92
CA LEU IA 238 5.40 -7.99 -31.34
C LEU IA 238 5.12 -8.96 -30.21
N PHE IA 239 5.87 -8.87 -29.11
CA PHE IA 239 5.53 -9.63 -27.93
C PHE IA 239 4.11 -9.30 -27.47
N TRP IA 240 3.85 -8.04 -27.14
CA TRP IA 240 2.52 -7.68 -26.67
C TRP IA 240 1.50 -7.83 -27.78
N ARG IA 241 1.94 -7.78 -29.02
CA ARG IA 241 1.04 -8.03 -30.14
C ARG IA 241 0.36 -9.38 -29.99
N TRP IA 242 1.13 -10.45 -29.78
CA TRP IA 242 0.53 -11.77 -29.80
C TRP IA 242 -0.08 -12.14 -28.46
N VAL IA 243 -0.22 -11.19 -27.54
CA VAL IA 243 -0.89 -11.53 -26.29
C VAL IA 243 -2.17 -10.72 -26.11
N MET IA 244 -2.12 -9.42 -26.43
CA MET IA 244 -3.31 -8.62 -26.23
C MET IA 244 -3.43 -7.45 -27.21
N GLY IA 245 -4.13 -7.67 -28.31
CA GLY IA 245 -4.70 -6.58 -29.06
C GLY IA 245 -3.75 -5.69 -29.84
N TRP IA 246 -2.93 -4.92 -29.14
CA TRP IA 246 -2.25 -3.79 -29.78
C TRP IA 246 -0.80 -3.64 -29.35
N ASN IA 247 -0.22 -2.47 -29.62
CA ASN IA 247 1.21 -2.24 -29.52
C ASN IA 247 1.46 -0.92 -28.81
N ALA IA 248 2.71 -0.46 -28.88
CA ALA IA 248 3.08 0.81 -28.29
C ALA IA 248 4.35 1.32 -28.95
N ASN IA 249 4.38 2.62 -29.23
CA ASN IA 249 5.54 3.25 -29.84
C ASN IA 249 6.59 3.52 -28.77
N SER IA 250 7.60 4.32 -29.10
CA SER IA 250 8.68 4.57 -28.15
C SER IA 250 8.37 5.71 -27.18
N TYR IA 251 7.86 6.84 -27.67
CA TYR IA 251 7.54 7.98 -26.82
C TYR IA 251 6.03 8.11 -26.60
N ASN IA 252 5.35 6.99 -26.44
CA ASN IA 252 3.93 6.94 -26.16
C ASN IA 252 3.63 6.37 -24.78
N ILE IA 253 4.18 5.18 -24.50
CA ILE IA 253 4.04 4.57 -23.18
C ILE IA 253 4.38 5.55 -22.07
N HIS IA 254 5.39 6.39 -22.27
CA HIS IA 254 5.74 7.33 -21.22
C HIS IA 254 4.65 8.38 -21.02
N ILE IA 255 3.97 8.76 -22.10
CA ILE IA 255 2.79 9.63 -21.96
C ILE IA 255 1.79 8.96 -21.03
N TRP IA 256 1.43 7.73 -21.35
CA TRP IA 256 0.54 6.97 -20.48
C TRP IA 256 0.99 7.03 -19.03
N ALA IA 257 2.28 6.79 -18.82
CA ALA IA 257 2.80 6.74 -17.45
C ALA IA 257 2.59 8.05 -16.72
N TRP IA 258 2.99 9.16 -17.36
CA TRP IA 258 2.90 10.44 -16.68
C TRP IA 258 1.45 10.78 -16.33
N TRP IA 259 0.53 10.47 -17.22
CA TRP IA 259 -0.86 10.82 -16.92
C TRP IA 259 -1.45 9.95 -15.82
N PHE IA 260 -1.28 8.62 -15.94
CA PHE IA 260 -1.71 7.75 -14.85
C PHE IA 260 -1.06 8.09 -13.53
N ALA IA 261 0.07 8.78 -13.55
CA ALA IA 261 0.67 9.19 -12.29
C ALA IA 261 -0.01 10.42 -11.73
N ALA IA 262 -0.04 11.51 -12.49
CA ALA IA 262 -0.53 12.78 -11.94
C ALA IA 262 -2.03 12.72 -11.60
N PHE IA 263 -2.81 12.04 -12.44
CA PHE IA 263 -4.26 12.07 -12.27
C PHE IA 263 -4.66 11.52 -10.93
N THR IA 264 -3.85 10.62 -10.36
CA THR IA 264 -4.15 10.03 -9.06
C THR IA 264 -4.19 11.10 -7.98
N ALA IA 265 -3.10 11.86 -7.84
CA ALA IA 265 -3.08 12.92 -6.85
C ALA IA 265 -4.21 13.91 -7.08
N ILE IA 266 -4.47 14.26 -8.34
CA ILE IA 266 -5.55 15.21 -8.62
C ILE IA 266 -6.86 14.71 -8.04
N THR IA 267 -7.28 13.50 -8.47
CA THR IA 267 -8.57 12.99 -8.04
C THR IA 267 -8.61 12.75 -6.54
N GLY IA 268 -7.48 12.40 -5.93
CA GLY IA 268 -7.46 12.20 -4.49
C GLY IA 268 -7.79 13.48 -3.74
N ALA IA 269 -7.15 14.58 -4.14
CA ALA IA 269 -7.45 15.86 -3.50
C ALA IA 269 -8.91 16.22 -3.70
N ILE IA 270 -9.38 16.14 -4.94
CA ILE IA 270 -10.78 16.47 -5.21
C ILE IA 270 -11.70 15.65 -4.32
N GLY IA 271 -11.39 14.36 -4.15
CA GLY IA 271 -12.27 13.51 -3.38
C GLY IA 271 -12.28 13.85 -1.90
N LEU IA 272 -11.11 14.10 -1.32
CA LEU IA 272 -11.09 14.40 0.10
C LEU IA 272 -11.79 15.72 0.39
N PHE IA 273 -11.64 16.71 -0.50
CA PHE IA 273 -12.13 18.05 -0.16
C PHE IA 273 -13.62 18.08 0.12
N LEU IA 274 -14.38 17.13 -0.43
CA LEU IA 274 -15.84 17.21 -0.32
C LEU IA 274 -16.33 16.64 1.01
N SER IA 275 -15.59 15.70 1.60
CA SER IA 275 -16.12 14.92 2.71
C SER IA 275 -16.51 15.80 3.88
N GLY IA 276 -15.91 16.98 4.00
CA GLY IA 276 -16.06 17.76 5.22
C GLY IA 276 -17.36 18.53 5.30
N THR IA 277 -17.72 19.24 4.24
CA THR IA 277 -18.73 20.27 4.33
C THR IA 277 -19.93 20.04 3.42
N LEU IA 278 -19.82 19.16 2.44
CA LEU IA 278 -20.95 18.97 1.54
C LEU IA 278 -21.55 17.57 1.60
N VAL IA 279 -21.12 16.73 2.52
CA VAL IA 279 -21.72 15.40 2.71
C VAL IA 279 -21.47 14.96 4.14
N PRO IA 280 -22.52 14.79 4.94
CA PRO IA 280 -22.29 14.59 6.39
C PRO IA 280 -21.69 13.26 6.74
N ASP IA 281 -22.09 12.18 6.07
CA ASP IA 281 -21.60 10.85 6.42
C ASP IA 281 -21.83 9.91 5.24
N TRP IA 282 -20.76 9.38 4.68
CA TRP IA 282 -20.92 8.42 3.62
C TRP IA 282 -21.59 7.15 4.17
N TYR IA 283 -22.09 6.32 3.25
CA TYR IA 283 -22.95 5.18 3.52
C TYR IA 283 -24.35 5.64 3.92
N ALA IA 284 -24.51 6.95 4.15
CA ALA IA 284 -25.83 7.54 4.03
C ALA IA 284 -26.10 7.90 2.59
N TRP IA 285 -25.06 8.35 1.89
CA TRP IA 285 -25.04 8.27 0.44
C TRP IA 285 -25.39 6.87 -0.03
N GLY IA 286 -25.11 5.87 0.80
CA GLY IA 286 -25.48 4.50 0.50
C GLY IA 286 -26.97 4.26 0.42
N GLU IA 287 -27.78 5.26 0.75
CA GLU IA 287 -29.18 5.19 0.41
C GLU IA 287 -29.40 5.15 -1.09
N THR IA 288 -28.34 5.35 -1.87
CA THR IA 288 -28.33 5.07 -3.30
C THR IA 288 -28.85 3.67 -3.54
N ALA IA 289 -29.58 3.47 -4.64
CA ALA IA 289 -30.24 2.21 -4.91
C ALA IA 289 -29.26 1.04 -4.93
N LYS IA 290 -28.10 1.22 -5.54
CA LYS IA 290 -27.24 0.09 -5.85
C LYS IA 290 -25.78 0.34 -5.44
N ILE IA 291 -25.58 0.87 -4.24
CA ILE IA 291 -24.22 1.02 -3.74
C ILE IA 291 -24.14 0.55 -2.29
N VAL IA 292 -25.04 -0.35 -1.89
CA VAL IA 292 -25.14 -0.64 -0.46
C VAL IA 292 -25.03 -2.14 -0.16
N ALA IA 293 -25.33 -3.00 -1.15
CA ALA IA 293 -25.20 -4.44 -0.94
C ALA IA 293 -26.05 -4.91 0.23
N PRO IA 294 -27.39 -5.03 0.06
CA PRO IA 294 -28.32 -5.14 1.18
C PRO IA 294 -27.91 -6.04 2.35
N TRP IA 295 -27.61 -7.33 2.09
CA TRP IA 295 -27.12 -8.24 3.12
C TRP IA 295 -28.09 -8.39 4.29
N PRO IA 296 -29.28 -8.95 4.08
CA PRO IA 296 -30.18 -9.21 5.22
C PRO IA 296 -29.67 -10.29 6.16
N ASN IA 297 -29.31 -11.45 5.60
CA ASN IA 297 -28.92 -12.63 6.37
C ASN IA 297 -27.64 -12.38 7.15
N PRO IA 298 -27.72 -12.29 8.48
CA PRO IA 298 -26.56 -11.90 9.30
C PRO IA 298 -25.63 -13.04 9.69
N ASP IA 299 -25.67 -14.18 9.01
CA ASP IA 299 -25.06 -15.40 9.55
C ASP IA 299 -23.54 -15.30 9.50
N TRP IA 300 -22.94 -14.82 10.58
CA TRP IA 300 -21.51 -14.98 10.78
C TRP IA 300 -21.27 -15.60 12.15
N ALA IA 301 -20.57 -16.71 12.17
CA ALA IA 301 -19.87 -17.20 13.34
C ALA IA 301 -18.38 -17.30 13.08
N GLN IA 302 -17.93 -16.74 11.96
CA GLN IA 302 -16.52 -16.82 11.59
C GLN IA 302 -15.69 -15.77 12.30
N TYR IA 303 -16.31 -15.01 13.21
CA TYR IA 303 -15.62 -13.95 13.92
C TYR IA 303 -15.76 -14.21 15.41
N VAL IA 304 -14.99 -15.17 15.91
CA VAL IA 304 -15.04 -15.61 17.30
C VAL IA 304 -13.70 -16.21 17.66
N PHE IA 305 -13.54 -16.54 18.92
CA PHE IA 305 -12.36 -17.28 19.35
C PHE IA 305 -12.72 -18.32 20.41
#